data_6HXO
#
_entry.id   6HXO
#
_cell.length_a   99.261
_cell.length_b   106.416
_cell.length_c   105.051
_cell.angle_alpha   90.00
_cell.angle_beta   102.11
_cell.angle_gamma   90.00
#
_symmetry.space_group_name_H-M   'P 1 21 1'
#
loop_
_entity.id
_entity.type
_entity.pdbx_description
1 polymer 'ATP-citrate lyase alpha-subunit'
2 non-polymer 'CITRATE ANION'
3 non-polymer '2-(N-MORPHOLINO)-ETHANESULFONIC ACID'
4 water water
#
_entity_poly.entity_id   1
_entity_poly.type   'polypeptide(L)'
_entity_poly.pdbx_seq_one_letter_code
;MGSSHHHHHHSSGLVPRGSHMVEPLIRTTISDDRGEEPRYAGYAASELCSKGYGIEDVIGLLWNKKLPTREESEIIKRIV
MISADHGPAVSGAFGSILAACAGIDMPQAVSAGMTMIGPRFGGAVTNAGKYFKMAVEDYPNDIPGFLSWMKKNVGPVPGI
GHRVKSVKNPDQRVKYLVSYIKNETSLHTPCLDYALEVEKVTTAKKGNLILNVDGTIGCILMDLDFPVHSLNGFFVLART
IGMIGHWIDQNNQNSRLIRLYDYLINYAVKPEQEVPEKK
;
_entity_poly.pdbx_strand_id   A,B,C,D,E,F,G,H
#
# COMPACT_ATOMS: atom_id res chain seq x y z
N SER A 19 -30.76 20.78 -26.12
CA SER A 19 -30.55 19.68 -25.15
C SER A 19 -29.40 18.76 -25.59
N HIS A 20 -28.60 18.35 -24.61
CA HIS A 20 -27.39 17.56 -24.92
C HIS A 20 -27.21 16.43 -23.92
N MET A 21 -26.47 15.42 -24.34
CA MET A 21 -26.12 14.33 -23.41
C MET A 21 -24.94 14.83 -22.57
N VAL A 22 -25.32 15.48 -21.49
CA VAL A 22 -24.38 16.12 -20.55
C VAL A 22 -23.78 15.05 -19.67
N GLU A 23 -22.53 15.24 -19.36
CA GLU A 23 -21.87 14.42 -18.34
C GLU A 23 -20.97 15.36 -17.55
N PRO A 24 -20.52 14.92 -16.37
CA PRO A 24 -19.64 15.79 -15.60
C PRO A 24 -18.32 16.02 -16.34
N LEU A 25 -17.84 17.24 -16.22
CA LEU A 25 -16.51 17.60 -16.78
C LEU A 25 -15.45 17.19 -15.77
N ILE A 26 -15.80 17.20 -14.49
CA ILE A 26 -14.84 16.91 -13.41
C ILE A 26 -15.52 16.03 -12.37
N ARG A 27 -14.75 15.12 -11.76
CA ARG A 27 -15.22 14.33 -10.63
C ARG A 27 -14.34 14.76 -9.45
N THR A 28 -14.99 15.14 -8.34
CA THR A 28 -14.25 15.61 -7.15
C THR A 28 -14.66 14.79 -5.95
N THR A 29 -13.72 14.56 -5.02
CA THR A 29 -14.04 13.75 -3.84
C THR A 29 -13.74 14.48 -2.54
N ILE A 30 -13.05 15.64 -2.58
CA ILE A 30 -12.55 16.26 -1.34
C ILE A 30 -13.41 17.32 -0.69
N SER A 31 -14.19 18.05 -1.45
CA SER A 31 -14.97 19.15 -0.85
C SER A 31 -16.28 19.36 -1.55
N ASP A 32 -17.24 19.87 -0.80
CA ASP A 32 -18.57 20.12 -1.31
C ASP A 32 -18.94 21.55 -0.89
N ASP A 33 -19.08 22.42 -1.87
CA ASP A 33 -19.44 23.83 -1.68
C ASP A 33 -20.92 24.09 -1.90
N ARG A 34 -21.72 23.04 -2.19
CA ARG A 34 -23.13 23.25 -2.56
C ARG A 34 -23.99 23.83 -1.44
N GLY A 35 -23.67 23.49 -0.18
CA GLY A 35 -24.43 23.91 0.99
C GLY A 35 -24.18 25.34 1.43
N GLU A 36 -24.51 25.65 2.69
CA GLU A 36 -24.36 26.99 3.26
C GLU A 36 -22.90 27.39 3.39
N GLU A 37 -22.03 26.40 3.56
CA GLU A 37 -20.58 26.60 3.62
C GLU A 37 -19.90 25.33 3.12
N PRO A 38 -18.61 25.38 2.77
CA PRO A 38 -17.98 24.16 2.28
C PRO A 38 -17.82 23.10 3.35
N ARG A 39 -17.89 21.84 2.89
CA ARG A 39 -17.63 20.66 3.67
C ARG A 39 -16.30 20.11 3.18
N TYR A 40 -15.32 19.97 4.09
CA TYR A 40 -13.99 19.44 3.74
C TYR A 40 -13.99 17.99 4.21
N ALA A 41 -13.96 17.02 3.27
CA ALA A 41 -14.03 15.59 3.59
C ALA A 41 -15.20 15.29 4.58
N GLY A 42 -16.32 15.95 4.34
CA GLY A 42 -17.56 15.80 5.10
C GLY A 42 -17.76 16.73 6.28
N TYR A 43 -16.71 17.49 6.69
CA TYR A 43 -16.81 18.36 7.87
C TYR A 43 -17.04 19.82 7.52
N ALA A 44 -17.98 20.49 8.22
CA ALA A 44 -18.29 21.91 7.97
C ALA A 44 -17.13 22.80 8.41
N ALA A 45 -16.69 23.67 7.50
CA ALA A 45 -15.53 24.53 7.78
C ALA A 45 -15.67 25.36 9.09
N SER A 46 -16.83 25.99 9.31
CA SER A 46 -17.04 26.81 10.52
C SER A 46 -17.07 25.99 11.80
N GLU A 47 -17.49 24.71 11.69
CA GLU A 47 -17.56 23.80 12.85
C GLU A 47 -16.16 23.40 13.25
N LEU A 48 -15.25 23.24 12.26
CA LEU A 48 -13.84 22.96 12.56
C LEU A 48 -13.26 24.16 13.32
N CYS A 49 -13.59 25.40 12.89
CA CYS A 49 -13.13 26.62 13.57
C CYS A 49 -13.69 26.67 14.99
N SER A 50 -15.01 26.47 15.12
CA SER A 50 -15.74 26.54 16.41
C SER A 50 -15.21 25.55 17.45
N LYS A 51 -14.82 24.34 17.00
CA LYS A 51 -14.38 23.29 17.91
C LYS A 51 -12.87 23.27 18.18
N GLY A 52 -12.16 24.34 17.75
CA GLY A 52 -10.76 24.55 18.07
C GLY A 52 -9.74 23.85 17.19
N TYR A 53 -10.16 23.38 15.99
CA TYR A 53 -9.24 22.76 15.06
C TYR A 53 -8.43 23.86 14.36
N GLY A 54 -7.39 23.49 13.64
CA GLY A 54 -6.53 24.48 13.01
C GLY A 54 -6.31 24.31 11.53
N ILE A 55 -5.37 25.11 11.00
CA ILE A 55 -5.02 25.04 9.58
C ILE A 55 -4.50 23.65 9.26
N GLU A 56 -3.67 23.08 10.15
CA GLU A 56 -3.12 21.73 9.94
C GLU A 56 -4.21 20.65 9.79
N ASP A 57 -5.36 20.82 10.47
CA ASP A 57 -6.47 19.88 10.38
C ASP A 57 -7.16 20.00 9.02
N VAL A 58 -7.31 21.24 8.51
CA VAL A 58 -7.88 21.49 7.19
C VAL A 58 -6.96 20.91 6.09
N ILE A 59 -5.63 21.03 6.28
CA ILE A 59 -4.65 20.40 5.37
C ILE A 59 -4.89 18.87 5.32
N GLY A 60 -4.97 18.21 6.50
CA GLY A 60 -5.20 16.78 6.58
C GLY A 60 -6.48 16.38 5.87
N LEU A 61 -7.55 17.15 6.09
CA LEU A 61 -8.84 16.85 5.47
C LEU A 61 -8.81 16.99 3.96
N LEU A 62 -8.26 18.10 3.44
CA LEU A 62 -8.29 18.33 2.01
C LEU A 62 -7.28 17.50 1.23
N TRP A 63 -6.19 17.05 1.88
CA TRP A 63 -5.17 16.29 1.16
C TRP A 63 -5.19 14.80 1.44
N ASN A 64 -5.77 14.40 2.58
CA ASN A 64 -5.80 13.00 3.03
C ASN A 64 -7.23 12.49 3.26
N LYS A 65 -8.25 13.41 3.22
CA LYS A 65 -9.67 13.07 3.43
C LYS A 65 -9.91 12.42 4.80
N LYS A 66 -9.09 12.82 5.76
CA LYS A 66 -9.17 12.24 7.12
C LYS A 66 -8.79 13.31 8.14
N LEU A 67 -9.54 13.40 9.24
CA LEU A 67 -9.23 14.37 10.30
C LEU A 67 -7.99 13.84 11.00
N PRO A 68 -6.87 14.60 11.01
CA PRO A 68 -5.66 14.08 11.66
C PRO A 68 -5.89 13.79 13.13
N THR A 69 -5.10 12.85 13.67
CA THR A 69 -5.09 12.61 15.11
C THR A 69 -4.31 13.81 15.70
N ARG A 70 -4.35 13.99 17.01
CA ARG A 70 -3.60 15.07 17.67
C ARG A 70 -2.10 14.98 17.32
N GLU A 71 -1.51 13.76 17.36
CA GLU A 71 -0.10 13.54 17.01
C GLU A 71 0.21 13.94 15.56
N GLU A 72 -0.65 13.51 14.61
CA GLU A 72 -0.46 13.84 13.19
C GLU A 72 -0.54 15.37 12.98
N SER A 73 -1.54 16.00 13.63
CA SER A 73 -1.78 17.44 13.59
C SER A 73 -0.55 18.24 14.05
N GLU A 74 0.08 17.79 15.16
CA GLU A 74 1.28 18.44 15.71
C GLU A 74 2.47 18.33 14.74
N ILE A 75 2.59 17.19 14.02
CA ILE A 75 3.67 16.98 13.06
C ILE A 75 3.42 17.88 11.83
N ILE A 76 2.19 17.87 11.30
CA ILE A 76 1.85 18.69 10.11
C ILE A 76 2.17 20.16 10.40
N LYS A 77 1.71 20.65 11.57
CA LYS A 77 1.94 22.05 11.98
C LYS A 77 3.44 22.37 11.94
N ARG A 78 4.29 21.50 12.52
CA ARG A 78 5.73 21.74 12.55
C ARG A 78 6.37 21.68 11.18
N ILE A 79 5.96 20.74 10.33
CA ILE A 79 6.54 20.67 8.98
C ILE A 79 6.30 22.02 8.25
N VAL A 80 5.07 22.54 8.33
CA VAL A 80 4.74 23.79 7.65
C VAL A 80 5.53 24.97 8.25
N MET A 81 5.53 25.08 9.61
CA MET A 81 6.24 26.17 10.26
C MET A 81 7.74 26.17 9.93
N ILE A 82 8.38 24.97 9.97
CA ILE A 82 9.80 24.84 9.74
C ILE A 82 10.20 25.13 8.28
N SER A 83 9.29 24.90 7.34
CA SER A 83 9.59 25.04 5.91
C SER A 83 9.08 26.38 5.33
N ALA A 84 8.44 27.21 6.14
CA ALA A 84 7.77 28.43 5.62
C ALA A 84 8.66 29.37 4.79
N ASP A 85 9.91 29.56 5.22
CA ASP A 85 10.80 30.42 4.46
C ASP A 85 12.24 30.08 4.75
N HIS A 86 13.10 30.30 3.71
CA HIS A 86 14.52 30.04 3.89
C HIS A 86 15.32 31.11 3.18
N GLY A 87 14.86 32.36 3.33
CA GLY A 87 15.58 33.51 2.83
C GLY A 87 15.31 33.80 1.37
N PRO A 88 15.84 34.95 0.91
CA PRO A 88 15.54 35.43 -0.46
C PRO A 88 16.41 34.86 -1.56
N ALA A 89 17.47 34.11 -1.20
CA ALA A 89 18.43 33.63 -2.18
C ALA A 89 17.98 32.44 -2.97
N VAL A 90 17.01 31.68 -2.44
CA VAL A 90 16.53 30.43 -3.03
C VAL A 90 15.55 30.72 -4.18
N SER A 91 15.49 29.81 -5.17
CA SER A 91 14.77 30.07 -6.40
C SER A 91 13.34 30.54 -6.25
N GLY A 92 12.56 29.93 -5.35
CA GLY A 92 11.14 30.35 -5.22
C GLY A 92 10.99 31.77 -4.67
N ALA A 93 11.77 32.08 -3.61
CA ALA A 93 11.72 33.42 -3.01
C ALA A 93 12.25 34.44 -4.05
N PHE A 94 13.37 34.11 -4.72
CA PHE A 94 13.96 35.03 -5.68
C PHE A 94 13.00 35.28 -6.86
N GLY A 95 12.31 34.24 -7.34
CA GLY A 95 11.30 34.40 -8.39
C GLY A 95 10.17 35.34 -7.97
N SER A 96 9.66 35.18 -6.73
CA SER A 96 8.61 36.07 -6.22
C SER A 96 9.12 37.51 -6.10
N ILE A 97 10.39 37.68 -5.66
CA ILE A 97 11.01 39.00 -5.53
C ILE A 97 11.18 39.66 -6.92
N LEU A 98 11.65 38.89 -7.90
CA LEU A 98 11.81 39.42 -9.26
C LEU A 98 10.46 39.94 -9.77
N ALA A 99 9.38 39.16 -9.59
CA ALA A 99 8.08 39.60 -10.07
C ALA A 99 7.56 40.80 -9.24
N ALA A 100 7.79 40.79 -7.92
CA ALA A 100 7.39 41.93 -7.08
C ALA A 100 8.08 43.20 -7.58
N CYS A 101 9.40 43.11 -7.85
CA CYS A 101 10.16 44.27 -8.33
C CYS A 101 9.75 44.71 -9.75
N ALA A 102 9.15 43.78 -10.51
CA ALA A 102 8.63 44.07 -11.84
C ALA A 102 7.21 44.67 -11.77
N GLY A 103 6.71 44.87 -10.53
CA GLY A 103 5.41 45.50 -10.31
C GLY A 103 4.22 44.59 -10.50
N ILE A 104 4.47 43.26 -10.54
CA ILE A 104 3.42 42.27 -10.74
C ILE A 104 2.62 42.08 -9.45
N ASP A 105 1.28 41.89 -9.57
CA ASP A 105 0.40 41.67 -8.43
C ASP A 105 0.78 40.40 -7.67
N MET A 106 0.45 40.38 -6.37
CA MET A 106 0.85 39.30 -5.49
C MET A 106 0.56 37.88 -6.01
N PRO A 107 -0.69 37.51 -6.40
CA PRO A 107 -0.93 36.09 -6.73
C PRO A 107 -0.10 35.64 -7.92
N GLN A 108 0.01 36.53 -8.92
CA GLN A 108 0.78 36.17 -10.12
C GLN A 108 2.28 36.11 -9.81
N ALA A 109 2.77 37.03 -8.96
CA ALA A 109 4.19 37.02 -8.58
C ALA A 109 4.53 35.74 -7.81
N VAL A 110 3.68 35.38 -6.85
CA VAL A 110 3.93 34.16 -6.04
C VAL A 110 3.83 32.93 -6.97
N SER A 111 2.93 32.97 -7.98
CA SER A 111 2.83 31.83 -8.91
C SER A 111 4.17 31.64 -9.67
N ALA A 112 4.90 32.75 -9.99
CA ALA A 112 6.21 32.64 -10.68
C ALA A 112 7.22 31.98 -9.75
N GLY A 113 7.18 32.34 -8.46
CA GLY A 113 8.09 31.71 -7.51
C GLY A 113 7.75 30.23 -7.31
N MET A 114 6.44 29.93 -7.24
CA MET A 114 5.98 28.55 -7.04
C MET A 114 6.41 27.64 -8.21
N THR A 115 6.44 28.21 -9.44
CA THR A 115 6.89 27.47 -10.63
C THR A 115 8.35 26.94 -10.45
N MET A 116 9.14 27.58 -9.58
CA MET A 116 10.52 27.15 -9.39
C MET A 116 10.63 25.86 -8.54
N ILE A 117 9.54 25.49 -7.82
CA ILE A 117 9.57 24.33 -6.92
C ILE A 117 9.53 23.08 -7.79
N GLY A 118 10.55 22.25 -7.65
CA GLY A 118 10.66 21.08 -8.52
C GLY A 118 11.77 20.18 -8.06
N PRO A 119 12.38 19.44 -8.99
CA PRO A 119 13.39 18.45 -8.58
C PRO A 119 14.63 18.99 -7.89
N ARG A 120 15.01 20.24 -8.21
CA ARG A 120 16.23 20.84 -7.64
C ARG A 120 15.97 21.77 -6.45
N PHE A 121 14.75 22.26 -6.28
CA PHE A 121 14.44 23.17 -5.18
C PHE A 121 13.07 22.84 -4.63
N GLY A 122 13.05 22.32 -3.40
CA GLY A 122 11.82 22.09 -2.64
C GLY A 122 10.82 21.03 -3.05
N GLY A 123 10.80 20.65 -4.34
CA GLY A 123 9.84 19.67 -4.84
C GLY A 123 10.37 18.26 -5.02
N ALA A 124 11.33 17.86 -4.18
CA ALA A 124 11.89 16.52 -4.17
C ALA A 124 11.25 15.71 -3.04
N VAL A 125 10.24 16.30 -2.32
CA VAL A 125 9.58 15.61 -1.20
C VAL A 125 8.94 14.28 -1.69
N THR A 126 8.09 14.36 -2.74
CA THR A 126 7.37 13.19 -3.26
C THR A 126 8.33 12.07 -3.66
N ASN A 127 9.33 12.42 -4.47
CA ASN A 127 10.28 11.43 -4.95
C ASN A 127 11.15 10.89 -3.82
N ALA A 128 11.53 11.73 -2.83
CA ALA A 128 12.35 11.22 -1.72
C ALA A 128 11.56 10.17 -0.92
N GLY A 129 10.29 10.48 -0.62
CA GLY A 129 9.42 9.54 0.06
C GLY A 129 9.26 8.24 -0.72
N LYS A 130 9.04 8.34 -2.05
CA LYS A 130 8.88 7.18 -2.92
C LYS A 130 10.12 6.28 -2.91
N TYR A 131 11.31 6.86 -3.11
CA TYR A 131 12.52 6.06 -3.21
C TYR A 131 13.01 5.54 -1.85
N PHE A 132 12.85 6.30 -0.75
CA PHE A 132 13.23 5.76 0.57
C PHE A 132 12.28 4.63 1.00
N LYS A 133 10.99 4.73 0.62
CA LYS A 133 10.02 3.67 0.90
C LYS A 133 10.42 2.41 0.12
N MET A 134 10.80 2.58 -1.17
CA MET A 134 11.26 1.49 -2.02
C MET A 134 12.52 0.85 -1.41
N ALA A 135 13.44 1.68 -0.90
CA ALA A 135 14.69 1.22 -0.29
C ALA A 135 14.43 0.33 0.93
N VAL A 136 13.46 0.72 1.79
CA VAL A 136 13.09 -0.05 2.98
C VAL A 136 12.61 -1.45 2.56
N GLU A 137 11.78 -1.50 1.49
CA GLU A 137 11.20 -2.73 0.98
C GLU A 137 12.16 -3.62 0.21
N ASP A 138 12.94 -3.04 -0.72
CA ASP A 138 13.82 -3.77 -1.66
C ASP A 138 15.30 -3.83 -1.30
N TYR A 139 15.81 -2.89 -0.48
CA TYR A 139 17.22 -2.88 -0.07
C TYR A 139 17.32 -2.70 1.46
N PRO A 140 16.53 -3.43 2.31
CA PRO A 140 16.57 -3.19 3.76
C PRO A 140 17.94 -3.22 4.42
N ASN A 141 18.82 -4.14 3.99
CA ASN A 141 20.17 -4.24 4.57
C ASN A 141 21.22 -4.06 3.47
N ASP A 142 20.90 -3.19 2.49
CA ASP A 142 21.81 -2.96 1.37
C ASP A 142 21.76 -1.52 0.86
N ILE A 143 22.27 -0.57 1.67
CA ILE A 143 22.36 0.85 1.30
C ILE A 143 23.24 0.99 0.01
N PRO A 144 24.43 0.34 -0.12
CA PRO A 144 25.19 0.47 -1.38
C PRO A 144 24.39 0.04 -2.63
N GLY A 145 23.62 -1.05 -2.51
CA GLY A 145 22.78 -1.53 -3.60
C GLY A 145 21.72 -0.51 -4.01
N PHE A 146 21.10 0.13 -3.00
CA PHE A 146 20.11 1.17 -3.22
C PHE A 146 20.75 2.36 -3.93
N LEU A 147 21.92 2.83 -3.43
CA LEU A 147 22.64 3.97 -4.01
C LEU A 147 23.07 3.69 -5.45
N SER A 148 23.50 2.45 -5.73
CA SER A 148 23.89 2.03 -7.08
C SER A 148 22.69 2.04 -8.01
N TRP A 149 21.53 1.50 -7.56
CA TRP A 149 20.29 1.46 -8.35
C TRP A 149 19.86 2.88 -8.70
N MET A 150 19.89 3.80 -7.71
CA MET A 150 19.53 5.20 -7.89
C MET A 150 20.44 5.89 -8.93
N LYS A 151 21.76 5.69 -8.81
CA LYS A 151 22.75 6.28 -9.72
C LYS A 151 22.47 5.86 -11.17
N LYS A 152 22.15 4.58 -11.38
CA LYS A 152 21.86 3.99 -12.69
C LYS A 152 20.48 4.39 -13.27
N ASN A 153 19.42 4.40 -12.43
CA ASN A 153 18.03 4.60 -12.86
C ASN A 153 17.40 5.97 -12.67
N VAL A 154 17.92 6.78 -11.74
CA VAL A 154 17.31 8.07 -11.40
C VAL A 154 18.28 9.25 -11.56
N GLY A 155 19.48 9.08 -11.02
CA GLY A 155 20.51 10.11 -11.00
C GLY A 155 20.74 10.51 -9.55
N PRO A 156 20.81 11.83 -9.22
CA PRO A 156 21.01 12.19 -7.79
C PRO A 156 19.85 11.71 -6.92
N VAL A 157 20.15 11.29 -5.68
CA VAL A 157 19.14 10.77 -4.76
C VAL A 157 18.24 11.92 -4.27
N PRO A 158 16.91 11.90 -4.56
CA PRO A 158 16.05 12.97 -4.04
C PRO A 158 16.06 12.93 -2.50
N GLY A 159 16.20 14.09 -1.91
CA GLY A 159 16.25 14.20 -0.46
C GLY A 159 17.65 14.21 0.11
N ILE A 160 18.67 14.06 -0.76
CA ILE A 160 20.08 14.07 -0.37
C ILE A 160 20.78 15.25 -1.05
N GLY A 161 21.54 16.03 -0.27
CA GLY A 161 22.32 17.14 -0.81
C GLY A 161 21.76 18.53 -0.54
N HIS A 162 22.65 19.51 -0.41
CA HIS A 162 22.30 20.91 -0.17
C HIS A 162 23.42 21.82 -0.65
N ARG A 163 23.07 23.04 -1.11
CA ARG A 163 24.04 24.00 -1.60
C ARG A 163 24.84 24.64 -0.47
N VAL A 164 24.20 24.87 0.70
CA VAL A 164 24.91 25.53 1.82
C VAL A 164 25.00 24.67 3.07
N LYS A 165 23.98 23.86 3.37
CA LYS A 165 23.98 23.00 4.55
C LYS A 165 24.90 21.80 4.32
N SER A 166 25.56 21.32 5.39
CA SER A 166 26.54 20.25 5.30
C SER A 166 26.76 19.64 6.70
N VAL A 167 27.70 18.68 6.81
CA VAL A 167 28.08 18.10 8.11
C VAL A 167 28.64 19.24 8.99
N LYS A 168 29.46 20.14 8.40
CA LYS A 168 30.08 21.28 9.10
C LYS A 168 29.09 22.40 9.39
N ASN A 169 28.06 22.55 8.53
CA ASN A 169 27.02 23.58 8.68
C ASN A 169 25.64 22.86 8.71
N PRO A 170 25.30 22.17 9.84
CA PRO A 170 24.05 21.38 9.86
C PRO A 170 22.77 22.16 9.71
N ASP A 171 21.75 21.47 9.22
CA ASP A 171 20.44 22.06 9.05
C ASP A 171 19.65 21.77 10.32
N GLN A 172 19.54 22.77 11.22
CA GLN A 172 18.76 22.63 12.46
C GLN A 172 17.27 22.36 12.17
N ARG A 173 16.76 22.68 10.96
CA ARG A 173 15.36 22.35 10.64
C ARG A 173 15.21 20.81 10.61
N VAL A 174 16.18 20.13 9.97
CA VAL A 174 16.23 18.66 9.88
C VAL A 174 16.43 18.08 11.29
N LYS A 175 17.43 18.60 12.02
CA LYS A 175 17.72 18.11 13.38
C LYS A 175 16.51 18.24 14.30
N TYR A 176 15.76 19.37 14.20
CA TYR A 176 14.58 19.58 15.02
C TYR A 176 13.46 18.61 14.67
N LEU A 177 13.13 18.49 13.38
CA LEU A 177 12.06 17.57 12.98
C LEU A 177 12.34 16.13 13.42
N VAL A 178 13.58 15.66 13.20
CA VAL A 178 13.99 14.29 13.59
C VAL A 178 13.85 14.13 15.12
N SER A 179 14.38 15.10 15.89
CA SER A 179 14.30 15.07 17.36
C SER A 179 12.85 15.10 17.86
N TYR A 180 11.97 15.90 17.22
CA TYR A 180 10.57 15.95 17.61
C TYR A 180 9.91 14.58 17.40
N ILE A 181 10.12 13.97 16.23
CA ILE A 181 9.54 12.67 15.93
C ILE A 181 10.04 11.62 16.91
N LYS A 182 11.36 11.58 17.12
CA LYS A 182 12.02 10.57 17.96
C LYS A 182 11.73 10.73 19.45
N ASN A 183 11.68 11.97 19.96
CA ASN A 183 11.52 12.18 21.40
C ASN A 183 10.13 12.64 21.88
N GLU A 184 9.31 13.17 20.97
CA GLU A 184 8.01 13.71 21.40
C GLU A 184 6.79 13.00 20.77
N THR A 185 7.02 11.89 20.05
CA THR A 185 5.93 11.09 19.47
C THR A 185 6.25 9.62 19.65
N SER A 186 5.26 8.75 19.45
CA SER A 186 5.44 7.31 19.51
C SER A 186 5.37 6.70 18.10
N LEU A 187 5.67 7.52 17.08
CA LEU A 187 5.66 7.11 15.68
C LEU A 187 6.80 6.18 15.33
N HIS A 188 6.48 5.09 14.62
CA HIS A 188 7.48 4.15 14.09
C HIS A 188 7.88 4.73 12.74
N THR A 189 9.18 4.97 12.51
CA THR A 189 9.63 5.66 11.30
C THR A 189 10.65 4.86 10.47
N PRO A 190 10.24 3.74 9.83
CA PRO A 190 11.22 2.97 9.02
C PRO A 190 11.85 3.74 7.86
N CYS A 191 11.07 4.61 7.15
CA CYS A 191 11.65 5.40 6.05
C CYS A 191 12.68 6.39 6.57
N LEU A 192 12.30 7.16 7.61
CA LEU A 192 13.21 8.14 8.17
C LEU A 192 14.47 7.49 8.70
N ASP A 193 14.31 6.35 9.43
CA ASP A 193 15.47 5.61 9.97
C ASP A 193 16.43 5.21 8.86
N TYR A 194 15.90 4.70 7.73
CA TYR A 194 16.73 4.25 6.61
C TYR A 194 17.45 5.45 5.98
N ALA A 195 16.72 6.58 5.74
CA ALA A 195 17.32 7.80 5.19
C ALA A 195 18.47 8.31 6.05
N LEU A 196 18.32 8.22 7.40
CA LEU A 196 19.35 8.64 8.33
C LEU A 196 20.59 7.73 8.19
N GLU A 197 20.38 6.43 7.88
CA GLU A 197 21.49 5.50 7.65
C GLU A 197 22.16 5.82 6.29
N VAL A 198 21.35 6.18 5.28
CA VAL A 198 21.87 6.60 3.96
C VAL A 198 22.76 7.83 4.12
N GLU A 199 22.30 8.82 4.91
CA GLU A 199 23.02 10.06 5.18
C GLU A 199 24.42 9.80 5.73
N LYS A 200 24.55 8.80 6.64
CA LYS A 200 25.85 8.42 7.22
C LYS A 200 26.83 7.99 6.10
N VAL A 201 26.31 7.26 5.10
CA VAL A 201 27.08 6.77 3.94
C VAL A 201 27.41 7.90 2.97
N THR A 202 26.39 8.70 2.56
CA THR A 202 26.59 9.79 1.59
C THR A 202 27.52 10.89 2.10
N THR A 203 27.37 11.31 3.39
CA THR A 203 28.20 12.37 3.98
C THR A 203 29.67 11.94 4.14
N ALA A 204 29.93 10.62 4.22
CA ALA A 204 31.31 10.08 4.32
C ALA A 204 32.06 10.35 3.01
N LYS A 205 31.34 10.38 1.86
CA LYS A 205 31.92 10.67 0.55
C LYS A 205 32.13 12.20 0.42
N LYS A 206 31.03 12.98 0.62
CA LYS A 206 31.02 14.44 0.50
C LYS A 206 30.13 15.04 1.60
N GLY A 207 30.68 16.00 2.34
CA GLY A 207 30.03 16.68 3.46
C GLY A 207 28.70 17.35 3.17
N ASN A 208 28.50 17.79 1.91
CA ASN A 208 27.25 18.45 1.52
C ASN A 208 26.11 17.46 1.22
N LEU A 209 26.38 16.13 1.19
CA LEU A 209 25.34 15.13 0.85
C LEU A 209 24.51 14.72 2.08
N ILE A 210 23.96 15.72 2.76
CA ILE A 210 23.13 15.55 3.95
C ILE A 210 21.74 15.13 3.58
N LEU A 211 20.99 14.64 4.58
CA LEU A 211 19.57 14.39 4.42
C LEU A 211 18.98 15.81 4.50
N ASN A 212 18.40 16.29 3.40
CA ASN A 212 17.90 17.64 3.38
C ASN A 212 16.46 17.74 3.88
N VAL A 213 15.90 18.96 3.92
CA VAL A 213 14.53 19.16 4.39
C VAL A 213 13.53 18.37 3.58
N ASP A 214 13.71 18.30 2.25
CA ASP A 214 12.78 17.55 1.40
C ASP A 214 12.80 16.05 1.75
N GLY A 215 14.00 15.49 1.95
CA GLY A 215 14.15 14.08 2.31
C GLY A 215 13.55 13.77 3.67
N THR A 216 13.80 14.67 4.64
CA THR A 216 13.31 14.51 6.03
C THR A 216 11.78 14.50 6.02
N ILE A 217 11.17 15.55 5.39
CA ILE A 217 9.73 15.65 5.32
C ILE A 217 9.13 14.45 4.57
N GLY A 218 9.69 14.11 3.41
CA GLY A 218 9.22 12.98 2.60
C GLY A 218 9.17 11.69 3.39
N CYS A 219 10.23 11.39 4.13
CA CYS A 219 10.28 10.17 4.94
C CYS A 219 9.24 10.19 6.06
N ILE A 220 9.15 11.32 6.78
CA ILE A 220 8.17 11.44 7.87
C ILE A 220 6.74 11.23 7.33
N LEU A 221 6.43 11.87 6.18
CA LEU A 221 5.10 11.76 5.60
C LEU A 221 4.77 10.35 5.15
N MET A 222 5.78 9.60 4.63
CA MET A 222 5.56 8.20 4.25
C MET A 222 5.31 7.38 5.51
N ASP A 223 6.02 7.70 6.59
CA ASP A 223 5.87 6.99 7.89
C ASP A 223 4.50 7.26 8.51
N LEU A 224 3.89 8.38 8.16
CA LEU A 224 2.53 8.78 8.64
C LEU A 224 1.47 8.20 7.71
N ASP A 225 1.90 7.52 6.67
CA ASP A 225 1.02 6.91 5.64
C ASP A 225 0.18 7.99 4.99
N PHE A 226 0.82 9.11 4.62
CA PHE A 226 0.09 10.14 3.87
C PHE A 226 0.10 9.70 2.39
N PRO A 227 -0.86 10.13 1.55
CA PRO A 227 -0.90 9.71 0.16
C PRO A 227 0.41 10.12 -0.54
N VAL A 228 0.94 9.23 -1.37
CA VAL A 228 2.22 9.56 -2.05
C VAL A 228 2.09 10.85 -2.90
N HIS A 229 0.95 11.07 -3.54
CA HIS A 229 0.79 12.29 -4.37
C HIS A 229 0.81 13.57 -3.54
N SER A 230 0.58 13.44 -2.22
CA SER A 230 0.47 14.64 -1.39
C SER A 230 1.78 15.24 -0.96
N LEU A 231 2.87 14.49 -0.99
CA LEU A 231 4.10 14.87 -0.30
C LEU A 231 4.63 16.25 -0.64
N ASN A 232 4.74 16.58 -1.94
CA ASN A 232 5.23 17.93 -2.32
C ASN A 232 4.33 19.09 -1.79
N GLY A 233 3.05 18.78 -1.52
CA GLY A 233 2.12 19.78 -1.04
C GLY A 233 2.61 20.54 0.19
N PHE A 234 3.26 19.82 1.12
CA PHE A 234 3.72 20.43 2.36
C PHE A 234 4.74 21.53 2.09
N PHE A 235 5.68 21.28 1.18
CA PHE A 235 6.67 22.31 0.84
C PHE A 235 6.00 23.43 0.01
N VAL A 236 5.16 23.07 -1.00
CA VAL A 236 4.48 24.08 -1.80
C VAL A 236 3.66 25.03 -0.93
N LEU A 237 2.82 24.48 -0.03
CA LEU A 237 2.03 25.34 0.85
C LEU A 237 2.90 26.16 1.80
N ALA A 238 3.85 25.49 2.51
CA ALA A 238 4.66 26.19 3.48
C ALA A 238 5.42 27.32 2.83
N ARG A 239 6.08 27.04 1.68
CA ARG A 239 6.91 28.08 1.06
C ARG A 239 6.08 29.22 0.44
N THR A 240 4.76 28.99 0.20
CA THR A 240 3.86 30.05 -0.24
C THR A 240 3.80 31.12 0.87
N ILE A 241 3.88 30.71 2.15
CA ILE A 241 3.88 31.71 3.23
C ILE A 241 5.09 32.66 3.02
N GLY A 242 6.29 32.07 2.84
CA GLY A 242 7.50 32.86 2.65
C GLY A 242 7.45 33.70 1.37
N MET A 243 6.95 33.10 0.26
CA MET A 243 6.92 33.84 -1.02
C MET A 243 5.99 35.04 -0.95
N ILE A 244 4.83 34.89 -0.30
CA ILE A 244 3.93 36.02 -0.07
C ILE A 244 4.69 37.08 0.79
N GLY A 245 5.37 36.62 1.86
CA GLY A 245 6.14 37.53 2.71
C GLY A 245 7.17 38.34 1.92
N HIS A 246 7.90 37.68 0.99
CA HIS A 246 8.91 38.41 0.20
C HIS A 246 8.24 39.42 -0.74
N TRP A 247 7.08 39.05 -1.31
CA TRP A 247 6.36 39.99 -2.20
C TRP A 247 5.95 41.23 -1.37
N ILE A 248 5.39 41.01 -0.16
CA ILE A 248 4.97 42.14 0.71
C ILE A 248 6.18 42.99 1.05
N ASP A 249 7.30 42.34 1.43
CA ASP A 249 8.53 43.02 1.84
C ASP A 249 9.03 43.95 0.73
N GLN A 250 9.09 43.43 -0.51
CA GLN A 250 9.57 44.25 -1.62
C GLN A 250 8.62 45.41 -1.89
N ASN A 251 7.31 45.15 -1.79
CA ASN A 251 6.33 46.21 -2.03
C ASN A 251 6.39 47.28 -0.91
N ASN A 252 6.60 46.85 0.36
CA ASN A 252 6.75 47.84 1.46
C ASN A 252 7.95 48.78 1.22
N GLN A 253 9.02 48.23 0.63
CA GLN A 253 10.27 48.96 0.33
C GLN A 253 10.18 49.74 -0.97
N ASN A 254 9.07 49.57 -1.76
CA ASN A 254 8.93 50.20 -3.09
C ASN A 254 10.13 49.83 -3.97
N SER A 255 10.60 48.57 -3.85
CA SER A 255 11.76 48.11 -4.61
C SER A 255 11.59 48.29 -6.10
N ARG A 256 12.63 48.71 -6.77
CA ARG A 256 12.61 48.99 -8.20
C ARG A 256 12.89 47.73 -9.01
N LEU A 257 12.64 47.80 -10.32
CA LEU A 257 12.88 46.69 -11.23
C LEU A 257 14.31 46.18 -11.11
N ILE A 258 14.47 44.85 -11.09
CA ILE A 258 15.79 44.23 -11.03
C ILE A 258 16.29 43.98 -12.45
N ARG A 259 17.55 44.37 -12.70
CA ARG A 259 18.24 44.03 -13.95
C ARG A 259 19.57 43.47 -13.45
N LEU A 260 19.84 42.20 -13.75
CA LEU A 260 21.07 41.54 -13.28
C LEU A 260 22.30 42.32 -13.73
N TYR A 261 23.23 42.57 -12.80
CA TYR A 261 24.43 43.35 -13.13
C TYR A 261 25.26 42.64 -14.18
N ASP A 262 25.82 43.41 -15.12
CA ASP A 262 26.61 42.87 -16.21
C ASP A 262 27.75 41.95 -15.77
N TYR A 263 28.44 42.29 -14.65
CA TYR A 263 29.54 41.48 -14.12
C TYR A 263 29.09 40.08 -13.62
N LEU A 264 27.77 39.90 -13.41
CA LEU A 264 27.25 38.61 -12.95
C LEU A 264 26.95 37.69 -14.14
N ILE A 265 27.16 38.18 -15.37
CA ILE A 265 26.87 37.42 -16.58
C ILE A 265 28.13 37.14 -17.36
N ASN A 266 28.34 35.87 -17.71
CA ASN A 266 29.44 35.48 -18.58
C ASN A 266 28.84 35.44 -19.99
N TYR A 267 29.09 36.48 -20.78
CA TYR A 267 28.61 36.58 -22.15
C TYR A 267 29.50 35.76 -23.09
N ALA A 268 29.28 34.44 -23.16
CA ALA A 268 30.05 33.54 -24.05
C ALA A 268 29.32 33.47 -25.39
N VAL A 269 29.20 34.64 -26.03
CA VAL A 269 28.41 34.85 -27.24
C VAL A 269 29.23 34.67 -28.52
N LYS A 270 28.51 34.47 -29.64
CA LYS A 270 29.11 34.30 -30.96
C LYS A 270 29.83 35.57 -31.40
N PRO A 271 30.92 35.48 -32.20
CA PRO A 271 31.53 36.70 -32.75
C PRO A 271 30.50 37.44 -33.61
N GLU A 272 30.53 38.78 -33.57
CA GLU A 272 29.61 39.61 -34.34
C GLU A 272 29.80 39.40 -35.83
N GLN A 273 28.67 39.25 -36.55
CA GLN A 273 28.67 39.03 -37.98
C GLN A 273 27.68 39.92 -38.69
N GLU A 274 28.00 40.26 -39.94
CA GLU A 274 27.14 41.05 -40.81
C GLU A 274 26.06 40.11 -41.33
N VAL A 275 24.86 40.64 -41.57
CA VAL A 275 23.77 39.85 -42.10
C VAL A 275 24.02 39.66 -43.62
N PRO A 276 24.06 38.41 -44.14
CA PRO A 276 24.26 38.25 -45.59
C PRO A 276 23.01 38.57 -46.40
N GLU A 277 23.16 38.99 -47.65
CA GLU A 277 21.96 39.21 -48.47
C GLU A 277 21.34 37.84 -48.75
N LYS A 278 20.05 37.82 -49.02
CA LYS A 278 19.27 36.62 -49.34
C LYS A 278 19.56 36.20 -50.79
N SER B 19 -8.15 -1.52 39.52
CA SER B 19 -8.15 -0.75 38.27
C SER B 19 -6.79 -0.82 37.63
N HIS B 20 -6.76 -0.71 36.29
CA HIS B 20 -5.53 -0.75 35.51
C HIS B 20 -5.48 0.30 34.45
N MET B 21 -4.26 0.64 34.04
CA MET B 21 -3.96 1.56 32.96
C MET B 21 -4.06 0.75 31.67
N VAL B 22 -5.27 0.58 31.15
CA VAL B 22 -5.50 -0.24 29.96
C VAL B 22 -5.12 0.46 28.67
N GLU B 23 -4.72 -0.33 27.68
CA GLU B 23 -4.32 0.16 26.37
C GLU B 23 -4.92 -0.85 25.35
N PRO B 24 -5.16 -0.49 24.08
CA PRO B 24 -5.60 -1.54 23.14
C PRO B 24 -4.49 -2.57 22.91
N LEU B 25 -4.88 -3.82 22.77
CA LEU B 25 -3.98 -4.93 22.45
C LEU B 25 -3.75 -4.96 20.93
N ILE B 26 -4.79 -4.60 20.16
CA ILE B 26 -4.74 -4.65 18.69
C ILE B 26 -5.32 -3.38 18.10
N ARG B 27 -4.79 -2.99 16.94
CA ARG B 27 -5.34 -1.89 16.15
C ARG B 27 -5.83 -2.52 14.84
N THR B 28 -7.10 -2.27 14.47
CA THR B 28 -7.69 -2.84 13.26
C THR B 28 -8.24 -1.72 12.39
N THR B 29 -8.12 -1.88 11.06
CA THR B 29 -8.64 -0.84 10.16
C THR B 29 -9.70 -1.36 9.18
N ILE B 30 -9.88 -2.70 9.09
CA ILE B 30 -10.72 -3.26 8.04
C ILE B 30 -12.18 -3.51 8.36
N SER B 31 -12.53 -3.78 9.61
CA SER B 31 -13.90 -4.13 9.93
C SER B 31 -14.31 -3.69 11.31
N ASP B 32 -15.60 -3.47 11.49
CA ASP B 32 -16.17 -3.05 12.76
C ASP B 32 -17.40 -3.89 13.01
N ASP B 33 -17.36 -4.67 14.09
CA ASP B 33 -18.42 -5.58 14.49
C ASP B 33 -19.29 -5.02 15.61
N ARG B 34 -19.00 -3.78 16.10
CA ARG B 34 -19.72 -3.20 17.25
C ARG B 34 -21.21 -2.92 17.00
N GLY B 35 -21.58 -2.58 15.77
CA GLY B 35 -22.96 -2.28 15.40
C GLY B 35 -23.86 -3.50 15.31
N GLU B 36 -25.04 -3.36 14.67
CA GLU B 36 -25.99 -4.47 14.52
C GLU B 36 -25.45 -5.59 13.65
N GLU B 37 -24.55 -5.23 12.74
CA GLU B 37 -23.89 -6.19 11.84
C GLU B 37 -22.51 -5.60 11.49
N PRO B 38 -21.58 -6.42 10.97
CA PRO B 38 -20.27 -5.90 10.66
C PRO B 38 -20.28 -4.93 9.50
N ARG B 39 -19.35 -3.98 9.57
CA ARG B 39 -19.07 -3.00 8.54
C ARG B 39 -17.73 -3.40 7.94
N TYR B 40 -17.69 -3.68 6.63
CA TYR B 40 -16.46 -4.05 5.92
C TYR B 40 -15.97 -2.79 5.20
N ALA B 41 -14.85 -2.22 5.67
CA ALA B 41 -14.32 -0.96 5.10
C ALA B 41 -15.44 0.12 5.00
N GLY B 42 -16.26 0.18 6.06
CA GLY B 42 -17.36 1.14 6.20
C GLY B 42 -18.70 0.74 5.66
N TYR B 43 -18.80 -0.40 4.91
CA TYR B 43 -20.08 -0.81 4.31
C TYR B 43 -20.75 -1.93 5.09
N ALA B 44 -22.08 -1.84 5.31
CA ALA B 44 -22.83 -2.88 6.04
C ALA B 44 -22.95 -4.15 5.20
N ALA B 45 -22.55 -5.30 5.78
CA ALA B 45 -22.59 -6.59 5.09
C ALA B 45 -23.94 -6.88 4.41
N SER B 46 -25.07 -6.75 5.12
CA SER B 46 -26.41 -7.04 4.55
C SER B 46 -26.79 -6.09 3.41
N GLU B 47 -26.27 -4.84 3.44
CA GLU B 47 -26.57 -3.84 2.40
C GLU B 47 -25.81 -4.25 1.12
N LEU B 48 -24.60 -4.82 1.27
CA LEU B 48 -23.85 -5.30 0.10
C LEU B 48 -24.65 -6.48 -0.53
N CYS B 49 -25.22 -7.37 0.32
CA CYS B 49 -26.07 -8.47 -0.18
C CYS B 49 -27.30 -7.91 -0.88
N SER B 50 -28.01 -6.98 -0.21
CA SER B 50 -29.26 -6.39 -0.73
C SER B 50 -29.10 -5.71 -2.07
N LYS B 51 -27.96 -5.04 -2.29
CA LYS B 51 -27.71 -4.27 -3.51
C LYS B 51 -27.03 -5.08 -4.63
N GLY B 52 -26.97 -6.41 -4.47
CA GLY B 52 -26.50 -7.30 -5.52
C GLY B 52 -25.00 -7.49 -5.65
N TYR B 53 -24.22 -7.09 -4.62
CA TYR B 53 -22.78 -7.30 -4.64
C TYR B 53 -22.50 -8.78 -4.32
N GLY B 54 -21.25 -9.19 -4.51
CA GLY B 54 -20.92 -10.59 -4.32
C GLY B 54 -19.76 -10.86 -3.42
N ILE B 55 -19.36 -12.14 -3.35
CA ILE B 55 -18.24 -12.57 -2.53
C ILE B 55 -16.98 -11.79 -2.95
N GLU B 56 -16.78 -11.64 -4.28
CA GLU B 56 -15.61 -10.92 -4.81
C GLU B 56 -15.53 -9.46 -4.32
N ASP B 57 -16.70 -8.81 -4.10
CA ASP B 57 -16.74 -7.43 -3.60
C ASP B 57 -16.31 -7.40 -2.11
N VAL B 58 -16.77 -8.39 -1.32
CA VAL B 58 -16.39 -8.50 0.09
C VAL B 58 -14.86 -8.76 0.20
N ILE B 59 -14.29 -9.57 -0.72
CA ILE B 59 -12.84 -9.82 -0.75
C ILE B 59 -12.12 -8.47 -0.99
N GLY B 60 -12.55 -7.70 -1.99
CA GLY B 60 -11.93 -6.39 -2.25
C GLY B 60 -12.01 -5.45 -1.05
N LEU B 61 -13.16 -5.42 -0.37
CA LEU B 61 -13.31 -4.55 0.80
C LEU B 61 -12.40 -4.95 1.95
N LEU B 62 -12.38 -6.25 2.26
CA LEU B 62 -11.59 -6.70 3.42
C LEU B 62 -10.09 -6.75 3.17
N TRP B 63 -9.66 -6.88 1.89
CA TRP B 63 -8.22 -6.98 1.61
C TRP B 63 -7.61 -5.70 1.05
N ASN B 64 -8.46 -4.84 0.44
CA ASN B 64 -7.99 -3.58 -0.16
C ASN B 64 -8.64 -2.31 0.46
N LYS B 65 -9.68 -2.50 1.29
CA LYS B 65 -10.44 -1.40 1.95
C LYS B 65 -11.09 -0.46 0.91
N LYS B 66 -11.45 -1.03 -0.24
CA LYS B 66 -12.06 -0.30 -1.35
C LYS B 66 -13.05 -1.22 -2.04
N LEU B 67 -14.21 -0.68 -2.43
CA LEU B 67 -15.20 -1.43 -3.20
C LEU B 67 -14.61 -1.60 -4.60
N PRO B 68 -14.39 -2.85 -5.08
CA PRO B 68 -13.78 -3.02 -6.40
C PRO B 68 -14.62 -2.40 -7.51
N THR B 69 -13.97 -1.99 -8.60
CA THR B 69 -14.68 -1.54 -9.78
C THR B 69 -15.30 -2.83 -10.38
N ARG B 70 -16.26 -2.68 -11.31
CA ARG B 70 -16.86 -3.87 -11.92
C ARG B 70 -15.80 -4.74 -12.61
N GLU B 71 -14.81 -4.10 -13.30
CA GLU B 71 -13.72 -4.81 -13.97
C GLU B 71 -12.87 -5.62 -12.98
N GLU B 72 -12.47 -5.00 -11.84
CA GLU B 72 -11.68 -5.67 -10.81
C GLU B 72 -12.49 -6.83 -10.20
N SER B 73 -13.80 -6.62 -9.92
CA SER B 73 -14.61 -7.69 -9.32
C SER B 73 -14.73 -8.91 -10.24
N GLU B 74 -14.86 -8.67 -11.58
CA GLU B 74 -14.95 -9.75 -12.57
C GLU B 74 -13.64 -10.55 -12.63
N ILE B 75 -12.49 -9.87 -12.46
CA ILE B 75 -11.17 -10.52 -12.45
C ILE B 75 -11.01 -11.34 -11.15
N ILE B 76 -11.33 -10.72 -9.99
CA ILE B 76 -11.25 -11.42 -8.69
C ILE B 76 -12.09 -12.71 -8.74
N LYS B 77 -13.35 -12.60 -9.23
CA LYS B 77 -14.25 -13.73 -9.31
C LYS B 77 -13.59 -14.88 -10.12
N ARG B 78 -13.03 -14.54 -11.30
CA ARG B 78 -12.41 -15.56 -12.15
C ARG B 78 -11.16 -16.17 -11.54
N ILE B 79 -10.31 -15.35 -10.90
CA ILE B 79 -9.11 -15.91 -10.25
C ILE B 79 -9.52 -16.98 -9.22
N VAL B 80 -10.51 -16.66 -8.39
CA VAL B 80 -10.97 -17.59 -7.35
C VAL B 80 -11.60 -18.85 -7.96
N MET B 81 -12.51 -18.66 -8.94
CA MET B 81 -13.15 -19.82 -9.58
C MET B 81 -12.13 -20.76 -10.24
N ILE B 82 -11.18 -20.17 -10.98
CA ILE B 82 -10.20 -20.96 -11.74
C ILE B 82 -9.25 -21.70 -10.82
N SER B 83 -8.97 -21.14 -9.62
CA SER B 83 -7.97 -21.70 -8.71
C SER B 83 -8.57 -22.57 -7.59
N ALA B 84 -9.90 -22.72 -7.59
CA ALA B 84 -10.60 -23.39 -6.46
C ALA B 84 -10.11 -24.80 -6.16
N ASP B 85 -9.90 -25.60 -7.19
CA ASP B 85 -9.38 -26.97 -6.94
C ASP B 85 -8.60 -27.47 -8.11
N HIS B 86 -7.57 -28.32 -7.81
CA HIS B 86 -6.79 -28.94 -8.88
C HIS B 86 -6.51 -30.38 -8.54
N GLY B 87 -7.53 -31.06 -8.04
CA GLY B 87 -7.43 -32.49 -7.77
C GLY B 87 -6.77 -32.81 -6.43
N PRO B 88 -6.78 -34.12 -6.10
CA PRO B 88 -6.33 -34.54 -4.77
C PRO B 88 -4.85 -34.80 -4.63
N ALA B 89 -4.11 -34.74 -5.77
CA ALA B 89 -2.69 -35.11 -5.75
C ALA B 89 -1.79 -34.04 -5.19
N VAL B 90 -2.25 -32.79 -5.22
CA VAL B 90 -1.44 -31.61 -4.84
C VAL B 90 -1.38 -31.48 -3.31
N SER B 91 -0.27 -30.93 -2.80
CA SER B 91 0.01 -30.95 -1.37
C SER B 91 -1.10 -30.46 -0.47
N GLY B 92 -1.73 -29.33 -0.81
CA GLY B 92 -2.78 -28.81 0.06
C GLY B 92 -3.98 -29.75 0.11
N ALA B 93 -4.39 -30.27 -1.07
CA ALA B 93 -5.56 -31.15 -1.07
C ALA B 93 -5.19 -32.50 -0.36
N PHE B 94 -4.00 -33.00 -0.65
CA PHE B 94 -3.59 -34.28 -0.05
C PHE B 94 -3.44 -34.16 1.48
N GLY B 95 -2.91 -33.02 1.97
CA GLY B 95 -2.83 -32.75 3.40
C GLY B 95 -4.23 -32.77 4.05
N SER B 96 -5.21 -32.14 3.39
N SER B 96 -5.23 -32.13 3.39
CA SER B 96 -6.58 -32.11 3.92
CA SER B 96 -6.61 -32.12 3.90
C SER B 96 -7.19 -33.53 3.92
C SER B 96 -7.15 -33.55 3.94
N ILE B 97 -6.88 -34.33 2.87
CA ILE B 97 -7.35 -35.73 2.76
C ILE B 97 -6.73 -36.59 3.85
N LEU B 98 -5.42 -36.45 4.08
CA LEU B 98 -4.73 -37.21 5.10
C LEU B 98 -5.39 -36.95 6.47
N ALA B 99 -5.66 -35.67 6.78
CA ALA B 99 -6.28 -35.33 8.06
C ALA B 99 -7.74 -35.84 8.09
N ALA B 100 -8.47 -35.73 6.98
CA ALA B 100 -9.86 -36.24 6.94
C ALA B 100 -9.85 -37.74 7.25
N CYS B 101 -8.93 -38.49 6.62
CA CYS B 101 -8.82 -39.93 6.82
C CYS B 101 -8.35 -40.29 8.23
N ALA B 102 -7.65 -39.35 8.89
CA ALA B 102 -7.23 -39.53 10.29
C ALA B 102 -8.35 -39.16 11.27
N GLY B 103 -9.54 -38.82 10.74
CA GLY B 103 -10.71 -38.52 11.55
C GLY B 103 -10.73 -37.13 12.16
N ILE B 104 -9.87 -36.22 11.63
CA ILE B 104 -9.78 -34.86 12.15
C ILE B 104 -10.93 -34.02 11.61
N ASP B 105 -11.48 -33.13 12.46
CA ASP B 105 -12.61 -32.29 12.05
C ASP B 105 -12.20 -31.34 10.92
N MET B 106 -13.19 -30.87 10.15
CA MET B 106 -12.94 -30.05 8.97
C MET B 106 -12.01 -28.87 9.16
N PRO B 107 -12.27 -27.94 10.13
CA PRO B 107 -11.44 -26.71 10.16
C PRO B 107 -9.99 -27.06 10.40
N GLN B 108 -9.74 -28.04 11.31
CA GLN B 108 -8.35 -28.37 11.62
C GLN B 108 -7.70 -29.13 10.47
N ALA B 109 -8.47 -30.00 9.78
CA ALA B 109 -7.94 -30.75 8.62
C ALA B 109 -7.57 -29.77 7.50
N VAL B 110 -8.48 -28.80 7.20
CA VAL B 110 -8.20 -27.85 6.14
C VAL B 110 -7.00 -26.96 6.54
N SER B 111 -6.85 -26.67 7.84
CA SER B 111 -5.70 -25.87 8.28
C SER B 111 -4.37 -26.61 7.96
N ALA B 112 -4.35 -27.95 8.08
CA ALA B 112 -3.15 -28.74 7.72
C ALA B 112 -2.87 -28.63 6.22
N GLY B 113 -3.92 -28.67 5.38
CA GLY B 113 -3.70 -28.51 3.94
C GLY B 113 -3.23 -27.10 3.62
N MET B 114 -3.82 -26.08 4.28
CA MET B 114 -3.43 -24.69 4.05
C MET B 114 -1.98 -24.44 4.39
N THR B 115 -1.46 -25.15 5.42
CA THR B 115 -0.07 -25.00 5.83
C THR B 115 0.90 -25.40 4.68
N MET B 116 0.43 -26.21 3.70
CA MET B 116 1.29 -26.62 2.60
C MET B 116 1.51 -25.48 1.58
N ILE B 117 0.66 -24.42 1.63
CA ILE B 117 0.72 -23.34 0.64
C ILE B 117 1.95 -22.48 0.94
N GLY B 118 2.82 -22.35 -0.05
CA GLY B 118 4.11 -21.69 0.17
C GLY B 118 4.86 -21.53 -1.12
N PRO B 119 6.19 -21.44 -1.06
CA PRO B 119 6.96 -21.16 -2.29
C PRO B 119 6.86 -22.22 -3.38
N ARG B 120 6.62 -23.48 -3.00
CA ARG B 120 6.57 -24.56 -3.99
C ARG B 120 5.15 -24.91 -4.45
N PHE B 121 4.14 -24.59 -3.63
CA PHE B 121 2.74 -24.93 -3.95
C PHE B 121 1.85 -23.75 -3.64
N GLY B 122 1.31 -23.14 -4.68
CA GLY B 122 0.32 -22.07 -4.60
C GLY B 122 0.69 -20.73 -4.00
N GLY B 123 1.76 -20.66 -3.21
CA GLY B 123 2.14 -19.40 -2.56
C GLY B 123 3.30 -18.65 -3.20
N ALA B 124 3.53 -18.89 -4.50
CA ALA B 124 4.61 -18.17 -5.21
C ALA B 124 4.05 -16.91 -5.89
N VAL B 125 2.75 -16.64 -5.67
CA VAL B 125 2.07 -15.51 -6.31
C VAL B 125 2.80 -14.19 -5.99
N THR B 126 3.06 -13.91 -4.69
CA THR B 126 3.70 -12.66 -4.31
C THR B 126 5.09 -12.47 -4.93
N ASN B 127 5.95 -13.50 -4.82
CA ASN B 127 7.32 -13.42 -5.36
C ASN B 127 7.33 -13.36 -6.87
N ALA B 128 6.39 -14.05 -7.54
CA ALA B 128 6.31 -13.99 -9.00
C ALA B 128 5.93 -12.55 -9.42
N GLY B 129 4.96 -11.96 -8.73
CA GLY B 129 4.57 -10.57 -9.02
C GLY B 129 5.72 -9.61 -8.81
N LYS B 130 6.48 -9.77 -7.71
CA LYS B 130 7.62 -8.89 -7.43
C LYS B 130 8.77 -9.06 -8.44
N TYR B 131 9.18 -10.33 -8.75
CA TYR B 131 10.27 -10.51 -9.70
C TYR B 131 9.89 -10.08 -11.13
N PHE B 132 8.64 -10.34 -11.57
CA PHE B 132 8.25 -9.88 -12.92
C PHE B 132 8.15 -8.35 -12.95
N LYS B 133 7.71 -7.74 -11.85
CA LYS B 133 7.69 -6.26 -11.73
C LYS B 133 9.12 -5.73 -11.86
N MET B 134 10.06 -6.34 -11.09
N MET B 134 10.04 -6.37 -11.14
CA MET B 134 11.49 -5.97 -11.13
CA MET B 134 11.48 -5.99 -11.15
C MET B 134 12.04 -6.12 -12.57
C MET B 134 12.05 -6.14 -12.56
N ALA B 135 11.66 -7.21 -13.26
CA ALA B 135 12.11 -7.48 -14.62
C ALA B 135 11.65 -6.41 -15.60
N VAL B 136 10.37 -5.97 -15.48
CA VAL B 136 9.81 -4.91 -16.33
C VAL B 136 10.65 -3.63 -16.15
N GLU B 137 11.03 -3.33 -14.90
CA GLU B 137 11.80 -2.12 -14.57
C GLU B 137 13.29 -2.19 -14.93
N ASP B 138 13.96 -3.33 -14.61
CA ASP B 138 15.41 -3.48 -14.75
C ASP B 138 15.89 -4.22 -16.01
N TYR B 139 15.04 -5.07 -16.60
CA TYR B 139 15.40 -5.81 -17.82
C TYR B 139 14.27 -5.67 -18.86
N PRO B 140 13.75 -4.45 -19.15
CA PRO B 140 12.59 -4.33 -20.06
C PRO B 140 12.72 -5.00 -21.41
N ASN B 141 13.89 -4.92 -22.02
CA ASN B 141 14.12 -5.48 -23.35
C ASN B 141 15.27 -6.48 -23.29
N ASP B 142 15.40 -7.16 -22.14
CA ASP B 142 16.44 -8.14 -21.93
C ASP B 142 15.98 -9.33 -21.08
N ILE B 143 15.07 -10.15 -21.62
CA ILE B 143 14.59 -11.35 -20.92
C ILE B 143 15.77 -12.29 -20.60
N PRO B 144 16.73 -12.57 -21.54
CA PRO B 144 17.88 -13.43 -21.17
C PRO B 144 18.68 -12.88 -19.99
N GLY B 145 18.87 -11.56 -19.92
CA GLY B 145 19.58 -10.92 -18.80
C GLY B 145 18.85 -11.16 -17.48
N PHE B 146 17.51 -11.04 -17.50
CA PHE B 146 16.68 -11.32 -16.32
C PHE B 146 16.82 -12.78 -15.89
N LEU B 147 16.70 -13.72 -16.86
CA LEU B 147 16.81 -15.16 -16.57
C LEU B 147 18.21 -15.53 -16.04
N SER B 148 19.28 -14.87 -16.58
CA SER B 148 20.64 -15.12 -16.11
C SER B 148 20.79 -14.61 -14.69
N TRP B 149 20.27 -13.39 -14.40
CA TRP B 149 20.34 -12.78 -13.07
C TRP B 149 19.63 -13.70 -12.06
N MET B 150 18.44 -14.20 -12.41
CA MET B 150 17.65 -15.09 -11.56
C MET B 150 18.41 -16.38 -11.26
N LYS B 151 18.99 -17.02 -12.31
CA LYS B 151 19.74 -18.28 -12.17
C LYS B 151 20.91 -18.11 -11.18
N LYS B 152 21.62 -16.96 -11.30
CA LYS B 152 22.76 -16.64 -10.45
C LYS B 152 22.38 -16.25 -9.00
N ASN B 153 21.34 -15.40 -8.83
CA ASN B 153 20.97 -14.81 -7.54
C ASN B 153 19.81 -15.44 -6.77
N VAL B 154 18.89 -16.14 -7.44
CA VAL B 154 17.67 -16.65 -6.80
C VAL B 154 17.50 -18.17 -6.94
N GLY B 155 17.68 -18.67 -8.16
CA GLY B 155 17.46 -20.06 -8.51
C GLY B 155 16.29 -20.12 -9.46
N PRO B 156 15.32 -21.04 -9.28
CA PRO B 156 14.16 -21.09 -10.20
C PRO B 156 13.34 -19.81 -10.16
N VAL B 157 12.78 -19.43 -11.31
CA VAL B 157 11.98 -18.21 -11.43
C VAL B 157 10.57 -18.47 -10.83
N PRO B 158 10.16 -17.74 -9.77
CA PRO B 158 8.80 -17.94 -9.24
C PRO B 158 7.74 -17.63 -10.32
N GLY B 159 6.76 -18.52 -10.45
CA GLY B 159 5.72 -18.35 -11.45
C GLY B 159 6.00 -19.05 -12.77
N ILE B 160 7.18 -19.70 -12.87
CA ILE B 160 7.59 -20.48 -14.04
C ILE B 160 7.79 -21.94 -13.62
N GLY B 161 7.24 -22.86 -14.41
CA GLY B 161 7.38 -24.29 -14.19
C GLY B 161 6.17 -24.98 -13.58
N HIS B 162 6.00 -26.25 -13.93
CA HIS B 162 4.90 -27.06 -13.38
C HIS B 162 5.29 -28.52 -13.42
N ARG B 163 4.74 -29.31 -12.50
CA ARG B 163 5.05 -30.76 -12.43
C ARG B 163 4.41 -31.57 -13.58
N VAL B 164 3.18 -31.16 -14.01
CA VAL B 164 2.45 -31.90 -15.04
C VAL B 164 2.13 -31.06 -16.28
N LYS B 165 1.84 -29.76 -16.12
CA LYS B 165 1.51 -28.88 -17.24
C LYS B 165 2.77 -28.54 -18.01
N SER B 166 2.63 -28.34 -19.32
CA SER B 166 3.77 -28.12 -20.22
C SER B 166 3.27 -27.54 -21.54
N VAL B 167 4.20 -27.33 -22.48
CA VAL B 167 3.80 -26.89 -23.83
C VAL B 167 2.89 -27.97 -24.47
N LYS B 168 3.25 -29.26 -24.28
CA LYS B 168 2.48 -30.40 -24.81
C LYS B 168 1.18 -30.63 -24.06
N ASN B 169 1.13 -30.25 -22.76
CA ASN B 169 -0.04 -30.43 -21.89
C ASN B 169 -0.39 -29.03 -21.29
N PRO B 170 -0.93 -28.09 -22.10
CA PRO B 170 -1.14 -26.71 -21.59
C PRO B 170 -2.10 -26.56 -20.45
N ASP B 171 -1.88 -25.49 -19.67
CA ASP B 171 -2.74 -25.19 -18.54
C ASP B 171 -3.83 -24.25 -19.06
N GLN B 172 -5.03 -24.79 -19.36
CA GLN B 172 -6.15 -23.98 -19.84
C GLN B 172 -6.60 -22.94 -18.76
N ARG B 173 -6.24 -23.14 -17.48
CA ARG B 173 -6.55 -22.11 -16.47
C ARG B 173 -5.78 -20.82 -16.79
N VAL B 174 -4.50 -20.97 -17.12
CA VAL B 174 -3.63 -19.85 -17.52
C VAL B 174 -4.12 -19.26 -18.85
N LYS B 175 -4.37 -20.13 -19.85
CA LYS B 175 -4.83 -19.65 -21.16
C LYS B 175 -6.13 -18.85 -21.03
N TYR B 176 -7.05 -19.32 -20.16
CA TYR B 176 -8.31 -18.61 -19.98
C TYR B 176 -8.12 -17.25 -19.30
N LEU B 177 -7.37 -17.22 -18.18
CA LEU B 177 -7.19 -15.94 -17.48
C LEU B 177 -6.52 -14.89 -18.40
N VAL B 178 -5.48 -15.31 -19.15
CA VAL B 178 -4.77 -14.41 -20.06
C VAL B 178 -5.75 -13.90 -21.15
N SER B 179 -6.54 -14.82 -21.74
CA SER B 179 -7.51 -14.47 -22.80
C SER B 179 -8.58 -13.52 -22.27
N TYR B 180 -9.05 -13.74 -21.01
CA TYR B 180 -10.05 -12.85 -20.41
C TYR B 180 -9.48 -11.44 -20.26
N ILE B 181 -8.27 -11.34 -19.70
CA ILE B 181 -7.62 -10.04 -19.49
C ILE B 181 -7.41 -9.32 -20.83
N LYS B 182 -6.87 -10.04 -21.81
CA LYS B 182 -6.53 -9.48 -23.12
C LYS B 182 -7.71 -9.12 -23.99
N ASN B 183 -8.76 -9.96 -24.00
CA ASN B 183 -9.89 -9.75 -24.90
C ASN B 183 -11.15 -9.18 -24.27
N GLU B 184 -11.30 -9.26 -22.94
CA GLU B 184 -12.54 -8.84 -22.28
C GLU B 184 -12.36 -7.69 -21.28
N THR B 185 -11.15 -7.14 -21.19
CA THR B 185 -10.88 -5.97 -20.33
C THR B 185 -10.04 -4.97 -21.09
N SER B 186 -9.94 -3.74 -20.53
CA SER B 186 -9.12 -2.67 -21.09
C SER B 186 -7.83 -2.48 -20.26
N LEU B 187 -7.53 -3.43 -19.37
CA LEU B 187 -6.39 -3.38 -18.47
C LEU B 187 -5.03 -3.38 -19.19
N HIS B 188 -4.15 -2.44 -18.81
CA HIS B 188 -2.76 -2.37 -19.29
C HIS B 188 -2.02 -3.39 -18.42
N THR B 189 -1.38 -4.40 -19.05
CA THR B 189 -0.75 -5.46 -18.27
C THR B 189 0.77 -5.64 -18.55
N PRO B 190 1.63 -4.67 -18.18
CA PRO B 190 3.07 -4.83 -18.45
C PRO B 190 3.72 -6.06 -17.77
N CYS B 191 3.34 -6.38 -16.50
CA CYS B 191 3.92 -7.57 -15.85
C CYS B 191 3.49 -8.83 -16.59
N LEU B 192 2.16 -8.98 -16.83
CA LEU B 192 1.67 -10.17 -17.51
C LEU B 192 2.29 -10.33 -18.89
N ASP B 193 2.38 -9.21 -19.64
CA ASP B 193 2.97 -9.25 -20.98
C ASP B 193 4.42 -9.73 -20.91
N TYR B 194 5.17 -9.22 -19.92
CA TYR B 194 6.58 -9.59 -19.74
C TYR B 194 6.69 -11.09 -19.42
N ALA B 195 5.86 -11.59 -18.49
CA ALA B 195 5.88 -13.00 -18.11
C ALA B 195 5.58 -13.90 -19.32
N LEU B 196 4.64 -13.47 -20.21
CA LEU B 196 4.32 -14.23 -21.41
C LEU B 196 5.53 -14.27 -22.38
N GLU B 197 6.33 -13.19 -22.41
CA GLU B 197 7.53 -13.17 -23.25
C GLU B 197 8.57 -14.10 -22.60
N VAL B 198 8.66 -14.10 -21.24
CA VAL B 198 9.59 -15.00 -20.51
C VAL B 198 9.27 -16.45 -20.84
N GLU B 199 7.98 -16.80 -20.82
CA GLU B 199 7.51 -18.15 -21.09
C GLU B 199 7.98 -18.64 -22.47
N LYS B 200 7.97 -17.74 -23.50
CA LYS B 200 8.41 -18.12 -24.84
C LYS B 200 9.89 -18.57 -24.79
N VAL B 201 10.70 -17.88 -23.97
CA VAL B 201 12.12 -18.18 -23.84
C VAL B 201 12.36 -19.43 -22.99
N THR B 202 11.72 -19.52 -21.80
CA THR B 202 11.94 -20.67 -20.92
C THR B 202 11.46 -21.99 -21.52
N THR B 203 10.28 -21.99 -22.18
CA THR B 203 9.73 -23.21 -22.78
C THR B 203 10.58 -23.71 -23.95
N ALA B 204 11.39 -22.82 -24.57
CA ALA B 204 12.28 -23.22 -25.66
C ALA B 204 13.41 -24.11 -25.10
N LYS B 205 13.78 -23.91 -23.81
CA LYS B 205 14.79 -24.68 -23.08
C LYS B 205 14.20 -26.02 -22.59
N LYS B 206 13.05 -25.95 -21.89
CA LYS B 206 12.37 -27.12 -21.35
C LYS B 206 10.87 -26.89 -21.39
N GLY B 207 10.13 -27.85 -21.97
CA GLY B 207 8.68 -27.80 -22.17
C GLY B 207 7.86 -27.55 -20.91
N ASN B 208 8.35 -27.99 -19.74
CA ASN B 208 7.62 -27.81 -18.49
C ASN B 208 7.78 -26.42 -17.86
N LEU B 209 8.65 -25.53 -18.45
CA LEU B 209 8.88 -24.20 -17.88
C LEU B 209 7.83 -23.18 -18.37
N ILE B 210 6.56 -23.54 -18.20
CA ILE B 210 5.44 -22.67 -18.59
C ILE B 210 5.22 -21.56 -17.57
N LEU B 211 4.42 -20.54 -17.95
CA LEU B 211 3.96 -19.53 -17.00
C LEU B 211 2.84 -20.28 -16.25
N ASN B 212 3.02 -20.48 -14.95
CA ASN B 212 2.06 -21.27 -14.19
C ASN B 212 0.96 -20.38 -13.59
N VAL B 213 -0.01 -21.01 -12.88
CA VAL B 213 -1.13 -20.25 -12.34
C VAL B 213 -0.66 -19.18 -11.34
N ASP B 214 0.37 -19.49 -10.54
CA ASP B 214 0.89 -18.52 -9.56
C ASP B 214 1.49 -17.29 -10.26
N GLY B 215 2.24 -17.52 -11.36
CA GLY B 215 2.84 -16.44 -12.13
C GLY B 215 1.78 -15.58 -12.80
N THR B 216 0.74 -16.26 -13.34
CA THR B 216 -0.36 -15.57 -14.03
C THR B 216 -1.11 -14.65 -13.06
N ILE B 217 -1.53 -15.21 -11.91
CA ILE B 217 -2.26 -14.44 -10.91
C ILE B 217 -1.38 -13.30 -10.35
N GLY B 218 -0.13 -13.60 -10.00
CA GLY B 218 0.79 -12.59 -9.48
C GLY B 218 0.96 -11.41 -10.42
N CYS B 219 1.13 -11.69 -11.72
CA CYS B 219 1.28 -10.63 -12.70
C CYS B 219 0.03 -9.78 -12.84
N ILE B 220 -1.14 -10.45 -12.93
CA ILE B 220 -2.40 -9.75 -13.05
C ILE B 220 -2.62 -8.83 -11.86
N LEU B 221 -2.38 -9.37 -10.64
CA LEU B 221 -2.59 -8.57 -9.43
C LEU B 221 -1.65 -7.38 -9.35
N MET B 222 -0.39 -7.52 -9.81
CA MET B 222 0.57 -6.39 -9.85
C MET B 222 0.06 -5.36 -10.86
N ASP B 223 -0.42 -5.84 -12.03
CA ASP B 223 -0.92 -4.93 -13.07
C ASP B 223 -2.20 -4.19 -12.61
N LEU B 224 -2.97 -4.80 -11.67
CA LEU B 224 -4.17 -4.18 -11.08
C LEU B 224 -3.79 -3.20 -9.95
N ASP B 225 -2.50 -3.21 -9.54
CA ASP B 225 -1.95 -2.40 -8.45
C ASP B 225 -2.62 -2.75 -7.11
N PHE B 226 -2.90 -4.05 -6.90
CA PHE B 226 -3.47 -4.48 -5.62
C PHE B 226 -2.38 -4.42 -4.52
N PRO B 227 -2.74 -4.31 -3.20
CA PRO B 227 -1.68 -4.21 -2.17
C PRO B 227 -0.76 -5.42 -2.21
N VAL B 228 0.54 -5.18 -2.15
CA VAL B 228 1.54 -6.25 -2.25
C VAL B 228 1.31 -7.34 -1.18
N HIS B 229 0.92 -6.97 0.05
CA HIS B 229 0.69 -7.97 1.11
C HIS B 229 -0.53 -8.85 0.82
N SER B 230 -1.41 -8.43 -0.12
CA SER B 230 -2.62 -9.22 -0.40
C SER B 230 -2.45 -10.36 -1.39
N LEU B 231 -1.39 -10.34 -2.20
CA LEU B 231 -1.27 -11.23 -3.35
C LEU B 231 -1.47 -12.72 -3.06
N ASN B 232 -0.86 -13.25 -2.00
CA ASN B 232 -1.06 -14.67 -1.72
C ASN B 232 -2.49 -15.04 -1.27
N GLY B 233 -3.28 -14.05 -0.85
CA GLY B 233 -4.63 -14.31 -0.39
C GLY B 233 -5.54 -15.00 -1.40
N PHE B 234 -5.36 -14.66 -2.70
CA PHE B 234 -6.24 -15.18 -3.72
C PHE B 234 -6.18 -16.70 -3.84
N PHE B 235 -4.99 -17.28 -3.86
CA PHE B 235 -4.85 -18.74 -3.94
C PHE B 235 -5.25 -19.35 -2.58
N VAL B 236 -4.82 -18.74 -1.45
CA VAL B 236 -5.19 -19.29 -0.14
C VAL B 236 -6.69 -19.44 -0.05
N LEU B 237 -7.43 -18.35 -0.32
CA LEU B 237 -8.88 -18.43 -0.26
C LEU B 237 -9.48 -19.42 -1.27
N ALA B 238 -9.08 -19.26 -2.52
CA ALA B 238 -9.65 -20.13 -3.55
C ALA B 238 -9.44 -21.59 -3.23
N ARG B 239 -8.19 -21.99 -2.85
CA ARG B 239 -7.92 -23.41 -2.65
C ARG B 239 -8.57 -23.95 -1.37
N THR B 240 -8.99 -23.04 -0.48
CA THR B 240 -9.76 -23.46 0.71
C THR B 240 -11.08 -24.09 0.24
N ILE B 241 -11.65 -23.57 -0.88
CA ILE B 241 -12.86 -24.18 -1.40
C ILE B 241 -12.60 -25.66 -1.74
N GLY B 242 -11.55 -25.93 -2.50
CA GLY B 242 -11.20 -27.30 -2.88
C GLY B 242 -10.83 -28.16 -1.67
N MET B 243 -10.02 -27.61 -0.72
CA MET B 243 -9.62 -28.39 0.44
C MET B 243 -10.81 -28.80 1.31
N ILE B 244 -11.79 -27.87 1.48
CA ILE B 244 -13.03 -28.22 2.21
C ILE B 244 -13.73 -29.33 1.40
N GLY B 245 -13.80 -29.18 0.06
CA GLY B 245 -14.46 -30.18 -0.78
C GLY B 245 -13.85 -31.57 -0.60
N HIS B 246 -12.51 -31.65 -0.56
CA HIS B 246 -11.84 -32.96 -0.39
C HIS B 246 -12.14 -33.55 1.00
N TRP B 247 -12.19 -32.69 2.03
CA TRP B 247 -12.52 -33.17 3.38
C TRP B 247 -13.93 -33.76 3.37
N ILE B 248 -14.89 -33.04 2.77
CA ILE B 248 -16.29 -33.52 2.69
C ILE B 248 -16.34 -34.85 1.93
N ASP B 249 -15.64 -34.92 0.80
CA ASP B 249 -15.62 -36.10 -0.06
C ASP B 249 -15.14 -37.33 0.72
N GLN B 250 -14.03 -37.19 1.42
CA GLN B 250 -13.50 -38.33 2.21
C GLN B 250 -14.45 -38.71 3.34
N ASN B 251 -15.08 -37.73 3.99
CA ASN B 251 -16.03 -38.01 5.05
C ASN B 251 -17.31 -38.68 4.51
N ASN B 252 -17.78 -38.25 3.33
CA ASN B 252 -18.97 -38.90 2.71
C ASN B 252 -18.67 -40.38 2.42
N GLN B 253 -17.43 -40.68 2.04
CA GLN B 253 -17.00 -42.04 1.70
C GLN B 253 -16.65 -42.88 2.94
N ASN B 254 -16.61 -42.23 4.13
CA ASN B 254 -16.16 -42.88 5.38
C ASN B 254 -14.76 -43.48 5.17
N SER B 255 -13.88 -42.74 4.45
CA SER B 255 -12.54 -43.21 4.18
C SER B 255 -11.77 -43.53 5.45
N ARG B 256 -11.00 -44.60 5.40
CA ARG B 256 -10.21 -45.07 6.53
C ARG B 256 -8.87 -44.35 6.61
N LEU B 257 -8.21 -44.49 7.77
CA LEU B 257 -6.88 -43.97 8.01
C LEU B 257 -5.90 -44.37 6.88
N ILE B 258 -5.09 -43.40 6.42
CA ILE B 258 -4.07 -43.68 5.40
C ILE B 258 -2.78 -44.05 6.09
N ARG B 259 -2.16 -45.12 5.63
CA ARG B 259 -0.83 -45.53 6.05
C ARG B 259 -0.13 -45.78 4.71
N LEU B 260 0.91 -45.01 4.42
CA LEU B 260 1.60 -45.14 3.13
C LEU B 260 2.13 -46.56 2.93
N TYR B 261 1.85 -47.14 1.75
CA TYR B 261 2.28 -48.51 1.48
C TYR B 261 3.80 -48.63 1.56
N ASP B 262 4.31 -49.74 2.12
CA ASP B 262 5.75 -49.94 2.26
C ASP B 262 6.55 -49.75 0.95
N TYR B 263 6.00 -50.21 -0.19
CA TYR B 263 6.68 -50.08 -1.48
C TYR B 263 6.82 -48.63 -1.96
N LEU B 264 6.09 -47.69 -1.34
CA LEU B 264 6.17 -46.28 -1.69
C LEU B 264 7.24 -45.57 -0.86
N ILE B 265 7.92 -46.30 0.05
CA ILE B 265 8.94 -45.73 0.92
C ILE B 265 10.30 -46.35 0.64
N ASN B 266 11.28 -45.50 0.40
CA ASN B 266 12.66 -45.91 0.24
C ASN B 266 13.30 -45.75 1.63
N TYR B 267 13.46 -46.87 2.34
CA TYR B 267 14.09 -46.90 3.66
C TYR B 267 15.61 -46.91 3.51
N ALA B 268 16.23 -45.74 3.30
CA ALA B 268 17.69 -45.64 3.14
C ALA B 268 18.30 -45.39 4.51
N VAL B 269 18.09 -46.35 5.42
CA VAL B 269 18.41 -46.24 6.83
C VAL B 269 19.82 -46.74 7.15
N LYS B 270 20.31 -46.35 8.34
CA LYS B 270 21.62 -46.78 8.84
C LYS B 270 21.64 -48.29 9.10
N PRO B 271 22.79 -48.98 8.93
CA PRO B 271 22.81 -50.41 9.29
C PRO B 271 22.50 -50.57 10.78
N GLU B 272 21.86 -51.67 11.15
CA GLU B 272 21.51 -51.93 12.55
C GLU B 272 22.73 -52.11 13.41
N GLN B 273 22.76 -51.44 14.57
CA GLN B 273 23.89 -51.47 15.48
C GLN B 273 23.46 -51.72 16.91
N GLU B 274 24.36 -52.33 17.69
CA GLU B 274 24.12 -52.53 19.10
C GLU B 274 24.32 -51.18 19.82
N VAL B 275 23.54 -50.95 20.89
CA VAL B 275 23.68 -49.74 21.69
C VAL B 275 24.94 -49.95 22.58
N PRO B 276 25.93 -49.04 22.57
CA PRO B 276 27.09 -49.24 23.45
C PRO B 276 26.76 -48.95 24.92
N GLU B 277 27.53 -49.55 25.85
CA GLU B 277 27.30 -49.28 27.28
C GLU B 277 27.74 -47.84 27.55
N LYS B 278 27.07 -47.16 28.51
CA LYS B 278 27.41 -45.79 28.91
C LYS B 278 28.78 -45.74 29.61
N LYS B 279 29.53 -44.64 29.41
CA LYS B 279 30.86 -44.47 30.01
C LYS B 279 30.83 -43.45 31.17
N GLU C 23 32.64 33.03 -9.94
CA GLU C 23 32.36 34.45 -10.03
C GLU C 23 31.03 34.78 -10.79
N PRO C 24 30.82 34.48 -12.12
CA PRO C 24 29.51 34.83 -12.74
C PRO C 24 28.37 34.01 -12.16
N LEU C 25 27.18 34.61 -12.11
CA LEU C 25 25.99 33.92 -11.63
C LEU C 25 25.43 33.04 -12.74
N ILE C 26 25.49 33.53 -13.99
CA ILE C 26 24.97 32.82 -15.16
C ILE C 26 25.92 32.91 -16.34
N ARG C 27 25.77 31.97 -17.29
CA ARG C 27 26.54 31.98 -18.54
C ARG C 27 25.52 31.94 -19.68
N THR C 28 25.66 32.85 -20.64
CA THR C 28 24.74 32.92 -21.78
C THR C 28 25.51 32.81 -23.10
N THR C 29 24.91 32.21 -24.12
CA THR C 29 25.59 32.08 -25.42
C THR C 29 24.79 32.60 -26.60
N ILE C 30 23.50 32.93 -26.40
CA ILE C 30 22.63 33.22 -27.55
C ILE C 30 22.45 34.68 -27.94
N SER C 31 22.51 35.60 -26.98
CA SER C 31 22.22 37.01 -27.30
C SER C 31 23.04 37.96 -26.47
N ASP C 32 23.31 39.13 -27.05
CA ASP C 32 24.10 40.17 -26.42
C ASP C 32 23.39 41.48 -26.62
N ASP C 33 23.01 42.11 -25.51
CA ASP C 33 22.32 43.40 -25.52
C ASP C 33 23.25 44.58 -25.19
N ARG C 34 24.56 44.31 -24.97
CA ARG C 34 25.50 45.36 -24.54
C ARG C 34 25.78 46.45 -25.59
N GLY C 35 25.67 46.11 -26.87
CA GLY C 35 25.88 47.07 -27.96
C GLY C 35 24.74 48.03 -28.20
N GLU C 36 24.70 48.68 -29.37
CA GLU C 36 23.65 49.64 -29.73
C GLU C 36 22.29 48.99 -29.87
N GLU C 37 22.27 47.69 -30.22
CA GLU C 37 21.04 46.92 -30.34
C GLU C 37 21.39 45.46 -30.05
N PRO C 38 20.40 44.58 -29.76
CA PRO C 38 20.76 43.19 -29.49
C PRO C 38 21.31 42.46 -30.70
N ARG C 39 22.22 41.54 -30.40
CA ARG C 39 22.81 40.65 -31.37
C ARG C 39 22.25 39.27 -31.06
N TYR C 40 21.60 38.64 -32.05
CA TYR C 40 21.03 37.30 -31.91
C TYR C 40 21.99 36.37 -32.63
N ALA C 41 22.71 35.51 -31.86
CA ALA C 41 23.73 34.60 -32.42
C ALA C 41 24.73 35.37 -33.33
N GLY C 42 25.09 36.59 -32.90
CA GLY C 42 26.03 37.47 -33.60
C GLY C 42 25.45 38.44 -34.60
N TYR C 43 24.14 38.32 -34.95
CA TYR C 43 23.52 39.20 -35.96
C TYR C 43 22.67 40.31 -35.35
N ALA C 44 22.80 41.53 -35.88
CA ALA C 44 22.03 42.68 -35.40
C ALA C 44 20.55 42.58 -35.85
N ALA C 45 19.58 42.74 -34.91
CA ALA C 45 18.15 42.65 -35.23
C ALA C 45 17.68 43.61 -36.35
N SER C 46 18.15 44.87 -36.35
CA SER C 46 17.72 45.81 -37.40
C SER C 46 18.26 45.44 -38.78
N GLU C 47 19.45 44.80 -38.82
CA GLU C 47 20.07 44.35 -40.08
C GLU C 47 19.31 43.16 -40.65
N LEU C 48 18.79 42.29 -39.78
CA LEU C 48 17.95 41.17 -40.20
C LEU C 48 16.67 41.73 -40.83
N CYS C 49 16.08 42.78 -40.20
CA CYS C 49 14.89 43.46 -40.72
C CYS C 49 15.19 44.09 -42.07
N SER C 50 16.29 44.87 -42.14
CA SER C 50 16.69 45.61 -43.34
C SER C 50 16.93 44.72 -44.56
N LYS C 51 17.47 43.51 -44.32
CA LYS C 51 17.81 42.60 -45.42
C LYS C 51 16.69 41.61 -45.78
N GLY C 52 15.49 41.83 -45.24
CA GLY C 52 14.28 41.07 -45.58
C GLY C 52 14.08 39.75 -44.89
N TYR C 53 14.77 39.50 -43.77
CA TYR C 53 14.58 38.27 -43.00
C TYR C 53 13.28 38.38 -42.18
N GLY C 54 12.83 37.26 -41.60
CA GLY C 54 11.56 37.22 -40.88
C GLY C 54 11.63 36.68 -39.47
N ILE C 55 10.46 36.51 -38.86
CA ILE C 55 10.33 35.98 -37.51
C ILE C 55 10.97 34.58 -37.45
N GLU C 56 10.72 33.76 -38.50
CA GLU C 56 11.25 32.39 -38.57
C GLU C 56 12.80 32.37 -38.53
N ASP C 57 13.43 33.42 -39.06
CA ASP C 57 14.90 33.54 -39.07
C ASP C 57 15.40 33.84 -37.65
N VAL C 58 14.69 34.71 -36.93
CA VAL C 58 15.01 35.05 -35.54
C VAL C 58 14.84 33.80 -34.63
N ILE C 59 13.81 32.97 -34.90
CA ILE C 59 13.61 31.70 -34.19
C ILE C 59 14.83 30.80 -34.36
N GLY C 60 15.29 30.59 -35.60
CA GLY C 60 16.47 29.79 -35.85
C GLY C 60 17.70 30.33 -35.14
N LEU C 61 17.89 31.65 -35.18
CA LEU C 61 19.04 32.24 -34.51
C LEU C 61 19.01 32.04 -33.00
N LEU C 62 17.88 32.32 -32.36
CA LEU C 62 17.84 32.24 -30.89
C LEU C 62 17.73 30.83 -30.34
N TRP C 63 17.21 29.88 -31.14
CA TRP C 63 17.07 28.51 -30.64
C TRP C 63 18.12 27.55 -31.18
N ASN C 64 18.73 27.88 -32.33
CA ASN C 64 19.71 27.00 -32.99
C ASN C 64 21.06 27.69 -33.23
N LYS C 65 21.15 29.02 -32.96
CA LYS C 65 22.39 29.81 -33.15
C LYS C 65 22.90 29.78 -34.60
N LYS C 66 21.96 29.61 -35.56
CA LYS C 66 22.25 29.52 -36.98
C LYS C 66 21.18 30.23 -37.79
N LEU C 67 21.59 31.00 -38.82
CA LEU C 67 20.64 31.65 -39.70
C LEU C 67 20.08 30.55 -40.61
N PRO C 68 18.75 30.31 -40.61
CA PRO C 68 18.23 29.25 -41.47
C PRO C 68 18.45 29.54 -42.95
N THR C 69 18.47 28.48 -43.77
CA THR C 69 18.52 28.63 -45.22
C THR C 69 17.08 29.04 -45.59
N ARG C 70 16.88 29.46 -46.85
CA ARG C 70 15.55 29.84 -47.32
C ARG C 70 14.57 28.68 -47.11
N GLU C 71 14.98 27.44 -47.48
CA GLU C 71 14.12 26.25 -47.35
C GLU C 71 13.76 26.00 -45.90
N GLU C 72 14.74 26.02 -44.99
CA GLU C 72 14.48 25.80 -43.55
C GLU C 72 13.54 26.86 -42.99
N SER C 73 13.74 28.11 -43.42
CA SER C 73 12.97 29.27 -43.01
C SER C 73 11.50 29.08 -43.43
N GLU C 74 11.27 28.56 -44.66
CA GLU C 74 9.93 28.29 -45.19
C GLU C 74 9.20 27.21 -44.39
N ILE C 75 9.96 26.20 -43.95
CA ILE C 75 9.43 25.10 -43.12
C ILE C 75 9.11 25.60 -41.70
N ILE C 76 10.06 26.32 -41.06
CA ILE C 76 9.83 26.86 -39.70
C ILE C 76 8.56 27.70 -39.75
N LYS C 77 8.44 28.58 -40.77
CA LYS C 77 7.27 29.44 -40.99
C LYS C 77 6.00 28.60 -40.98
N ARG C 78 5.96 27.52 -41.79
CA ARG C 78 4.77 26.68 -41.93
C ARG C 78 4.43 25.93 -40.65
N ILE C 79 5.45 25.45 -39.93
CA ILE C 79 5.22 24.76 -38.65
C ILE C 79 4.55 25.68 -37.65
N VAL C 80 5.05 26.92 -37.54
CA VAL C 80 4.47 27.89 -36.60
C VAL C 80 3.02 28.24 -37.01
N MET C 81 2.79 28.54 -38.29
CA MET C 81 1.44 28.87 -38.75
C MET C 81 0.45 27.73 -38.49
N ILE C 82 0.85 26.47 -38.80
CA ILE C 82 -0.05 25.32 -38.62
C ILE C 82 -0.32 25.05 -37.12
N SER C 83 0.67 25.36 -36.25
CA SER C 83 0.56 25.07 -34.84
C SER C 83 -0.01 26.23 -34.00
N ALA C 84 -0.39 27.35 -34.63
CA ALA C 84 -0.77 28.58 -33.87
C ALA C 84 -1.98 28.44 -32.95
N ASP C 85 -2.99 27.66 -33.37
CA ASP C 85 -4.16 27.46 -32.51
C ASP C 85 -4.94 26.22 -32.89
N HIS C 86 -5.70 25.69 -31.95
CA HIS C 86 -6.54 24.53 -32.21
C HIS C 86 -7.94 24.73 -31.61
N GLY C 87 -8.41 25.99 -31.57
CA GLY C 87 -9.74 26.27 -31.03
C GLY C 87 -9.71 26.48 -29.51
N PRO C 88 -10.85 26.90 -28.95
CA PRO C 88 -10.91 27.25 -27.54
C PRO C 88 -11.05 26.12 -26.54
N ALA C 89 -11.31 24.90 -27.02
CA ALA C 89 -11.66 23.78 -26.15
C ALA C 89 -10.48 23.09 -25.51
N VAL C 90 -9.30 23.22 -26.13
CA VAL C 90 -8.08 22.54 -25.70
C VAL C 90 -7.46 23.25 -24.50
N SER C 91 -6.65 22.53 -23.69
CA SER C 91 -6.18 23.03 -22.39
C SER C 91 -5.43 24.38 -22.40
N GLY C 92 -4.60 24.60 -23.41
CA GLY C 92 -3.81 25.84 -23.51
C GLY C 92 -4.69 27.05 -23.70
N ALA C 93 -5.45 27.04 -24.82
CA ALA C 93 -6.37 28.14 -25.12
C ALA C 93 -7.37 28.30 -23.97
N PHE C 94 -7.95 27.16 -23.46
CA PHE C 94 -8.96 27.25 -22.41
C PHE C 94 -8.40 27.85 -21.11
N GLY C 95 -7.16 27.51 -20.75
CA GLY C 95 -6.54 28.09 -19.56
C GLY C 95 -6.42 29.62 -19.71
N SER C 96 -6.03 30.09 -20.91
CA SER C 96 -5.92 31.52 -21.16
C SER C 96 -7.33 32.17 -21.09
N ILE C 97 -8.38 31.48 -21.62
CA ILE C 97 -9.76 31.99 -21.55
C ILE C 97 -10.26 32.09 -20.09
N LEU C 98 -9.97 31.06 -19.30
CA LEU C 98 -10.38 31.02 -17.90
C LEU C 98 -9.76 32.26 -17.17
N ALA C 99 -8.46 32.51 -17.39
CA ALA C 99 -7.81 33.65 -16.76
C ALA C 99 -8.37 34.97 -17.30
N ALA C 100 -8.59 35.06 -18.64
CA ALA C 100 -9.17 36.26 -19.25
C ALA C 100 -10.52 36.57 -18.61
N CYS C 101 -11.37 35.51 -18.44
CA CYS C 101 -12.70 35.71 -17.83
C CYS C 101 -12.61 36.08 -16.34
N ALA C 102 -11.51 35.67 -15.68
CA ALA C 102 -11.28 36.03 -14.28
C ALA C 102 -10.65 37.47 -14.17
N GLY C 103 -10.53 38.19 -15.30
CA GLY C 103 -10.03 39.56 -15.31
C GLY C 103 -8.52 39.69 -15.16
N ILE C 104 -7.79 38.59 -15.43
CA ILE C 104 -6.33 38.62 -15.31
C ILE C 104 -5.72 39.27 -16.55
N ASP C 105 -4.60 40.00 -16.35
CA ASP C 105 -3.91 40.71 -17.45
C ASP C 105 -3.34 39.70 -18.45
N MET C 106 -3.16 40.15 -19.70
CA MET C 106 -2.75 39.25 -20.79
C MET C 106 -1.52 38.36 -20.49
N PRO C 107 -0.34 38.92 -20.10
CA PRO C 107 0.84 38.04 -19.98
C PRO C 107 0.64 36.95 -18.93
N GLN C 108 0.02 37.31 -17.81
CA GLN C 108 -0.20 36.33 -16.75
C GLN C 108 -1.26 35.31 -17.17
N ALA C 109 -2.31 35.74 -17.88
CA ALA C 109 -3.34 34.82 -18.37
C ALA C 109 -2.72 33.81 -19.37
N VAL C 110 -1.93 34.31 -20.31
CA VAL C 110 -1.28 33.42 -21.30
C VAL C 110 -0.30 32.47 -20.59
N SER C 111 0.39 32.97 -19.53
CA SER C 111 1.29 32.09 -18.78
C SER C 111 0.51 30.88 -18.17
N ALA C 112 -0.76 31.10 -17.71
CA ALA C 112 -1.56 30.00 -17.16
C ALA C 112 -1.87 28.98 -18.26
N GLY C 113 -2.21 29.47 -19.47
CA GLY C 113 -2.44 28.53 -20.57
C GLY C 113 -1.18 27.76 -20.94
N MET C 114 -0.04 28.48 -20.97
CA MET C 114 1.24 27.86 -21.34
C MET C 114 1.63 26.76 -20.34
N THR C 115 1.22 26.93 -19.05
CA THR C 115 1.53 25.95 -18.02
C THR C 115 0.90 24.57 -18.35
N MET C 116 -0.15 24.55 -19.19
CA MET C 116 -0.82 23.30 -19.54
C MET C 116 0.01 22.46 -20.51
N ILE C 117 1.01 23.07 -21.17
CA ILE C 117 1.79 22.38 -22.20
C ILE C 117 2.74 21.38 -21.58
N GLY C 118 2.65 20.13 -22.03
CA GLY C 118 3.47 19.07 -21.45
C GLY C 118 3.26 17.75 -22.15
N PRO C 119 3.41 16.63 -21.42
CA PRO C 119 3.28 15.32 -22.07
C PRO C 119 1.94 15.03 -22.70
N ARG C 120 0.86 15.61 -22.17
CA ARG C 120 -0.49 15.29 -22.68
C ARG C 120 -1.00 16.30 -23.67
N PHE C 121 -0.49 17.52 -23.58
CA PHE C 121 -0.91 18.61 -24.44
C PHE C 121 0.33 19.22 -25.07
N GLY C 122 0.66 18.76 -26.28
CA GLY C 122 1.83 19.24 -27.00
C GLY C 122 2.99 18.27 -27.06
N GLY C 123 3.05 17.34 -26.11
CA GLY C 123 4.11 16.34 -26.00
C GLY C 123 4.22 15.35 -27.13
N ALA C 124 3.11 15.08 -27.85
CA ALA C 124 3.10 14.13 -28.99
C ALA C 124 4.08 14.54 -30.06
N VAL C 125 4.35 15.88 -30.22
CA VAL C 125 5.30 16.37 -31.23
C VAL C 125 6.73 15.91 -30.89
N THR C 126 7.20 16.24 -29.67
CA THR C 126 8.55 15.90 -29.21
C THR C 126 8.78 14.40 -29.12
N ASN C 127 7.77 13.67 -28.61
CA ASN C 127 7.90 12.22 -28.49
C ASN C 127 7.90 11.52 -29.84
N ALA C 128 7.10 12.04 -30.83
CA ALA C 128 7.14 11.47 -32.19
C ALA C 128 8.52 11.64 -32.81
N GLY C 129 9.11 12.83 -32.62
CA GLY C 129 10.46 13.08 -33.14
C GLY C 129 11.49 12.14 -32.52
N LYS C 130 11.42 12.01 -31.18
CA LYS C 130 12.32 11.14 -30.44
C LYS C 130 12.24 9.67 -30.90
N TYR C 131 11.02 9.12 -30.96
CA TYR C 131 10.84 7.70 -31.32
C TYR C 131 11.04 7.39 -32.79
N PHE C 132 10.64 8.30 -33.70
CA PHE C 132 10.92 8.06 -35.12
C PHE C 132 12.41 8.18 -35.42
N LYS C 133 13.13 9.06 -34.69
CA LYS C 133 14.59 9.18 -34.87
C LYS C 133 15.22 7.88 -34.37
N MET C 134 14.75 7.35 -33.22
CA MET C 134 15.25 6.09 -32.69
C MET C 134 14.99 4.96 -33.69
N ALA C 135 13.81 4.94 -34.34
CA ALA C 135 13.44 3.92 -35.32
C ALA C 135 14.38 3.92 -36.53
N VAL C 136 14.70 5.11 -37.05
CA VAL C 136 15.62 5.23 -38.19
C VAL C 136 16.98 4.66 -37.84
N GLU C 137 17.44 4.95 -36.61
CA GLU C 137 18.76 4.54 -36.14
C GLU C 137 18.85 3.06 -35.77
N ASP C 138 17.87 2.56 -34.99
CA ASP C 138 17.85 1.21 -34.40
C ASP C 138 17.01 0.17 -35.13
N TYR C 139 16.01 0.60 -35.92
CA TYR C 139 15.17 -0.36 -36.66
C TYR C 139 15.10 0.06 -38.16
N PRO C 140 16.22 0.45 -38.82
CA PRO C 140 16.13 0.89 -40.23
C PRO C 140 15.46 -0.09 -41.19
N ASN C 141 15.64 -1.40 -40.99
CA ASN C 141 15.06 -2.41 -41.88
C ASN C 141 14.08 -3.30 -41.13
N ASP C 142 13.47 -2.75 -40.05
CA ASP C 142 12.59 -3.56 -39.21
C ASP C 142 11.44 -2.74 -38.61
N ILE C 143 10.49 -2.28 -39.46
CA ILE C 143 9.28 -1.58 -38.97
C ILE C 143 8.49 -2.48 -37.97
N PRO C 144 8.25 -3.80 -38.24
CA PRO C 144 7.55 -4.63 -37.24
C PRO C 144 8.26 -4.66 -35.86
N GLY C 145 9.58 -4.73 -35.87
CA GLY C 145 10.38 -4.72 -34.63
C GLY C 145 10.21 -3.42 -33.87
N PHE C 146 10.19 -2.29 -34.60
CA PHE C 146 9.99 -0.97 -34.03
C PHE C 146 8.58 -0.91 -33.39
N LEU C 147 7.54 -1.35 -34.14
CA LEU C 147 6.16 -1.33 -33.65
C LEU C 147 5.98 -2.22 -32.43
N SER C 148 6.68 -3.38 -32.40
CA SER C 148 6.63 -4.28 -31.25
C SER C 148 7.29 -3.64 -30.03
N TRP C 149 8.47 -2.99 -30.22
CA TRP C 149 9.20 -2.32 -29.14
C TRP C 149 8.33 -1.19 -28.55
N MET C 150 7.69 -0.41 -29.43
CA MET C 150 6.80 0.69 -29.00
C MET C 150 5.61 0.17 -28.19
N LYS C 151 4.94 -0.85 -28.71
CA LYS C 151 3.78 -1.48 -28.02
C LYS C 151 4.17 -1.93 -26.60
N LYS C 152 5.36 -2.53 -26.41
CA LYS C 152 5.89 -3.01 -25.14
C LYS C 152 6.37 -1.90 -24.19
N ASN C 153 7.11 -0.90 -24.72
CA ASN C 153 7.79 0.13 -23.93
C ASN C 153 7.11 1.49 -23.79
N VAL C 154 6.22 1.84 -24.72
CA VAL C 154 5.59 3.17 -24.73
C VAL C 154 4.06 3.11 -24.72
N GLY C 155 3.51 2.26 -25.57
CA GLY C 155 2.07 2.10 -25.76
C GLY C 155 1.74 2.57 -27.17
N PRO C 156 0.68 3.38 -27.39
CA PRO C 156 0.42 3.86 -28.76
C PRO C 156 1.60 4.67 -29.30
N VAL C 157 1.88 4.55 -30.59
CA VAL C 157 3.02 5.25 -31.20
C VAL C 157 2.71 6.76 -31.28
N PRO C 158 3.50 7.65 -30.62
CA PRO C 158 3.23 9.09 -30.74
C PRO C 158 3.35 9.53 -32.19
N GLY C 159 2.38 10.34 -32.64
CA GLY C 159 2.37 10.81 -34.02
C GLY C 159 1.59 9.91 -34.96
N ILE C 160 1.04 8.81 -34.43
CA ILE C 160 0.21 7.87 -35.19
C ILE C 160 -1.18 7.84 -34.54
N GLY C 161 -2.21 7.94 -35.37
CA GLY C 161 -3.57 7.84 -34.90
C GLY C 161 -4.31 9.16 -34.82
N HIS C 162 -5.62 9.09 -35.03
CA HIS C 162 -6.50 10.25 -34.95
C HIS C 162 -7.91 9.77 -34.67
N ARG C 163 -8.69 10.58 -33.96
CA ARG C 163 -10.06 10.24 -33.62
C ARG C 163 -11.03 10.32 -34.80
N VAL C 164 -10.79 11.26 -35.74
CA VAL C 164 -11.69 11.45 -36.90
C VAL C 164 -10.98 11.24 -38.25
N LYS C 165 -9.69 11.63 -38.36
CA LYS C 165 -8.93 11.49 -39.59
C LYS C 165 -8.55 10.03 -39.79
N SER C 166 -8.50 9.57 -41.04
CA SER C 166 -8.24 8.16 -41.39
C SER C 166 -7.79 8.05 -42.84
N VAL C 167 -7.61 6.82 -43.35
CA VAL C 167 -7.28 6.58 -44.76
C VAL C 167 -8.44 7.13 -45.62
N LYS C 168 -9.70 6.87 -45.20
CA LYS C 168 -10.92 7.32 -45.88
C LYS C 168 -11.14 8.84 -45.73
N ASN C 169 -10.72 9.42 -44.60
CA ASN C 169 -10.86 10.84 -44.30
C ASN C 169 -9.45 11.42 -44.02
N PRO C 170 -8.61 11.62 -45.06
CA PRO C 170 -7.22 12.09 -44.80
C PRO C 170 -7.11 13.49 -44.21
N ASP C 171 -5.99 13.73 -43.51
CA ASP C 171 -5.73 15.03 -42.92
C ASP C 171 -4.99 15.91 -43.92
N GLN C 172 -5.66 17.00 -44.33
CA GLN C 172 -5.19 17.98 -45.31
C GLN C 172 -3.93 18.73 -44.88
N ARG C 173 -3.74 18.99 -43.55
CA ARG C 173 -2.51 19.64 -43.10
C ARG C 173 -1.31 18.70 -43.25
N VAL C 174 -1.52 17.39 -42.98
CA VAL C 174 -0.42 16.43 -43.14
C VAL C 174 -0.05 16.36 -44.62
N LYS C 175 -1.07 16.16 -45.50
CA LYS C 175 -0.84 16.06 -46.94
C LYS C 175 -0.10 17.28 -47.47
N TYR C 176 -0.50 18.47 -47.02
CA TYR C 176 0.14 19.71 -47.45
C TYR C 176 1.59 19.77 -47.00
N LEU C 177 1.86 19.55 -45.70
CA LEU C 177 3.21 19.67 -45.18
C LEU C 177 4.18 18.70 -45.81
N VAL C 178 3.74 17.43 -45.95
CA VAL C 178 4.54 16.36 -46.58
C VAL C 178 4.83 16.76 -48.02
N SER C 179 3.78 17.15 -48.78
CA SER C 179 3.94 17.54 -50.18
C SER C 179 4.87 18.75 -50.33
N TYR C 180 4.76 19.74 -49.43
CA TYR C 180 5.63 20.91 -49.48
C TYR C 180 7.10 20.54 -49.30
N ILE C 181 7.44 19.80 -48.23
N ILE C 181 7.43 19.79 -48.23
CA ILE C 181 8.83 19.46 -47.96
CA ILE C 181 8.82 19.44 -47.94
C ILE C 181 9.39 18.48 -49.05
C ILE C 181 9.39 18.46 -49.00
N LYS C 182 8.55 17.57 -49.57
CA LYS C 182 8.96 16.61 -50.60
C LYS C 182 9.11 17.21 -51.99
N ASN C 183 8.17 18.09 -52.40
CA ASN C 183 8.16 18.63 -53.77
C ASN C 183 8.63 20.07 -53.94
N GLU C 184 8.67 20.86 -52.85
CA GLU C 184 9.04 22.27 -52.98
C GLU C 184 10.34 22.65 -52.24
N THR C 185 11.07 21.66 -51.70
CA THR C 185 12.37 21.87 -51.06
C THR C 185 13.27 20.70 -51.43
N SER C 186 14.58 20.86 -51.24
CA SER C 186 15.52 19.75 -51.48
C SER C 186 15.99 19.15 -50.16
N LEU C 187 15.27 19.39 -49.06
CA LEU C 187 15.67 18.89 -47.76
C LEU C 187 15.55 17.38 -47.65
N HIS C 188 16.48 16.77 -46.89
CA HIS C 188 16.52 15.32 -46.65
C HIS C 188 15.74 15.01 -45.39
N THR C 189 14.77 14.07 -45.48
CA THR C 189 13.88 13.79 -44.34
C THR C 189 13.82 12.31 -43.93
N PRO C 190 14.91 11.73 -43.37
CA PRO C 190 14.85 10.30 -42.99
C PRO C 190 13.80 9.94 -41.95
N CYS C 191 13.57 10.82 -40.93
CA CYS C 191 12.54 10.53 -39.93
C CYS C 191 11.16 10.54 -40.56
N LEU C 192 10.86 11.62 -41.33
CA LEU C 192 9.54 11.70 -41.96
C LEU C 192 9.33 10.52 -42.94
N ASP C 193 10.37 10.18 -43.72
CA ASP C 193 10.28 9.05 -44.67
C ASP C 193 9.95 7.75 -43.94
N TYR C 194 10.61 7.51 -42.80
CA TYR C 194 10.36 6.33 -41.98
C TYR C 194 8.93 6.31 -41.44
N ALA C 195 8.46 7.45 -40.90
CA ALA C 195 7.08 7.58 -40.40
C ALA C 195 6.05 7.28 -41.50
N LEU C 196 6.34 7.71 -42.74
CA LEU C 196 5.45 7.44 -43.88
C LEU C 196 5.42 5.94 -44.20
N GLU C 197 6.56 5.23 -44.01
CA GLU C 197 6.60 3.78 -44.21
C GLU C 197 5.83 3.08 -43.07
N VAL C 198 5.96 3.59 -41.83
CA VAL C 198 5.23 3.09 -40.66
C VAL C 198 3.72 3.22 -40.91
N GLU C 199 3.27 4.38 -41.43
CA GLU C 199 1.88 4.67 -41.73
C GLU C 199 1.29 3.62 -42.67
N LYS C 200 2.04 3.20 -43.70
CA LYS C 200 1.59 2.16 -44.64
C LYS C 200 1.27 0.85 -43.89
N VAL C 201 2.08 0.50 -42.89
CA VAL C 201 1.92 -0.71 -42.06
C VAL C 201 0.78 -0.54 -41.07
N THR C 202 0.76 0.56 -40.29
CA THR C 202 -0.28 0.79 -39.26
C THR C 202 -1.68 0.92 -39.86
N THR C 203 -1.84 1.67 -40.98
CA THR C 203 -3.15 1.86 -41.61
C THR C 203 -3.71 0.56 -42.20
N ALA C 204 -2.83 -0.41 -42.55
CA ALA C 204 -3.26 -1.71 -43.08
C ALA C 204 -4.00 -2.50 -41.98
N LYS C 205 -3.61 -2.30 -40.71
CA LYS C 205 -4.22 -2.93 -39.54
C LYS C 205 -5.54 -2.21 -39.21
N LYS C 206 -5.49 -0.87 -39.01
CA LYS C 206 -6.64 -0.02 -38.67
C LYS C 206 -6.54 1.33 -39.42
N GLY C 207 -7.60 1.68 -40.15
CA GLY C 207 -7.69 2.90 -40.97
C GLY C 207 -7.40 4.22 -40.27
N ASN C 208 -7.68 4.30 -38.97
CA ASN C 208 -7.46 5.52 -38.18
C ASN C 208 -6.01 5.71 -37.72
N LEU C 209 -5.12 4.72 -37.95
CA LEU C 209 -3.72 4.81 -37.51
C LEU C 209 -2.83 5.55 -38.53
N ILE C 210 -3.27 6.75 -38.93
CA ILE C 210 -2.55 7.60 -39.88
C ILE C 210 -1.41 8.33 -39.23
N LEU C 211 -0.50 8.90 -40.06
CA LEU C 211 0.52 9.79 -39.57
C LEU C 211 -0.22 11.10 -39.29
N ASN C 212 -0.25 11.54 -38.04
CA ASN C 212 -1.01 12.73 -37.70
C ASN C 212 -0.13 14.01 -37.78
N VAL C 213 -0.72 15.19 -37.56
CA VAL C 213 0.04 16.46 -37.66
C VAL C 213 1.19 16.53 -36.67
N ASP C 214 0.98 16.00 -35.45
CA ASP C 214 2.04 15.99 -34.44
C ASP C 214 3.22 15.09 -34.88
N GLY C 215 2.94 13.93 -35.48
CA GLY C 215 3.98 13.04 -35.97
C GLY C 215 4.73 13.68 -37.14
N THR C 216 3.98 14.31 -38.06
CA THR C 216 4.56 14.98 -39.23
C THR C 216 5.54 16.07 -38.77
N ILE C 217 5.07 16.98 -37.88
CA ILE C 217 5.93 18.06 -37.40
C ILE C 217 7.13 17.53 -36.60
N GLY C 218 6.91 16.58 -35.69
CA GLY C 218 8.01 16.05 -34.88
C GLY C 218 9.12 15.47 -35.76
N CYS C 219 8.74 14.71 -36.81
CA CYS C 219 9.71 14.14 -37.75
C CYS C 219 10.46 15.22 -38.48
N ILE C 220 9.72 16.21 -39.00
CA ILE C 220 10.35 17.31 -39.75
C ILE C 220 11.35 18.07 -38.88
N LEU C 221 10.99 18.37 -37.61
CA LEU C 221 11.92 19.08 -36.73
C LEU C 221 13.26 18.33 -36.50
N MET C 222 13.15 16.99 -36.36
CA MET C 222 14.36 16.17 -36.20
C MET C 222 15.16 16.19 -37.51
N ASP C 223 14.47 16.13 -38.64
CA ASP C 223 15.13 16.16 -39.96
C ASP C 223 15.79 17.51 -40.26
N LEU C 224 15.30 18.59 -39.59
CA LEU C 224 15.88 19.94 -39.72
C LEU C 224 17.11 20.05 -38.85
N ASP C 225 17.40 19.01 -38.04
CA ASP C 225 18.53 18.94 -37.14
C ASP C 225 18.52 20.07 -36.12
N PHE C 226 17.33 20.42 -35.59
CA PHE C 226 17.26 21.40 -34.51
C PHE C 226 17.71 20.69 -33.21
N PRO C 227 18.36 21.41 -32.25
CA PRO C 227 18.81 20.81 -30.99
C PRO C 227 17.66 20.08 -30.30
N VAL C 228 17.94 18.92 -29.70
CA VAL C 228 16.90 18.10 -29.04
C VAL C 228 16.12 18.93 -27.99
N HIS C 229 16.81 19.81 -27.23
CA HIS C 229 16.13 20.65 -26.20
C HIS C 229 15.18 21.70 -26.83
N SER C 230 15.31 21.97 -28.13
CA SER C 230 14.48 23.00 -28.76
C SER C 230 13.11 22.56 -29.25
N LEU C 231 12.92 21.25 -29.49
CA LEU C 231 11.73 20.77 -30.20
C LEU C 231 10.38 21.26 -29.64
N ASN C 232 10.21 21.29 -28.31
CA ASN C 232 8.95 21.76 -27.71
C ASN C 232 8.68 23.25 -27.95
N GLY C 233 9.75 24.00 -28.25
CA GLY C 233 9.64 25.43 -28.49
C GLY C 233 8.66 25.79 -29.58
N PHE C 234 8.60 24.98 -30.67
CA PHE C 234 7.69 25.31 -31.79
C PHE C 234 6.24 25.32 -31.36
N PHE C 235 5.83 24.33 -30.55
CA PHE C 235 4.45 24.28 -30.06
C PHE C 235 4.21 25.38 -29.03
N VAL C 236 5.15 25.58 -28.08
CA VAL C 236 5.01 26.63 -27.07
C VAL C 236 4.87 28.01 -27.73
N LEU C 237 5.77 28.35 -28.66
CA LEU C 237 5.69 29.66 -29.29
C LEU C 237 4.43 29.77 -30.14
N ALA C 238 4.19 28.77 -31.02
CA ALA C 238 3.04 28.89 -31.89
C ALA C 238 1.73 29.02 -31.12
N ARG C 239 1.55 28.20 -30.06
CA ARG C 239 0.29 28.26 -29.30
C ARG C 239 0.14 29.55 -28.50
N THR C 240 1.26 30.24 -28.25
CA THR C 240 1.20 31.56 -27.59
C THR C 240 0.44 32.54 -28.51
N ILE C 241 0.58 32.39 -29.85
CA ILE C 241 -0.19 33.26 -30.77
C ILE C 241 -1.69 33.05 -30.49
N GLY C 242 -2.14 31.78 -30.49
CA GLY C 242 -3.54 31.46 -30.25
C GLY C 242 -3.99 31.90 -28.85
N MET C 243 -3.16 31.66 -27.83
CA MET C 243 -3.56 32.04 -26.46
C MET C 243 -3.74 33.54 -26.31
N ILE C 244 -2.82 34.32 -26.87
CA ILE C 244 -2.99 35.79 -26.85
C ILE C 244 -4.30 36.13 -27.57
N GLY C 245 -4.54 35.50 -28.74
CA GLY C 245 -5.77 35.74 -29.48
C GLY C 245 -7.03 35.48 -28.65
N HIS C 246 -7.05 34.35 -27.92
CA HIS C 246 -8.22 34.03 -27.09
C HIS C 246 -8.40 35.05 -25.94
N TRP C 247 -7.28 35.52 -25.37
CA TRP C 247 -7.36 36.52 -24.30
C TRP C 247 -8.00 37.80 -24.87
N ILE C 248 -7.52 38.24 -26.05
CA ILE C 248 -8.04 39.46 -26.70
C ILE C 248 -9.55 39.26 -26.98
N ASP C 249 -9.91 38.10 -27.54
CA ASP C 249 -11.29 37.78 -27.91
C ASP C 249 -12.22 37.89 -26.71
N GLN C 250 -11.82 37.29 -25.58
CA GLN C 250 -12.64 37.34 -24.36
C GLN C 250 -12.81 38.75 -23.87
N ASN C 251 -11.71 39.53 -23.91
CA ASN C 251 -11.75 40.91 -23.45
C ASN C 251 -12.59 41.79 -24.38
N ASN C 252 -12.50 41.58 -25.70
CA ASN C 252 -13.32 42.34 -26.66
C ASN C 252 -14.82 42.11 -26.42
N GLN C 253 -15.18 40.86 -26.02
CA GLN C 253 -16.57 40.49 -25.78
C GLN C 253 -17.06 40.93 -24.40
N ASN C 254 -16.13 41.44 -23.53
CA ASN C 254 -16.45 41.73 -22.13
C ASN C 254 -17.00 40.46 -21.45
N SER C 255 -16.33 39.30 -21.69
CA SER C 255 -16.78 38.05 -21.09
C SER C 255 -16.77 38.11 -19.58
N ARG C 256 -17.69 37.39 -18.98
CA ARG C 256 -17.80 37.37 -17.53
C ARG C 256 -17.04 36.18 -16.93
N LEU C 257 -16.83 36.25 -15.62
CA LEU C 257 -16.17 35.20 -14.84
C LEU C 257 -16.85 33.83 -15.08
N ILE C 258 -16.02 32.78 -15.20
CA ILE C 258 -16.50 31.41 -15.36
C ILE C 258 -16.60 30.76 -14.01
N ARG C 259 -17.74 30.13 -13.74
CA ARG C 259 -17.97 29.27 -12.57
C ARG C 259 -18.68 28.05 -13.15
N LEU C 260 -18.03 26.90 -13.05
CA LEU C 260 -18.66 25.70 -13.61
C LEU C 260 -20.04 25.41 -13.00
N TYR C 261 -20.99 25.09 -13.87
CA TYR C 261 -22.34 24.74 -13.43
C TYR C 261 -22.30 23.47 -12.58
N ASP C 262 -23.19 23.40 -11.58
CA ASP C 262 -23.20 22.26 -10.67
C ASP C 262 -23.31 20.91 -11.40
N TYR C 263 -24.11 20.84 -12.49
CA TYR C 263 -24.29 19.57 -13.22
C TYR C 263 -23.01 19.11 -13.96
N LEU C 264 -22.00 19.99 -14.09
CA LEU C 264 -20.73 19.62 -14.71
C LEU C 264 -19.78 19.01 -13.69
N ILE C 265 -20.21 18.92 -12.43
CA ILE C 265 -19.37 18.35 -11.38
C ILE C 265 -20.01 17.11 -10.79
N ASN C 266 -19.23 16.04 -10.71
CA ASN C 266 -19.66 14.83 -10.04
C ASN C 266 -19.07 14.95 -8.62
N TYR C 267 -19.92 15.33 -7.65
CA TYR C 267 -19.50 15.47 -6.26
C TYR C 267 -19.52 14.10 -5.58
N ALA C 268 -18.44 13.31 -5.75
CA ALA C 268 -18.33 11.99 -5.12
C ALA C 268 -17.64 12.18 -3.78
N VAL C 269 -18.32 12.94 -2.89
CA VAL C 269 -17.74 13.38 -1.62
C VAL C 269 -18.04 12.43 -0.45
N LYS C 270 -17.26 12.59 0.63
CA LYS C 270 -17.40 11.85 1.88
C LYS C 270 -18.76 12.14 2.54
N PRO C 271 -19.33 11.18 3.30
CA PRO C 271 -20.58 11.47 4.00
C PRO C 271 -20.38 12.60 4.98
N GLU C 272 -21.42 13.42 5.17
CA GLU C 272 -21.38 14.55 6.09
C GLU C 272 -21.24 14.03 7.51
N GLN C 273 -20.31 14.61 8.26
CA GLN C 273 -20.06 14.21 9.65
C GLN C 273 -20.00 15.43 10.53
N GLU C 274 -20.36 15.24 11.82
CA GLU C 274 -20.23 16.30 12.81
C GLU C 274 -18.76 16.35 13.19
N VAL C 275 -18.26 17.53 13.55
CA VAL C 275 -16.87 17.65 14.00
C VAL C 275 -16.79 17.14 15.44
N PRO C 276 -15.93 16.13 15.75
CA PRO C 276 -15.86 15.67 17.16
C PRO C 276 -15.09 16.65 18.03
N GLU C 277 -15.37 16.63 19.35
CA GLU C 277 -14.62 17.46 20.30
C GLU C 277 -13.20 16.91 20.37
N LYS C 278 -12.20 17.79 20.58
CA LYS C 278 -10.78 17.41 20.68
C LYS C 278 -10.48 16.53 21.89
N VAL D 22 7.17 -49.11 -8.98
CA VAL D 22 8.15 -49.39 -7.93
C VAL D 22 8.84 -48.07 -7.48
N GLU D 23 8.55 -46.96 -8.20
CA GLU D 23 9.06 -45.62 -7.91
C GLU D 23 8.55 -45.21 -6.51
N PRO D 24 9.45 -45.00 -5.52
CA PRO D 24 8.98 -44.59 -4.19
C PRO D 24 8.40 -43.16 -4.20
N LEU D 25 7.43 -42.91 -3.33
CA LEU D 25 6.87 -41.57 -3.17
C LEU D 25 7.81 -40.74 -2.29
N ILE D 26 8.39 -41.39 -1.25
CA ILE D 26 9.26 -40.71 -0.30
C ILE D 26 10.51 -41.52 0.01
N ARG D 27 11.55 -40.86 0.54
CA ARG D 27 12.77 -41.51 0.95
C ARG D 27 13.07 -41.05 2.36
N THR D 28 13.38 -42.01 3.26
CA THR D 28 13.69 -41.69 4.66
C THR D 28 15.06 -42.26 5.05
N THR D 29 15.78 -41.59 5.97
CA THR D 29 17.10 -42.09 6.40
C THR D 29 17.21 -42.23 7.90
N ILE D 30 16.25 -41.69 8.68
CA ILE D 30 16.42 -41.63 10.12
C ILE D 30 15.83 -42.74 10.95
N SER D 31 14.77 -43.38 10.47
N SER D 31 14.74 -43.36 10.48
CA SER D 31 14.09 -44.36 11.29
CA SER D 31 13.98 -44.28 11.32
C SER D 31 13.51 -45.51 10.50
C SER D 31 13.37 -45.47 10.55
N ASP D 32 13.50 -46.69 11.12
CA ASP D 32 12.97 -47.90 10.51
C ASP D 32 12.02 -48.53 11.49
N ASP D 33 10.76 -48.62 11.11
CA ASP D 33 9.69 -49.21 11.93
C ASP D 33 9.32 -50.64 11.49
N ARG D 34 10.01 -51.18 10.46
CA ARG D 34 9.63 -52.47 9.88
C ARG D 34 9.85 -53.68 10.79
N GLY D 35 10.83 -53.59 11.69
CA GLY D 35 11.18 -54.69 12.58
C GLY D 35 10.28 -54.81 13.80
N GLU D 36 10.76 -55.54 14.84
CA GLU D 36 9.99 -55.73 16.08
C GLU D 36 9.76 -54.44 16.85
N GLU D 37 10.67 -53.46 16.65
CA GLU D 37 10.55 -52.14 17.26
C GLU D 37 11.30 -51.14 16.38
N PRO D 38 11.07 -49.82 16.56
CA PRO D 38 11.77 -48.86 15.71
C PRO D 38 13.25 -48.80 16.00
N ARG D 39 13.98 -48.50 14.94
CA ARG D 39 15.42 -48.28 14.97
C ARG D 39 15.62 -46.80 14.69
N TYR D 40 16.26 -46.07 15.63
CA TYR D 40 16.54 -44.64 15.46
C TYR D 40 18.01 -44.54 15.07
N ALA D 41 18.31 -44.14 13.82
CA ALA D 41 19.69 -44.05 13.32
C ALA D 41 20.46 -45.39 13.60
N GLY D 42 19.75 -46.51 13.39
CA GLY D 42 20.26 -47.87 13.56
C GLY D 42 20.16 -48.48 14.96
N TYR D 43 19.76 -47.70 15.98
CA TYR D 43 19.67 -48.23 17.35
C TYR D 43 18.24 -48.57 17.78
N ALA D 44 18.06 -49.74 18.43
CA ALA D 44 16.74 -50.17 18.89
C ALA D 44 16.29 -49.32 20.07
N ALA D 45 15.05 -48.77 20.00
CA ALA D 45 14.54 -47.89 21.03
C ALA D 45 14.61 -48.50 22.44
N SER D 46 14.14 -49.77 22.59
CA SER D 46 14.14 -50.43 23.91
C SER D 46 15.56 -50.68 24.46
N GLU D 47 16.56 -50.85 23.57
CA GLU D 47 17.95 -51.09 23.95
C GLU D 47 18.52 -49.76 24.48
N LEU D 48 18.10 -48.61 23.90
CA LEU D 48 18.53 -47.30 24.40
C LEU D 48 17.95 -47.13 25.81
N CYS D 49 16.68 -47.53 26.04
CA CYS D 49 16.05 -47.47 27.35
C CYS D 49 16.80 -48.37 28.33
N SER D 50 17.03 -49.63 27.92
CA SER D 50 17.69 -50.66 28.77
C SER D 50 19.07 -50.25 29.24
N LYS D 51 19.84 -49.57 28.37
CA LYS D 51 21.21 -49.20 28.68
C LYS D 51 21.35 -47.81 29.37
N GLY D 52 20.21 -47.22 29.77
CA GLY D 52 20.22 -46.00 30.56
C GLY D 52 20.29 -44.69 29.83
N TYR D 53 20.02 -44.71 28.51
CA TYR D 53 20.01 -43.49 27.71
C TYR D 53 18.70 -42.73 27.97
N GLY D 54 18.64 -41.48 27.49
CA GLY D 54 17.49 -40.64 27.76
C GLY D 54 16.85 -40.00 26.55
N ILE D 55 15.90 -39.09 26.82
CA ILE D 55 15.20 -38.34 25.77
C ILE D 55 16.21 -37.56 24.93
N GLU D 56 17.20 -36.94 25.61
CA GLU D 56 18.24 -36.13 24.95
C GLU D 56 19.06 -36.97 23.93
N ASP D 57 19.25 -38.27 24.23
CA ASP D 57 19.97 -39.17 23.34
C ASP D 57 19.14 -39.48 22.08
N VAL D 58 17.82 -39.67 22.26
CA VAL D 58 16.90 -39.92 21.15
C VAL D 58 16.81 -38.68 20.24
N ILE D 59 16.89 -37.48 20.84
CA ILE D 59 16.94 -36.21 20.08
C ILE D 59 18.17 -36.24 19.17
N GLY D 60 19.34 -36.58 19.75
CA GLY D 60 20.57 -36.61 18.94
C GLY D 60 20.49 -37.63 17.82
N LEU D 61 19.87 -38.79 18.09
CA LEU D 61 19.75 -39.81 17.05
C LEU D 61 18.82 -39.38 15.91
N LEU D 62 17.64 -38.88 16.25
CA LEU D 62 16.66 -38.56 15.21
C LEU D 62 16.93 -37.26 14.46
N TRP D 63 17.68 -36.33 15.07
CA TRP D 63 17.97 -35.04 14.40
C TRP D 63 19.39 -34.97 13.83
N ASN D 64 20.33 -35.75 14.41
CA ASN D 64 21.74 -35.66 14.03
C ASN D 64 22.36 -37.03 13.63
N LYS D 65 21.55 -38.11 13.67
CA LYS D 65 21.97 -39.50 13.31
C LYS D 65 23.23 -39.91 14.09
N LYS D 66 23.34 -39.39 15.29
CA LYS D 66 24.51 -39.65 16.15
C LYS D 66 24.14 -39.71 17.63
N LEU D 67 24.66 -40.72 18.33
CA LEU D 67 24.43 -40.85 19.76
C LEU D 67 25.32 -39.73 20.43
N PRO D 68 24.77 -38.77 21.20
CA PRO D 68 25.63 -37.71 21.79
C PRO D 68 26.59 -38.30 22.82
N THR D 69 27.72 -37.60 23.09
CA THR D 69 28.60 -38.03 24.16
C THR D 69 27.87 -37.65 25.46
N ARG D 70 28.37 -38.16 26.59
CA ARG D 70 27.77 -37.89 27.90
C ARG D 70 27.65 -36.38 28.15
N GLU D 71 28.74 -35.63 27.94
CA GLU D 71 28.67 -34.19 28.20
C GLU D 71 27.74 -33.47 27.22
N GLU D 72 27.75 -33.87 25.94
CA GLU D 72 26.78 -33.28 25.00
C GLU D 72 25.34 -33.51 25.47
N SER D 73 25.05 -34.72 25.97
CA SER D 73 23.71 -35.12 26.44
C SER D 73 23.28 -34.23 27.65
N GLU D 74 24.24 -33.96 28.56
CA GLU D 74 23.98 -33.12 29.73
C GLU D 74 23.56 -31.72 29.32
N ILE D 75 24.15 -31.21 28.20
CA ILE D 75 23.85 -29.88 27.69
C ILE D 75 22.49 -29.85 26.98
N ILE D 76 22.23 -30.85 26.10
CA ILE D 76 20.92 -30.92 25.39
C ILE D 76 19.79 -30.95 26.44
N LYS D 77 19.93 -31.79 27.48
CA LYS D 77 18.93 -31.91 28.53
C LYS D 77 18.63 -30.53 29.18
N ARG D 78 19.68 -29.79 29.55
CA ARG D 78 19.52 -28.47 30.19
C ARG D 78 18.88 -27.42 29.26
N ILE D 79 19.26 -27.45 27.97
CA ILE D 79 18.68 -26.51 27.00
C ILE D 79 17.17 -26.71 26.92
N VAL D 80 16.75 -27.98 26.79
CA VAL D 80 15.31 -28.29 26.68
C VAL D 80 14.56 -27.89 27.98
N MET D 81 15.13 -28.25 29.15
CA MET D 81 14.51 -27.88 30.43
C MET D 81 14.34 -26.35 30.59
N ILE D 82 15.38 -25.58 30.26
CA ILE D 82 15.37 -24.13 30.40
C ILE D 82 14.38 -23.47 29.43
N SER D 83 14.20 -24.08 28.25
CA SER D 83 13.35 -23.49 27.20
C SER D 83 11.91 -24.00 27.20
N ALA D 84 11.54 -24.88 28.15
CA ALA D 84 10.23 -25.56 28.15
C ALA D 84 9.02 -24.64 28.18
N ASP D 85 9.13 -23.51 28.89
CA ASP D 85 7.99 -22.57 28.91
C ASP D 85 8.43 -21.18 29.36
N HIS D 86 7.65 -20.16 29.01
CA HIS D 86 7.96 -18.80 29.44
C HIS D 86 6.68 -18.08 29.91
N GLY D 87 5.75 -18.84 30.50
CA GLY D 87 4.49 -18.30 30.98
C GLY D 87 3.41 -18.23 29.90
N PRO D 88 2.21 -17.86 30.33
CA PRO D 88 1.04 -17.87 29.43
C PRO D 88 0.87 -16.69 28.47
N ALA D 89 1.65 -15.61 28.63
CA ALA D 89 1.45 -14.36 27.90
C ALA D 89 2.10 -14.31 26.52
N VAL D 90 3.10 -15.17 26.32
CA VAL D 90 3.86 -15.22 25.07
C VAL D 90 3.10 -15.96 23.97
N SER D 91 3.44 -15.67 22.70
CA SER D 91 2.67 -16.13 21.55
C SER D 91 2.40 -17.66 21.44
N GLY D 92 3.39 -18.51 21.71
CA GLY D 92 3.20 -19.96 21.58
C GLY D 92 2.20 -20.48 22.59
N ALA D 93 2.50 -20.28 23.89
CA ALA D 93 1.59 -20.69 24.96
C ALA D 93 0.23 -20.03 24.77
N PHE D 94 0.21 -18.72 24.44
CA PHE D 94 -1.08 -18.03 24.30
C PHE D 94 -1.91 -18.60 23.15
N GLY D 95 -1.26 -18.94 22.02
CA GLY D 95 -1.99 -19.55 20.90
C GLY D 95 -2.63 -20.87 21.34
N SER D 96 -1.89 -21.69 22.12
CA SER D 96 -2.44 -22.95 22.64
C SER D 96 -3.60 -22.69 23.62
N ILE D 97 -3.47 -21.65 24.47
CA ILE D 97 -4.55 -21.28 25.40
C ILE D 97 -5.81 -20.80 24.65
N LEU D 98 -5.61 -19.97 23.63
CA LEU D 98 -6.73 -19.46 22.83
C LEU D 98 -7.52 -20.65 22.23
N ALA D 99 -6.80 -21.62 21.66
CA ALA D 99 -7.45 -22.79 21.08
C ALA D 99 -8.08 -23.66 22.19
N ALA D 100 -7.40 -23.84 23.33
CA ALA D 100 -7.97 -24.61 24.45
C ALA D 100 -9.31 -23.99 24.89
N CYS D 101 -9.33 -22.63 24.99
CA CYS D 101 -10.56 -21.92 25.40
C CYS D 101 -11.66 -22.00 24.35
N ALA D 102 -11.25 -22.18 23.08
CA ALA D 102 -12.21 -22.36 21.98
C ALA D 102 -12.68 -23.85 21.87
N GLY D 103 -12.26 -24.70 22.82
CA GLY D 103 -12.70 -26.09 22.90
C GLY D 103 -12.03 -27.01 21.89
N ILE D 104 -10.87 -26.60 21.36
CA ILE D 104 -10.14 -27.40 20.40
C ILE D 104 -9.33 -28.48 21.14
N ASP D 105 -9.23 -29.66 20.51
CA ASP D 105 -8.48 -30.80 21.10
C ASP D 105 -7.00 -30.47 21.24
N MET D 106 -6.31 -31.16 22.15
CA MET D 106 -4.90 -30.85 22.44
C MET D 106 -3.96 -30.77 21.25
N PRO D 107 -3.86 -31.81 20.37
CA PRO D 107 -2.84 -31.74 19.31
C PRO D 107 -3.06 -30.57 18.38
N GLN D 108 -4.34 -30.30 18.06
CA GLN D 108 -4.65 -29.19 17.15
C GLN D 108 -4.40 -27.83 17.83
N ALA D 109 -4.72 -27.73 19.13
CA ALA D 109 -4.48 -26.50 19.87
C ALA D 109 -2.96 -26.21 19.94
N VAL D 110 -2.17 -27.25 20.28
CA VAL D 110 -0.72 -27.07 20.35
C VAL D 110 -0.17 -26.73 18.96
N SER D 111 -0.76 -27.30 17.89
CA SER D 111 -0.28 -26.98 16.54
C SER D 111 -0.47 -25.47 16.23
N ALA D 112 -1.57 -24.85 16.76
CA ALA D 112 -1.80 -23.39 16.54
C ALA D 112 -0.71 -22.58 17.29
N GLY D 113 -0.36 -23.00 18.49
CA GLY D 113 0.71 -22.35 19.23
C GLY D 113 2.06 -22.50 18.55
N MET D 114 2.32 -23.72 18.05
CA MET D 114 3.60 -24.03 17.38
C MET D 114 3.75 -23.19 16.11
N THR D 115 2.63 -22.88 15.42
CA THR D 115 2.65 -22.06 14.21
C THR D 115 3.21 -20.63 14.51
N MET D 116 3.21 -20.19 15.79
CA MET D 116 3.72 -18.86 16.15
C MET D 116 5.24 -18.80 16.12
N ILE D 117 5.90 -19.99 16.14
CA ILE D 117 7.36 -20.08 16.22
C ILE D 117 7.98 -19.69 14.89
N GLY D 118 8.86 -18.70 14.93
CA GLY D 118 9.45 -18.18 13.71
C GLY D 118 10.44 -17.08 13.98
N PRO D 119 10.59 -16.10 13.05
CA PRO D 119 11.63 -15.08 13.22
C PRO D 119 11.53 -14.20 14.46
N ARG D 120 10.31 -13.97 14.96
CA ARG D 120 10.11 -13.09 16.11
C ARG D 120 9.97 -13.84 17.42
N PHE D 121 9.51 -15.09 17.36
CA PHE D 121 9.31 -15.89 18.56
C PHE D 121 10.14 -17.17 18.41
N GLY D 122 11.33 -17.17 19.03
CA GLY D 122 12.26 -18.30 18.95
C GLY D 122 13.40 -18.07 17.96
N GLY D 123 13.19 -17.18 16.97
CA GLY D 123 14.17 -16.88 15.93
C GLY D 123 15.49 -16.30 16.42
N ALA D 124 15.48 -15.58 17.57
CA ALA D 124 16.72 -14.96 18.10
C ALA D 124 17.78 -16.00 18.47
N VAL D 125 17.35 -17.22 18.87
CA VAL D 125 18.26 -18.33 19.17
C VAL D 125 19.07 -18.72 17.89
N THR D 126 18.36 -19.06 16.80
CA THR D 126 19.01 -19.46 15.54
C THR D 126 19.84 -18.32 14.90
N ASN D 127 19.33 -17.05 14.90
CA ASN D 127 20.10 -15.93 14.34
C ASN D 127 21.37 -15.63 15.15
N ALA D 128 21.28 -15.75 16.49
CA ALA D 128 22.46 -15.51 17.33
C ALA D 128 23.53 -16.56 16.98
N GLY D 129 23.11 -17.81 16.81
CA GLY D 129 24.00 -18.90 16.43
C GLY D 129 24.68 -18.63 15.09
N LYS D 130 23.88 -18.20 14.10
CA LYS D 130 24.36 -17.93 12.77
C LYS D 130 25.43 -16.83 12.76
N TYR D 131 25.15 -15.69 13.42
CA TYR D 131 26.08 -14.56 13.40
C TYR D 131 27.33 -14.77 14.26
N PHE D 132 27.18 -15.44 15.42
CA PHE D 132 28.36 -15.70 16.23
C PHE D 132 29.25 -16.75 15.56
N LYS D 133 28.66 -17.71 14.78
CA LYS D 133 29.43 -18.70 14.01
C LYS D 133 30.22 -17.95 12.93
N MET D 134 29.55 -17.01 12.23
CA MET D 134 30.19 -16.18 11.21
C MET D 134 31.36 -15.38 11.83
N ALA D 135 31.15 -14.83 13.05
CA ALA D 135 32.17 -14.04 13.74
C ALA D 135 33.42 -14.86 14.06
N VAL D 136 33.23 -16.12 14.52
CA VAL D 136 34.35 -17.00 14.82
C VAL D 136 35.18 -17.26 13.55
N GLU D 137 34.48 -17.46 12.41
CA GLU D 137 35.13 -17.73 11.12
C GLU D 137 35.78 -16.53 10.46
N ASP D 138 35.08 -15.38 10.43
CA ASP D 138 35.49 -14.17 9.72
C ASP D 138 36.14 -13.07 10.55
N TYR D 139 35.87 -13.03 11.86
CA TYR D 139 36.45 -12.01 12.74
C TYR D 139 37.06 -12.66 14.00
N PRO D 140 37.85 -13.77 13.90
CA PRO D 140 38.33 -14.46 15.11
C PRO D 140 39.04 -13.61 16.16
N ASN D 141 39.84 -12.64 15.74
CA ASN D 141 40.53 -11.77 16.69
C ASN D 141 40.18 -10.31 16.43
N ASP D 142 38.92 -10.07 16.03
CA ASP D 142 38.45 -8.74 15.68
C ASP D 142 36.97 -8.49 16.04
N ILE D 143 36.67 -8.43 17.35
CA ILE D 143 35.32 -8.12 17.86
C ILE D 143 34.84 -6.75 17.34
N PRO D 144 35.65 -5.64 17.36
CA PRO D 144 35.16 -4.38 16.78
C PRO D 144 34.74 -4.49 15.31
N GLY D 145 35.53 -5.23 14.51
CA GLY D 145 35.24 -5.50 13.10
C GLY D 145 33.90 -6.20 12.92
N PHE D 146 33.61 -7.20 13.79
CA PHE D 146 32.35 -7.93 13.80
C PHE D 146 31.20 -7.01 14.17
N LEU D 147 31.34 -6.23 15.26
CA LEU D 147 30.30 -5.30 15.72
C LEU D 147 29.97 -4.25 14.67
N SER D 148 31.00 -3.76 13.94
CA SER D 148 30.80 -2.79 12.86
C SER D 148 30.04 -3.42 11.69
N TRP D 149 30.40 -4.68 11.29
CA TRP D 149 29.73 -5.40 10.21
C TRP D 149 28.26 -5.61 10.57
N MET D 150 28.00 -6.02 11.84
CA MET D 150 26.64 -6.25 12.35
C MET D 150 25.79 -4.98 12.30
N LYS D 151 26.36 -3.84 12.76
CA LYS D 151 25.70 -2.52 12.76
C LYS D 151 25.28 -2.10 11.35
N LYS D 152 26.17 -2.31 10.37
CA LYS D 152 25.96 -1.98 8.96
C LYS D 152 24.98 -2.92 8.23
N ASN D 153 25.10 -4.25 8.45
CA ASN D 153 24.35 -5.26 7.71
C ASN D 153 23.12 -5.88 8.39
N VAL D 154 23.01 -5.82 9.72
CA VAL D 154 21.91 -6.47 10.44
C VAL D 154 21.14 -5.51 11.35
N GLY D 155 21.87 -4.74 12.14
CA GLY D 155 21.35 -3.83 13.15
C GLY D 155 21.73 -4.36 14.51
N PRO D 156 20.80 -4.45 15.50
CA PRO D 156 21.17 -5.00 16.82
C PRO D 156 21.67 -6.45 16.73
N VAL D 157 22.63 -6.79 17.58
CA VAL D 157 23.22 -8.12 17.59
C VAL D 157 22.25 -9.14 18.23
N PRO D 158 21.75 -10.16 17.47
CA PRO D 158 20.85 -11.15 18.09
C PRO D 158 21.58 -11.87 19.23
N GLY D 159 20.89 -12.03 20.35
CA GLY D 159 21.46 -12.67 21.53
C GLY D 159 22.11 -11.71 22.50
N ILE D 160 22.13 -10.40 22.16
CA ILE D 160 22.68 -9.34 23.00
C ILE D 160 21.55 -8.39 23.41
N GLY D 161 21.46 -8.07 24.70
CA GLY D 161 20.49 -7.12 25.22
C GLY D 161 19.32 -7.73 25.95
N HIS D 162 18.78 -7.00 26.94
CA HIS D 162 17.61 -7.41 27.71
C HIS D 162 16.91 -6.18 28.28
N ARG D 163 15.59 -6.28 28.44
CA ARG D 163 14.74 -5.19 28.95
C ARG D 163 14.85 -4.98 30.46
N VAL D 164 15.19 -6.04 31.23
CA VAL D 164 15.30 -5.98 32.70
C VAL D 164 16.66 -6.49 33.21
N LYS D 165 17.20 -7.56 32.58
CA LYS D 165 18.49 -8.13 32.98
C LYS D 165 19.64 -7.22 32.55
N SER D 166 20.71 -7.16 33.36
CA SER D 166 21.85 -6.28 33.13
C SER D 166 23.08 -6.78 33.91
N VAL D 167 24.19 -6.01 33.89
CA VAL D 167 25.38 -6.33 34.67
C VAL D 167 24.99 -6.31 36.17
N LYS D 168 24.20 -5.30 36.58
CA LYS D 168 23.72 -5.10 37.95
C LYS D 168 22.64 -6.12 38.33
N ASN D 169 21.81 -6.56 37.36
CA ASN D 169 20.73 -7.52 37.56
C ASN D 169 20.98 -8.74 36.63
N PRO D 170 21.96 -9.62 36.93
CA PRO D 170 22.28 -10.71 35.99
C PRO D 170 21.18 -11.75 35.77
N ASP D 171 21.20 -12.42 34.61
CA ASP D 171 20.24 -13.48 34.33
C ASP D 171 20.88 -14.76 34.84
N GLN D 172 20.33 -15.27 35.97
CA GLN D 172 20.80 -16.49 36.64
C GLN D 172 20.78 -17.71 35.73
N ARG D 173 19.91 -17.71 34.69
CA ARG D 173 19.86 -18.83 33.74
C ARG D 173 21.07 -18.84 32.85
N VAL D 174 21.49 -17.65 32.38
CA VAL D 174 22.70 -17.49 31.56
C VAL D 174 23.94 -17.85 32.40
N LYS D 175 24.06 -17.28 33.61
CA LYS D 175 25.18 -17.55 34.49
C LYS D 175 25.32 -19.03 34.79
N TYR D 176 24.20 -19.71 35.08
CA TYR D 176 24.20 -21.13 35.35
C TYR D 176 24.67 -21.95 34.13
N LEU D 177 24.07 -21.71 32.95
CA LEU D 177 24.39 -22.49 31.76
C LEU D 177 25.83 -22.33 31.35
N VAL D 178 26.32 -21.07 31.36
CA VAL D 178 27.72 -20.78 31.01
C VAL D 178 28.66 -21.47 32.00
N SER D 179 28.39 -21.32 33.31
CA SER D 179 29.23 -21.93 34.34
C SER D 179 29.23 -23.44 34.23
N TYR D 180 28.06 -24.05 33.96
CA TYR D 180 27.99 -25.50 33.84
C TYR D 180 28.85 -25.98 32.64
N ILE D 181 28.65 -25.37 31.48
CA ILE D 181 29.36 -25.82 30.28
C ILE D 181 30.86 -25.51 30.36
N LYS D 182 31.27 -24.43 31.05
CA LYS D 182 32.68 -24.07 31.22
C LYS D 182 33.41 -24.86 32.30
N ASN D 183 32.75 -25.10 33.45
CA ASN D 183 33.39 -25.74 34.60
C ASN D 183 33.06 -27.21 34.82
N GLU D 184 31.95 -27.71 34.23
CA GLU D 184 31.52 -29.08 34.47
C GLU D 184 31.52 -29.96 33.19
N THR D 185 32.05 -29.43 32.06
CA THR D 185 32.25 -30.18 30.82
C THR D 185 33.57 -29.77 30.20
N SER D 186 34.09 -30.56 29.27
CA SER D 186 35.30 -30.19 28.52
C SER D 186 34.93 -29.84 27.07
N LEU D 187 33.60 -29.58 26.83
CA LEU D 187 33.15 -29.23 25.49
C LEU D 187 33.84 -28.00 24.92
N HIS D 188 34.11 -28.04 23.61
CA HIS D 188 34.74 -26.93 22.90
C HIS D 188 33.60 -26.03 22.42
N THR D 189 33.56 -24.80 22.94
CA THR D 189 32.46 -23.86 22.62
C THR D 189 32.96 -22.56 21.98
N PRO D 190 33.52 -22.60 20.73
CA PRO D 190 34.06 -21.35 20.14
C PRO D 190 33.02 -20.24 19.95
N CYS D 191 31.77 -20.58 19.60
CA CYS D 191 30.74 -19.54 19.43
C CYS D 191 30.40 -18.91 20.77
N LEU D 192 30.15 -19.73 21.81
CA LEU D 192 29.84 -19.20 23.12
C LEU D 192 30.99 -18.37 23.65
N ASP D 193 32.24 -18.85 23.48
CA ASP D 193 33.43 -18.10 23.93
C ASP D 193 33.48 -16.72 23.29
N TYR D 194 33.22 -16.67 21.97
CA TYR D 194 33.23 -15.44 21.23
C TYR D 194 32.14 -14.48 21.74
N ALA D 195 30.90 -15.00 21.95
CA ALA D 195 29.79 -14.20 22.47
C ALA D 195 30.10 -13.61 23.85
N LEU D 196 30.80 -14.39 24.70
CA LEU D 196 31.22 -13.92 26.02
C LEU D 196 32.22 -12.78 25.92
N GLU D 197 33.10 -12.83 24.90
CA GLU D 197 34.06 -11.75 24.66
C GLU D 197 33.33 -10.51 24.14
N VAL D 198 32.31 -10.72 23.27
CA VAL D 198 31.47 -9.64 22.73
C VAL D 198 30.74 -8.93 23.89
N GLU D 199 30.19 -9.72 24.83
CA GLU D 199 29.48 -9.22 26.01
C GLU D 199 30.35 -8.27 26.84
N LYS D 200 31.65 -8.58 26.99
CA LYS D 200 32.59 -7.71 27.73
C LYS D 200 32.66 -6.32 27.07
N VAL D 201 32.65 -6.28 25.73
CA VAL D 201 32.71 -5.05 24.93
C VAL D 201 31.37 -4.30 24.98
N THR D 202 30.25 -4.99 24.70
CA THR D 202 28.92 -4.35 24.67
C THR D 202 28.49 -3.82 26.04
N THR D 203 28.70 -4.58 27.14
CA THR D 203 28.32 -4.14 28.50
C THR D 203 29.13 -2.93 28.98
N ALA D 204 30.33 -2.72 28.42
CA ALA D 204 31.17 -1.56 28.74
C ALA D 204 30.50 -0.27 28.25
N LYS D 205 29.75 -0.36 27.13
CA LYS D 205 29.00 0.75 26.54
C LYS D 205 27.70 0.98 27.33
N LYS D 206 26.85 -0.06 27.43
CA LYS D 206 25.57 -0.04 28.15
C LYS D 206 25.43 -1.33 28.97
N GLY D 207 25.11 -1.17 30.26
CA GLY D 207 24.94 -2.27 31.22
C GLY D 207 23.90 -3.32 30.86
N ASN D 208 22.88 -2.95 30.07
CA ASN D 208 21.80 -3.86 29.64
C ASN D 208 22.16 -4.72 28.40
N LEU D 209 23.32 -4.48 27.75
CA LEU D 209 23.73 -5.23 26.55
C LEU D 209 24.45 -6.54 26.91
N ILE D 210 23.80 -7.35 27.75
CA ILE D 210 24.31 -8.63 28.22
C ILE D 210 24.10 -9.70 27.17
N LEU D 211 24.80 -10.83 27.35
CA LEU D 211 24.54 -12.01 26.53
C LEU D 211 23.26 -12.57 27.14
N ASN D 212 22.17 -12.60 26.36
CA ASN D 212 20.88 -13.04 26.88
C ASN D 212 20.70 -14.57 26.71
N VAL D 213 19.59 -15.13 27.21
CA VAL D 213 19.38 -16.57 27.14
C VAL D 213 19.32 -17.09 25.70
N ASP D 214 18.75 -16.30 24.79
CA ASP D 214 18.68 -16.69 23.38
C ASP D 214 20.08 -16.78 22.77
N GLY D 215 20.95 -15.81 23.09
CA GLY D 215 22.32 -15.80 22.60
C GLY D 215 23.13 -16.95 23.15
N THR D 216 22.95 -17.22 24.46
CA THR D 216 23.64 -18.32 25.17
C THR D 216 23.27 -19.65 24.51
N ILE D 217 21.97 -19.94 24.42
CA ILE D 217 21.50 -21.18 23.83
C ILE D 217 21.92 -21.31 22.36
N GLY D 218 21.71 -20.25 21.57
CA GLY D 218 22.06 -20.28 20.16
C GLY D 218 23.53 -20.61 19.92
N CYS D 219 24.43 -20.00 20.70
CA CYS D 219 25.85 -20.28 20.59
C CYS D 219 26.14 -21.73 20.95
N ILE D 220 25.59 -22.19 22.08
CA ILE D 220 25.81 -23.57 22.52
C ILE D 220 25.33 -24.57 21.45
N LEU D 221 24.15 -24.34 20.88
CA LEU D 221 23.65 -25.25 19.84
C LEU D 221 24.53 -25.29 18.59
N MET D 222 25.08 -24.13 18.19
CA MET D 222 26.03 -24.12 17.07
C MET D 222 27.29 -24.91 17.46
N ASP D 223 27.76 -24.74 18.71
CA ASP D 223 28.96 -25.44 19.19
C ASP D 223 28.75 -26.95 19.31
N LEU D 224 27.49 -27.39 19.44
CA LEU D 224 27.19 -28.82 19.53
C LEU D 224 27.35 -29.56 18.20
N ASP D 225 27.51 -28.82 17.09
CA ASP D 225 27.70 -29.39 15.74
C ASP D 225 26.46 -30.22 15.27
N PHE D 226 25.28 -29.70 15.53
CA PHE D 226 24.07 -30.30 15.02
C PHE D 226 23.87 -29.66 13.64
N PRO D 227 23.08 -30.26 12.71
CA PRO D 227 22.86 -29.60 11.42
C PRO D 227 22.31 -28.18 11.61
N VAL D 228 22.79 -27.22 10.80
CA VAL D 228 22.26 -25.85 10.90
C VAL D 228 20.71 -25.84 10.76
N HIS D 229 20.13 -26.65 9.85
N HIS D 229 20.13 -26.68 9.93
CA HIS D 229 18.68 -26.80 9.66
CA HIS D 229 18.66 -26.54 9.82
C HIS D 229 17.96 -27.26 10.95
C HIS D 229 17.95 -27.22 11.00
N SER D 230 18.68 -27.93 11.85
CA SER D 230 18.06 -28.50 13.04
C SER D 230 17.91 -27.60 14.24
N LEU D 231 18.66 -26.50 14.32
CA LEU D 231 18.77 -25.74 15.57
C LEU D 231 17.44 -25.18 16.08
N ASN D 232 16.49 -24.90 15.20
CA ASN D 232 15.16 -24.39 15.64
C ASN D 232 14.39 -25.53 16.35
N GLY D 233 14.79 -26.77 16.13
CA GLY D 233 14.12 -27.92 16.74
C GLY D 233 14.11 -27.89 18.26
N PHE D 234 15.21 -27.39 18.88
CA PHE D 234 15.28 -27.35 20.34
C PHE D 234 14.22 -26.50 20.93
N PHE D 235 13.97 -25.30 20.36
CA PHE D 235 12.92 -24.40 20.88
C PHE D 235 11.53 -24.99 20.56
N VAL D 236 11.35 -25.51 19.32
CA VAL D 236 10.06 -26.11 18.94
C VAL D 236 9.70 -27.25 19.90
N LEU D 237 10.63 -28.19 20.12
CA LEU D 237 10.35 -29.30 21.02
C LEU D 237 10.15 -28.84 22.45
N ALA D 238 11.09 -28.04 22.96
CA ALA D 238 11.00 -27.64 24.37
C ALA D 238 9.67 -26.91 24.63
N ARG D 239 9.30 -25.94 23.76
CA ARG D 239 8.08 -25.14 23.99
C ARG D 239 6.80 -25.97 23.80
N THR D 240 6.89 -27.13 23.11
CA THR D 240 5.76 -28.05 23.03
C THR D 240 5.41 -28.58 24.43
N ILE D 241 6.43 -28.77 25.29
CA ILE D 241 6.16 -29.21 26.67
C ILE D 241 5.24 -28.16 27.34
N GLY D 242 5.64 -26.88 27.28
CA GLY D 242 4.85 -25.80 27.87
C GLY D 242 3.47 -25.66 27.23
N MET D 243 3.39 -25.75 25.88
CA MET D 243 2.08 -25.58 25.21
C MET D 243 1.11 -26.67 25.59
N ILE D 244 1.60 -27.93 25.69
CA ILE D 244 0.73 -29.03 26.16
C ILE D 244 0.28 -28.70 27.60
N GLY D 245 1.23 -28.27 28.45
CA GLY D 245 0.89 -27.90 29.83
C GLY D 245 -0.22 -26.87 29.92
N HIS D 246 -0.13 -25.82 29.08
CA HIS D 246 -1.15 -24.76 29.11
C HIS D 246 -2.51 -25.28 28.65
N TRP D 247 -2.51 -26.18 27.64
CA TRP D 247 -3.76 -26.77 27.17
C TRP D 247 -4.40 -27.57 28.30
N ILE D 248 -3.60 -28.39 29.00
CA ILE D 248 -4.12 -29.21 30.09
C ILE D 248 -4.68 -28.30 31.19
N ASP D 249 -3.94 -27.24 31.53
CA ASP D 249 -4.31 -26.29 32.59
C ASP D 249 -5.69 -25.68 32.29
N GLN D 250 -5.87 -25.18 31.06
CA GLN D 250 -7.14 -24.58 30.67
C GLN D 250 -8.28 -25.62 30.71
N ASN D 251 -8.00 -26.85 30.26
CA ASN D 251 -9.01 -27.90 30.29
C ASN D 251 -9.37 -28.35 31.70
N ASN D 252 -8.37 -28.41 32.61
CA ASN D 252 -8.64 -28.74 34.02
C ASN D 252 -9.59 -27.72 34.65
N GLN D 253 -9.44 -26.46 34.27
CA GLN D 253 -10.23 -25.33 34.77
C GLN D 253 -11.57 -25.18 34.05
N ASN D 254 -11.81 -25.95 32.96
CA ASN D 254 -13.01 -25.80 32.12
C ASN D 254 -13.15 -24.33 31.68
N SER D 255 -12.02 -23.73 31.26
CA SER D 255 -11.96 -22.34 30.83
C SER D 255 -12.90 -22.03 29.69
N ARG D 256 -13.43 -20.82 29.70
CA ARG D 256 -14.40 -20.38 28.71
C ARG D 256 -13.76 -19.71 27.52
N LEU D 257 -14.51 -19.64 26.43
CA LEU D 257 -14.09 -19.00 25.17
C LEU D 257 -13.60 -17.58 25.41
N ILE D 258 -12.51 -17.21 24.72
CA ILE D 258 -11.99 -15.84 24.82
C ILE D 258 -12.57 -15.00 23.68
N ARG D 259 -13.08 -13.82 24.02
CA ARG D 259 -13.51 -12.80 23.05
C ARG D 259 -12.95 -11.51 23.60
N LEU D 260 -12.03 -10.88 22.83
CA LEU D 260 -11.41 -9.67 23.34
C LEU D 260 -12.43 -8.57 23.60
N TYR D 261 -12.30 -7.91 24.76
CA TYR D 261 -13.17 -6.81 25.13
C TYR D 261 -13.00 -5.65 24.13
N ASP D 262 -14.08 -4.90 23.90
CA ASP D 262 -14.05 -3.76 22.98
C ASP D 262 -12.92 -2.76 23.26
N TYR D 263 -12.65 -2.46 24.55
CA TYR D 263 -11.60 -1.51 24.93
C TYR D 263 -10.17 -2.00 24.61
N LEU D 264 -10.02 -3.30 24.29
CA LEU D 264 -8.71 -3.86 23.91
C LEU D 264 -8.46 -3.71 22.41
N ILE D 265 -9.44 -3.15 21.69
CA ILE D 265 -9.30 -2.97 20.25
C ILE D 265 -9.36 -1.49 19.91
N ASN D 266 -8.39 -1.03 19.12
CA ASN D 266 -8.41 0.32 18.60
C ASN D 266 -9.04 0.18 17.21
N TYR D 267 -10.33 0.51 17.09
CA TYR D 267 -11.06 0.43 15.83
C TYR D 267 -10.75 1.68 14.99
N ALA D 268 -9.62 1.66 14.26
CA ALA D 268 -9.25 2.78 13.39
C ALA D 268 -9.83 2.51 11.99
N VAL D 269 -11.17 2.39 11.96
CA VAL D 269 -11.94 1.98 10.78
C VAL D 269 -12.40 3.13 9.91
N LYS D 270 -12.80 2.79 8.68
CA LYS D 270 -13.29 3.75 7.70
C LYS D 270 -14.62 4.37 8.18
N PRO D 271 -14.91 5.64 7.82
CA PRO D 271 -16.23 6.19 8.19
C PRO D 271 -17.32 5.36 7.50
N GLU D 272 -18.45 5.20 8.18
CA GLU D 272 -19.58 4.43 7.67
C GLU D 272 -20.17 5.09 6.44
N GLN D 273 -20.44 4.27 5.42
CA GLN D 273 -21.00 4.75 4.16
C GLN D 273 -22.11 3.82 3.70
N GLU D 274 -23.09 4.39 2.96
CA GLU D 274 -24.17 3.60 2.37
C GLU D 274 -23.60 2.91 1.15
N VAL D 275 -24.10 1.72 0.84
CA VAL D 275 -23.67 0.97 -0.34
C VAL D 275 -24.24 1.63 -1.60
N PRO D 276 -23.40 2.01 -2.60
CA PRO D 276 -23.97 2.60 -3.82
C PRO D 276 -24.60 1.55 -4.72
N GLU D 277 -25.53 1.98 -5.61
CA GLU D 277 -26.15 1.07 -6.56
C GLU D 277 -25.08 0.55 -7.53
N LYS D 278 -25.13 -0.75 -7.84
CA LYS D 278 -24.15 -1.42 -8.70
C LYS D 278 -24.40 -1.12 -10.16
N SER E 19 -29.83 13.99 -19.74
CA SER E 19 -29.78 14.96 -20.83
C SER E 19 -30.66 16.19 -20.56
N HIS E 20 -30.17 17.39 -20.91
CA HIS E 20 -30.92 18.63 -20.71
C HIS E 20 -30.32 19.81 -21.45
N MET E 21 -31.01 20.96 -21.38
CA MET E 21 -30.63 22.22 -22.00
C MET E 21 -29.35 22.73 -21.38
N VAL E 22 -28.44 23.20 -22.21
CA VAL E 22 -27.17 23.73 -21.73
C VAL E 22 -26.99 25.15 -22.18
N GLU E 23 -26.63 26.05 -21.25
CA GLU E 23 -26.29 27.42 -21.62
C GLU E 23 -24.78 27.37 -21.83
N PRO E 24 -24.24 27.87 -22.97
CA PRO E 24 -22.78 27.82 -23.15
C PRO E 24 -22.05 28.48 -22.01
N LEU E 25 -20.92 27.90 -21.65
CA LEU E 25 -20.05 28.40 -20.62
C LEU E 25 -19.23 29.56 -21.17
N ILE E 26 -18.79 29.43 -22.44
CA ILE E 26 -17.96 30.44 -23.09
C ILE E 26 -18.44 30.72 -24.50
N ARG E 27 -18.05 31.88 -25.02
CA ARG E 27 -18.35 32.28 -26.39
C ARG E 27 -17.02 32.63 -27.03
N THR E 28 -16.77 32.09 -28.22
CA THR E 28 -15.52 32.35 -28.94
C THR E 28 -15.83 32.88 -30.34
N THR E 29 -14.98 33.77 -30.89
CA THR E 29 -15.21 34.25 -32.24
C THR E 29 -14.00 34.07 -33.16
N ILE E 30 -12.83 33.67 -32.62
CA ILE E 30 -11.61 33.69 -33.42
C ILE E 30 -11.21 32.40 -34.10
N SER E 31 -11.53 31.22 -33.54
CA SER E 31 -11.03 29.95 -34.11
C SER E 31 -11.94 28.79 -33.81
N ASP E 32 -11.79 27.71 -34.57
CA ASP E 32 -12.68 26.57 -34.46
C ASP E 32 -11.90 25.36 -34.96
N ASP E 33 -12.13 24.22 -34.33
CA ASP E 33 -11.43 22.99 -34.81
C ASP E 33 -12.44 21.88 -35.16
N ARG E 34 -13.72 22.21 -35.24
CA ARG E 34 -14.73 21.18 -35.55
C ARG E 34 -14.75 20.73 -37.02
N GLY E 35 -14.16 21.52 -37.91
CA GLY E 35 -14.10 21.24 -39.34
C GLY E 35 -12.98 20.29 -39.71
N GLU E 36 -12.60 20.26 -41.00
CA GLU E 36 -11.54 19.41 -41.54
C GLU E 36 -10.17 19.74 -40.92
N GLU E 37 -9.96 21.01 -40.61
CA GLU E 37 -8.74 21.47 -39.95
C GLU E 37 -9.08 22.73 -39.20
N PRO E 38 -8.24 23.21 -38.26
CA PRO E 38 -8.57 24.46 -37.57
C PRO E 38 -8.77 25.65 -38.51
N ARG E 39 -9.67 26.57 -38.16
CA ARG E 39 -9.95 27.77 -38.97
C ARG E 39 -9.60 28.98 -38.12
N TYR E 40 -8.71 29.85 -38.62
CA TYR E 40 -8.30 31.09 -37.92
C TYR E 40 -9.05 32.22 -38.58
N ALA E 41 -10.02 32.83 -37.88
CA ALA E 41 -10.86 33.90 -38.41
C ALA E 41 -11.44 33.48 -39.80
N GLY E 42 -11.85 32.22 -39.87
CA GLY E 42 -12.48 31.63 -41.05
C GLY E 42 -11.55 30.97 -42.05
N TYR E 43 -10.21 31.17 -41.92
CA TYR E 43 -9.24 30.64 -42.90
C TYR E 43 -8.52 29.36 -42.44
N ALA E 44 -8.29 28.42 -43.38
CA ALA E 44 -7.55 27.19 -43.06
C ALA E 44 -6.03 27.49 -43.13
N ALA E 45 -5.26 27.05 -42.10
CA ALA E 45 -3.82 27.32 -42.08
C ALA E 45 -3.08 26.69 -43.29
N SER E 46 -3.48 25.47 -43.74
CA SER E 46 -2.82 24.87 -44.90
C SER E 46 -2.96 25.79 -46.13
N GLU E 47 -4.14 26.42 -46.29
CA GLU E 47 -4.40 27.33 -47.43
C GLU E 47 -3.63 28.65 -47.26
N LEU E 48 -3.54 29.16 -45.99
CA LEU E 48 -2.72 30.34 -45.69
C LEU E 48 -1.26 30.03 -46.09
N CYS E 49 -0.72 28.82 -45.74
CA CYS E 49 0.64 28.39 -46.12
C CYS E 49 0.79 28.30 -47.64
N SER E 50 -0.16 27.62 -48.29
CA SER E 50 -0.13 27.39 -49.74
C SER E 50 -0.09 28.70 -50.55
N LYS E 51 -0.80 29.74 -50.07
CA LYS E 51 -0.91 31.01 -50.77
C LYS E 51 0.19 32.04 -50.39
N GLY E 52 1.21 31.60 -49.66
CA GLY E 52 2.37 32.43 -49.34
C GLY E 52 2.28 33.36 -48.14
N TYR E 53 1.27 33.16 -47.27
CA TYR E 53 1.14 33.97 -46.08
C TYR E 53 2.17 33.54 -45.02
N GLY E 54 2.38 34.39 -44.00
CA GLY E 54 3.38 34.16 -42.98
C GLY E 54 2.86 34.18 -41.55
N ILE E 55 3.78 34.03 -40.61
CA ILE E 55 3.46 34.04 -39.18
C ILE E 55 2.74 35.36 -38.83
N GLU E 56 3.27 36.49 -39.38
CA GLU E 56 2.71 37.82 -39.12
C GLU E 56 1.24 37.91 -39.57
N ASP E 57 0.86 37.13 -40.62
CA ASP E 57 -0.53 37.11 -41.11
C ASP E 57 -1.42 36.35 -40.15
N VAL E 58 -0.93 35.22 -39.60
CA VAL E 58 -1.66 34.42 -38.61
C VAL E 58 -1.87 35.27 -37.33
N ILE E 59 -0.87 36.07 -36.96
CA ILE E 59 -0.99 37.00 -35.81
C ILE E 59 -2.18 37.96 -36.08
N GLY E 60 -2.20 38.58 -37.27
CA GLY E 60 -3.29 39.47 -37.63
C GLY E 60 -4.65 38.80 -37.59
N LEU E 61 -4.76 37.56 -38.10
CA LEU E 61 -6.03 36.80 -38.06
C LEU E 61 -6.51 36.51 -36.64
N LEU E 62 -5.62 35.98 -35.80
CA LEU E 62 -6.04 35.55 -34.48
C LEU E 62 -6.24 36.72 -33.50
N TRP E 63 -5.57 37.85 -33.73
CA TRP E 63 -5.66 39.00 -32.81
C TRP E 63 -6.57 40.13 -33.33
N ASN E 64 -6.78 40.20 -34.67
CA ASN E 64 -7.56 41.28 -35.27
C ASN E 64 -8.74 40.75 -36.12
N LYS E 65 -8.82 39.40 -36.32
CA LYS E 65 -9.86 38.75 -37.13
C LYS E 65 -9.92 39.18 -38.59
N LYS E 66 -8.79 39.64 -39.11
CA LYS E 66 -8.68 39.95 -40.52
C LYS E 66 -7.28 39.82 -40.97
N LEU E 67 -7.17 39.52 -42.24
CA LEU E 67 -5.90 39.32 -42.87
C LEU E 67 -5.21 40.70 -43.01
N PRO E 68 -3.97 40.88 -42.46
CA PRO E 68 -3.33 42.20 -42.57
C PRO E 68 -3.05 42.59 -44.01
N THR E 69 -2.91 43.90 -44.25
CA THR E 69 -2.48 44.37 -45.57
C THR E 69 -0.96 44.05 -45.64
N ARG E 70 -0.37 44.14 -46.84
CA ARG E 70 1.07 43.92 -47.01
C ARG E 70 1.88 44.86 -46.11
N GLU E 71 1.49 46.16 -46.06
CA GLU E 71 2.14 47.17 -45.21
C GLU E 71 2.07 46.79 -43.72
N GLU E 72 0.90 46.41 -43.24
CA GLU E 72 0.71 46.03 -41.81
C GLU E 72 1.55 44.79 -41.52
N SER E 73 1.51 43.80 -42.41
CA SER E 73 2.28 42.53 -42.26
C SER E 73 3.75 42.84 -42.02
N GLU E 74 4.31 43.70 -42.87
CA GLU E 74 5.75 44.03 -42.80
C GLU E 74 6.10 44.75 -41.50
N ILE E 75 5.19 45.54 -40.98
CA ILE E 75 5.44 46.23 -39.68
C ILE E 75 5.35 45.19 -38.55
N ILE E 76 4.31 44.36 -38.55
CA ILE E 76 4.17 43.30 -37.51
C ILE E 76 5.44 42.44 -37.48
N LYS E 77 5.89 41.98 -38.64
CA LYS E 77 7.11 41.15 -38.73
C LYS E 77 8.30 41.86 -38.06
N ARG E 78 8.52 43.13 -38.40
CA ARG E 78 9.66 43.88 -37.83
C ARG E 78 9.53 44.12 -36.32
N ILE E 79 8.31 44.43 -35.83
CA ILE E 79 8.11 44.64 -34.40
C ILE E 79 8.52 43.36 -33.64
N VAL E 80 8.05 42.22 -34.13
CA VAL E 80 8.34 40.94 -33.45
C VAL E 80 9.84 40.63 -33.50
N MET E 81 10.48 40.79 -34.68
CA MET E 81 11.91 40.51 -34.79
C MET E 81 12.76 41.41 -33.88
N ILE E 82 12.44 42.71 -33.83
CA ILE E 82 13.18 43.70 -33.03
C ILE E 82 13.04 43.44 -31.53
N SER E 83 11.87 42.94 -31.10
CA SER E 83 11.55 42.74 -29.69
C SER E 83 11.82 41.32 -29.17
N ALA E 84 12.29 40.39 -30.04
CA ALA E 84 12.44 38.97 -29.70
C ALA E 84 13.27 38.68 -28.45
N ASP E 85 14.39 39.41 -28.29
CA ASP E 85 15.20 39.20 -27.09
C ASP E 85 16.05 40.41 -26.79
N HIS E 86 16.36 40.60 -25.51
CA HIS E 86 17.24 41.69 -25.11
C HIS E 86 18.21 41.25 -24.03
N GLY E 87 18.73 40.05 -24.20
CA GLY E 87 19.74 39.50 -23.30
C GLY E 87 19.18 38.88 -22.03
N PRO E 88 20.08 38.24 -21.27
CA PRO E 88 19.64 37.47 -20.10
C PRO E 88 19.40 38.25 -18.81
N ALA E 89 19.77 39.52 -18.78
CA ALA E 89 19.71 40.30 -17.53
C ALA E 89 18.34 40.81 -17.17
N VAL E 90 17.46 40.95 -18.18
CA VAL E 90 16.10 41.50 -18.03
C VAL E 90 15.16 40.46 -17.42
N SER E 91 14.12 40.94 -16.71
CA SER E 91 13.27 40.12 -15.87
C SER E 91 12.68 38.87 -16.55
N GLY E 92 12.16 38.98 -17.78
CA GLY E 92 11.54 37.84 -18.46
C GLY E 92 12.54 36.75 -18.76
N ALA E 93 13.65 37.14 -19.39
CA ALA E 93 14.69 36.18 -19.72
C ALA E 93 15.28 35.59 -18.44
N PHE E 94 15.55 36.43 -17.42
CA PHE E 94 16.14 35.94 -16.18
C PHE E 94 15.19 34.97 -15.45
N GLY E 95 13.90 35.27 -15.44
CA GLY E 95 12.91 34.38 -14.83
C GLY E 95 12.94 33.00 -15.50
N SER E 96 13.02 32.99 -16.86
CA SER E 96 13.09 31.73 -17.61
C SER E 96 14.39 30.97 -17.29
N ILE E 97 15.52 31.72 -17.18
CA ILE E 97 16.80 31.11 -16.82
C ILE E 97 16.77 30.52 -15.40
N LEU E 98 16.21 31.25 -14.45
CA LEU E 98 16.12 30.79 -13.07
C LEU E 98 15.36 29.44 -13.04
N ALA E 99 14.21 29.37 -13.75
CA ALA E 99 13.45 28.14 -13.78
C ALA E 99 14.21 27.04 -14.54
N ALA E 100 14.89 27.38 -15.65
CA ALA E 100 15.67 26.39 -16.41
C ALA E 100 16.72 25.77 -15.46
N CYS E 101 17.41 26.64 -14.70
CA CYS E 101 18.45 26.17 -13.77
C CYS E 101 17.89 25.37 -12.60
N ALA E 102 16.61 25.61 -12.27
CA ALA E 102 15.93 24.84 -11.22
C ALA E 102 15.35 23.50 -11.80
N GLY E 103 15.67 23.19 -13.07
CA GLY E 103 15.27 21.93 -13.68
C GLY E 103 13.82 21.86 -14.11
N ILE E 104 13.19 23.05 -14.27
CA ILE E 104 11.80 23.11 -14.67
C ILE E 104 11.69 22.93 -16.19
N ASP E 105 10.64 22.22 -16.64
CA ASP E 105 10.44 21.99 -18.08
C ASP E 105 10.16 23.31 -18.82
N MET E 106 10.44 23.32 -20.13
CA MET E 106 10.36 24.53 -20.93
C MET E 106 9.06 25.34 -20.81
N PRO E 107 7.86 24.75 -21.01
CA PRO E 107 6.66 25.62 -21.02
C PRO E 107 6.44 26.29 -19.66
N GLN E 108 6.69 25.56 -18.58
CA GLN E 108 6.47 26.10 -17.24
C GLN E 108 7.54 27.16 -16.92
N ALA E 109 8.80 26.92 -17.35
CA ALA E 109 9.87 27.90 -17.14
C ALA E 109 9.57 29.21 -17.90
N VAL E 110 9.15 29.09 -19.19
CA VAL E 110 8.82 30.27 -19.97
C VAL E 110 7.58 30.98 -19.36
N SER E 111 6.62 30.21 -18.80
CA SER E 111 5.49 30.84 -18.14
C SER E 111 5.93 31.73 -16.95
N ALA E 112 6.99 31.32 -16.19
CA ALA E 112 7.49 32.16 -15.10
C ALA E 112 8.11 33.45 -15.65
N GLY E 113 8.85 33.34 -16.76
CA GLY E 113 9.44 34.55 -17.35
C GLY E 113 8.33 35.46 -17.88
N MET E 114 7.31 34.87 -18.54
CA MET E 114 6.20 35.65 -19.08
C MET E 114 5.45 36.41 -17.98
N THR E 115 5.37 35.80 -16.78
CA THR E 115 4.68 36.45 -15.66
C THR E 115 5.33 37.81 -15.29
N MET E 116 6.61 38.00 -15.66
CA MET E 116 7.32 39.25 -15.34
C MET E 116 6.86 40.42 -16.23
N ILE E 117 6.15 40.13 -17.33
CA ILE E 117 5.74 41.16 -18.29
C ILE E 117 4.58 41.93 -17.70
N GLY E 118 4.76 43.22 -17.59
CA GLY E 118 3.79 44.08 -16.94
C GLY E 118 4.17 45.54 -16.98
N PRO E 119 3.78 46.31 -15.95
CA PRO E 119 3.99 47.77 -16.00
C PRO E 119 5.43 48.21 -16.15
N ARG E 120 6.37 47.43 -15.61
CA ARG E 120 7.79 47.84 -15.59
C ARG E 120 8.65 47.16 -16.63
N PHE E 121 8.20 46.01 -17.10
CA PHE E 121 8.99 45.26 -18.10
C PHE E 121 8.11 44.84 -19.27
N GLY E 122 8.24 45.57 -20.36
CA GLY E 122 7.65 45.22 -21.67
C GLY E 122 6.16 45.23 -21.84
N GLY E 123 5.39 45.50 -20.79
CA GLY E 123 3.91 45.53 -20.84
C GLY E 123 3.42 46.96 -20.76
N ALA E 124 4.32 47.92 -20.99
CA ALA E 124 4.07 49.39 -21.00
C ALA E 124 3.54 49.85 -22.37
N VAL E 125 3.65 48.99 -23.37
CA VAL E 125 3.22 49.29 -24.77
C VAL E 125 1.75 49.72 -24.83
N THR E 126 0.85 48.94 -24.24
CA THR E 126 -0.59 49.28 -24.28
C THR E 126 -0.83 50.66 -23.63
N ASN E 127 -0.26 50.92 -22.45
CA ASN E 127 -0.52 52.20 -21.75
C ASN E 127 0.18 53.38 -22.47
N ALA E 128 1.38 53.16 -23.03
CA ALA E 128 2.11 54.25 -23.74
C ALA E 128 1.46 54.62 -25.09
N GLY E 129 0.80 53.66 -25.74
CA GLY E 129 0.03 53.97 -26.95
C GLY E 129 -1.23 54.71 -26.55
N LYS E 130 -1.74 54.44 -25.36
CA LYS E 130 -2.96 55.08 -24.82
C LYS E 130 -2.71 56.58 -24.59
N TYR E 131 -1.60 56.94 -23.94
CA TYR E 131 -1.26 58.32 -23.59
C TYR E 131 -0.77 59.15 -24.76
N PHE E 132 -0.01 58.56 -25.72
CA PHE E 132 0.38 59.36 -26.89
C PHE E 132 -0.80 59.58 -27.83
N VAL E 213 11.49 51.13 -26.40
CA VAL E 213 10.86 50.49 -27.59
C VAL E 213 9.41 50.13 -27.25
N ASP E 214 8.96 50.45 -26.04
CA ASP E 214 7.54 50.19 -25.73
C ASP E 214 6.73 51.34 -26.33
N GLY E 215 7.37 52.51 -26.49
CA GLY E 215 6.73 53.74 -27.00
C GLY E 215 6.69 53.83 -28.51
N THR E 216 7.78 53.44 -29.20
CA THR E 216 7.78 53.45 -30.68
C THR E 216 6.75 52.43 -31.14
N ILE E 217 6.81 51.23 -30.57
CA ILE E 217 5.88 50.11 -30.90
C ILE E 217 4.47 50.50 -30.50
N GLY E 218 4.32 51.03 -29.28
CA GLY E 218 2.98 51.44 -28.82
C GLY E 218 2.36 52.45 -29.77
N CYS E 219 3.12 53.48 -30.13
CA CYS E 219 2.66 54.51 -31.06
C CYS E 219 2.32 53.91 -32.40
N ILE E 220 3.25 53.08 -32.95
CA ILE E 220 3.03 52.45 -34.26
C ILE E 220 1.76 51.61 -34.24
N LEU E 221 1.57 50.81 -33.19
CA LEU E 221 0.37 49.96 -33.12
C LEU E 221 -0.93 50.76 -33.06
N MET E 222 -0.93 51.91 -32.35
CA MET E 222 -2.09 52.80 -32.30
C MET E 222 -2.33 53.40 -33.67
N ASP E 223 -1.25 53.81 -34.36
CA ASP E 223 -1.34 54.39 -35.69
C ASP E 223 -1.83 53.38 -36.74
N LEU E 224 -1.63 52.08 -36.47
CA LEU E 224 -2.09 50.97 -37.32
C LEU E 224 -3.56 50.66 -37.01
N ASP E 225 -4.13 51.30 -35.97
CA ASP E 225 -5.52 51.13 -35.53
C ASP E 225 -5.80 49.66 -35.15
N PHE E 226 -4.81 48.99 -34.54
CA PHE E 226 -4.98 47.61 -34.09
C PHE E 226 -5.81 47.64 -32.80
N PRO E 227 -6.57 46.56 -32.46
CA PRO E 227 -7.41 46.64 -31.24
C PRO E 227 -6.59 47.04 -30.01
N VAL E 228 -7.12 47.95 -29.18
CA VAL E 228 -6.42 48.42 -27.97
C VAL E 228 -6.01 47.22 -27.07
N HIS E 229 -6.89 46.21 -26.94
CA HIS E 229 -6.58 45.03 -26.10
C HIS E 229 -5.42 44.19 -26.63
N SER E 230 -5.07 44.36 -27.92
CA SER E 230 -4.02 43.56 -28.52
C SER E 230 -2.59 44.05 -28.29
N LEU E 231 -2.41 45.32 -27.91
CA LEU E 231 -1.10 45.94 -27.94
C LEU E 231 0.00 45.20 -27.18
N ASN E 232 -0.30 44.72 -25.96
CA ASN E 232 0.72 43.97 -25.21
C ASN E 232 1.13 42.64 -25.86
N GLY E 233 0.27 42.11 -26.73
CA GLY E 233 0.54 40.82 -27.37
C GLY E 233 1.83 40.77 -28.15
N PHE E 234 2.19 41.87 -28.82
CA PHE E 234 3.41 41.93 -29.62
C PHE E 234 4.64 41.67 -28.77
N PHE E 235 4.75 42.32 -27.59
CA PHE E 235 5.90 42.08 -26.74
C PHE E 235 5.82 40.68 -26.11
N VAL E 236 4.61 40.27 -25.64
CA VAL E 236 4.48 38.93 -25.03
C VAL E 236 4.93 37.84 -26.03
N LEU E 237 4.39 37.88 -27.25
CA LEU E 237 4.78 36.87 -28.25
C LEU E 237 6.27 36.99 -28.61
N ALA E 238 6.74 38.21 -28.94
CA ALA E 238 8.11 38.35 -29.38
C ALA E 238 9.08 37.85 -28.32
N ARG E 239 8.88 38.29 -27.07
CA ARG E 239 9.82 37.90 -26.00
C ARG E 239 9.75 36.39 -25.66
N THR E 240 8.63 35.72 -26.01
CA THR E 240 8.54 34.27 -25.82
C THR E 240 9.64 33.60 -26.68
N ILE E 241 9.95 34.17 -27.87
CA ILE E 241 11.01 33.60 -28.70
C ILE E 241 12.33 33.61 -27.88
N GLY E 242 12.67 34.77 -27.30
CA GLY E 242 13.90 34.88 -26.51
C GLY E 242 13.87 34.00 -25.27
N MET E 243 12.71 33.96 -24.56
CA MET E 243 12.65 33.18 -23.32
C MET E 243 12.82 31.67 -23.58
N ILE E 244 12.22 31.18 -24.68
CA ILE E 244 12.43 29.78 -25.09
C ILE E 244 13.94 29.60 -25.37
N GLY E 245 14.54 30.54 -26.12
CA GLY E 245 15.95 30.48 -26.45
C GLY E 245 16.83 30.38 -25.21
N HIS E 246 16.54 31.21 -24.20
CA HIS E 246 17.36 31.15 -22.96
C HIS E 246 17.18 29.83 -22.20
N TRP E 247 15.96 29.28 -22.22
CA TRP E 247 15.71 27.98 -21.57
C TRP E 247 16.56 26.90 -22.29
N ILE E 248 16.53 26.91 -23.63
CA ILE E 248 17.30 25.92 -24.43
C ILE E 248 18.78 26.08 -24.11
N ASP E 249 19.26 27.33 -24.09
CA ASP E 249 20.67 27.65 -23.85
C ASP E 249 21.14 27.07 -22.51
N GLN E 250 20.36 27.31 -21.44
CA GLN E 250 20.73 26.80 -20.13
C GLN E 250 20.72 25.28 -20.10
N ASN E 251 19.72 24.66 -20.77
CA ASN E 251 19.66 23.21 -20.81
C ASN E 251 20.80 22.59 -21.64
N ASN E 252 21.20 23.25 -22.73
CA ASN E 252 22.35 22.77 -23.55
C ASN E 252 23.62 22.75 -22.69
N GLN E 253 23.77 23.77 -21.81
CA GLN E 253 24.94 23.92 -20.93
C GLN E 253 24.84 23.06 -19.67
N ASN E 254 23.70 22.38 -19.43
CA ASN E 254 23.45 21.60 -18.20
C ASN E 254 23.66 22.50 -16.98
N SER E 255 23.20 23.76 -17.05
CA SER E 255 23.40 24.72 -15.97
C SER E 255 22.81 24.24 -14.66
N ARG E 256 23.54 24.51 -13.58
CA ARG E 256 23.10 24.08 -12.27
C ARG E 256 22.18 25.11 -11.62
N LEU E 257 21.53 24.65 -10.55
CA LEU E 257 20.63 25.46 -9.74
C LEU E 257 21.29 26.77 -9.31
N ILE E 258 20.53 27.87 -9.39
CA ILE E 258 21.00 29.17 -8.94
C ILE E 258 20.58 29.36 -7.49
N ARG E 259 21.53 29.75 -6.64
CA ARG E 259 21.25 30.21 -5.28
C ARG E 259 22.04 31.50 -5.19
N LEU E 260 21.34 32.63 -5.03
CA LEU E 260 21.96 33.95 -5.03
C LEU E 260 23.07 34.05 -3.99
N TYR E 261 24.25 34.55 -4.41
CA TYR E 261 25.38 34.68 -3.50
C TYR E 261 25.05 35.57 -2.31
N ASP E 262 25.54 35.20 -1.13
CA ASP E 262 25.24 35.94 0.10
C ASP E 262 25.56 37.43 0.02
N TYR E 263 26.70 37.79 -0.64
CA TYR E 263 27.13 39.18 -0.78
C TYR E 263 26.20 40.03 -1.64
N LEU E 264 25.31 39.38 -2.42
CA LEU E 264 24.35 40.09 -3.25
C LEU E 264 23.07 40.42 -2.48
N ILE E 265 22.99 40.00 -1.21
CA ILE E 265 21.81 40.24 -0.39
C ILE E 265 22.15 41.13 0.78
N ASN E 266 21.33 42.18 0.97
CA ASN E 266 21.42 43.06 2.12
C ASN E 266 20.41 42.49 3.11
N TYR E 267 20.89 41.72 4.10
CA TYR E 267 20.01 41.14 5.12
C TYR E 267 19.70 42.21 6.19
N ALA E 268 18.69 43.07 5.90
CA ALA E 268 18.28 44.15 6.82
C ALA E 268 17.22 43.57 7.75
N VAL E 269 17.60 42.53 8.50
CA VAL E 269 16.71 41.73 9.31
C VAL E 269 16.61 42.23 10.73
N LYS E 270 15.55 41.82 11.43
CA LYS E 270 15.31 42.18 12.83
C LYS E 270 16.39 41.59 13.73
N PRO E 271 16.81 42.29 14.81
CA PRO E 271 17.76 41.68 15.75
C PRO E 271 17.16 40.37 16.28
N GLU E 272 18.00 39.36 16.51
CA GLU E 272 17.55 38.06 16.99
C GLU E 272 16.98 38.15 18.38
N GLN E 273 15.80 37.55 18.57
CA GLN E 273 15.05 37.53 19.85
C GLN E 273 14.65 36.10 20.26
N GLU E 274 14.56 35.87 21.56
CA GLU E 274 14.08 34.58 22.06
C GLU E 274 12.57 34.57 21.91
N VAL E 275 11.99 33.39 21.70
CA VAL E 275 10.51 33.28 21.60
C VAL E 275 9.93 33.30 23.02
N PRO E 276 8.96 34.16 23.35
CA PRO E 276 8.33 34.15 24.69
C PRO E 276 7.31 33.01 24.87
N GLU E 277 7.08 32.61 26.11
CA GLU E 277 6.10 31.54 26.40
C GLU E 277 4.71 32.06 26.09
N LYS E 278 3.88 31.20 25.52
CA LYS E 278 2.53 31.57 25.05
C LYS E 278 1.56 31.46 26.22
N SER F 19 -8.76 4.58 32.77
CA SER F 19 -8.48 3.74 33.94
C SER F 19 -9.66 2.78 34.21
N HIS F 20 -9.62 1.60 33.55
CA HIS F 20 -10.65 0.54 33.58
C HIS F 20 -10.43 -0.50 34.70
N MET F 21 -11.55 -1.03 35.23
CA MET F 21 -11.54 -2.20 36.10
C MET F 21 -11.47 -3.33 35.04
N VAL F 22 -10.60 -4.33 35.22
CA VAL F 22 -10.37 -5.40 34.23
C VAL F 22 -10.78 -6.78 34.74
N GLU F 23 -11.60 -7.48 33.96
CA GLU F 23 -11.97 -8.86 34.25
C GLU F 23 -10.93 -9.70 33.51
N PRO F 24 -10.18 -10.60 34.17
CA PRO F 24 -9.18 -11.37 33.42
C PRO F 24 -9.79 -12.19 32.30
N LEU F 25 -9.06 -12.30 31.19
CA LEU F 25 -9.49 -13.09 30.03
C LEU F 25 -9.26 -14.56 30.33
N ILE F 26 -8.16 -14.87 31.04
CA ILE F 26 -7.78 -16.24 31.35
C ILE F 26 -7.30 -16.39 32.79
N ARG F 27 -7.30 -17.63 33.29
CA ARG F 27 -6.73 -17.99 34.59
C ARG F 27 -5.69 -19.08 34.32
N THR F 28 -4.46 -18.89 34.80
CA THR F 28 -3.34 -19.83 34.61
C THR F 28 -2.81 -20.29 35.96
N THR F 29 -2.36 -21.55 36.06
CA THR F 29 -1.86 -22.08 37.33
C THR F 29 -0.52 -22.77 37.20
N ILE F 30 -0.02 -23.00 35.95
CA ILE F 30 1.19 -23.84 35.82
C ILE F 30 2.53 -23.14 35.74
N SER F 31 2.59 -21.90 35.24
CA SER F 31 3.89 -21.25 35.03
C SER F 31 3.79 -19.75 35.12
N ASP F 32 4.92 -19.11 35.42
CA ASP F 32 4.96 -17.68 35.64
C ASP F 32 6.31 -17.14 35.23
N ASP F 33 6.33 -16.11 34.38
CA ASP F 33 7.61 -15.50 34.01
C ASP F 33 7.81 -14.08 34.60
N ARG F 34 6.88 -13.64 35.45
CA ARG F 34 7.00 -12.29 36.05
C ARG F 34 8.17 -12.12 37.05
N GLY F 35 8.63 -13.22 37.65
CA GLY F 35 9.71 -13.25 38.62
C GLY F 35 11.08 -13.13 37.98
N GLU F 36 12.13 -13.51 38.74
CA GLU F 36 13.53 -13.42 38.30
C GLU F 36 13.82 -14.31 37.12
N GLU F 37 13.12 -15.45 37.02
CA GLU F 37 13.22 -16.39 35.90
C GLU F 37 11.92 -17.16 35.85
N PRO F 38 11.57 -17.82 34.71
CA PRO F 38 10.31 -18.60 34.68
C PRO F 38 10.23 -19.65 35.79
N ARG F 39 9.02 -19.91 36.31
CA ARG F 39 8.75 -20.87 37.39
C ARG F 39 7.77 -21.90 36.87
N TYR F 40 8.12 -23.19 36.91
CA TYR F 40 7.27 -24.32 36.48
C TYR F 40 6.70 -24.96 37.75
N ALA F 41 5.39 -24.81 37.98
CA ALA F 41 4.73 -25.33 39.21
C ALA F 41 5.49 -24.87 40.47
N GLY F 42 5.97 -23.62 40.44
CA GLY F 42 6.69 -22.97 41.53
C GLY F 42 8.20 -23.15 41.54
N TYR F 43 8.76 -24.01 40.66
CA TYR F 43 10.20 -24.27 40.65
C TYR F 43 10.94 -23.54 39.55
N ALA F 44 12.11 -22.98 39.87
CA ALA F 44 12.95 -22.27 38.88
C ALA F 44 13.66 -23.32 37.98
N ALA F 45 13.68 -23.13 36.63
CA ALA F 45 14.34 -24.11 35.74
C ALA F 45 15.82 -24.31 36.03
N SER F 46 16.56 -23.20 36.23
CA SER F 46 17.99 -23.31 36.50
C SER F 46 18.26 -24.17 37.73
N GLU F 47 17.38 -24.10 38.75
CA GLU F 47 17.53 -24.87 39.99
C GLU F 47 17.23 -26.36 39.75
N LEU F 48 16.25 -26.65 38.86
CA LEU F 48 15.95 -28.02 38.45
C LEU F 48 17.19 -28.59 37.72
N CYS F 49 17.83 -27.77 36.87
CA CYS F 49 19.06 -28.18 36.16
C CYS F 49 20.17 -28.44 37.16
N SER F 50 20.40 -27.47 38.07
CA SER F 50 21.47 -27.53 39.08
C SER F 50 21.41 -28.76 39.97
N LYS F 51 20.18 -29.19 40.32
CA LYS F 51 19.99 -30.31 41.23
C LYS F 51 19.87 -31.70 40.52
N GLY F 52 20.18 -31.74 39.21
CA GLY F 52 20.23 -32.97 38.44
C GLY F 52 18.95 -33.52 37.87
N TYR F 53 17.89 -32.70 37.82
CA TYR F 53 16.62 -33.13 37.25
C TYR F 53 16.70 -33.14 35.72
N GLY F 54 15.72 -33.77 35.06
CA GLY F 54 15.73 -33.92 33.62
C GLY F 54 14.50 -33.41 32.89
N ILE F 55 14.45 -33.63 31.57
CA ILE F 55 13.30 -33.22 30.75
C ILE F 55 12.02 -33.88 31.30
N GLU F 56 12.12 -35.17 31.67
CA GLU F 56 10.98 -35.93 32.20
C GLU F 56 10.40 -35.29 33.49
N ASP F 57 11.26 -34.64 34.29
CA ASP F 57 10.81 -33.95 35.49
C ASP F 57 10.06 -32.65 35.17
N VAL F 58 10.53 -31.92 34.13
CA VAL F 58 9.86 -30.70 33.66
C VAL F 58 8.48 -31.07 33.07
N ILE F 59 8.38 -32.23 32.37
CA ILE F 59 7.10 -32.74 31.85
C ILE F 59 6.14 -32.94 33.04
N GLY F 60 6.61 -33.63 34.08
CA GLY F 60 5.77 -33.88 35.26
C GLY F 60 5.28 -32.58 35.87
N LEU F 61 6.17 -31.56 35.99
CA LEU F 61 5.81 -30.27 36.58
C LEU F 61 4.79 -29.49 35.76
N LEU F 62 5.02 -29.39 34.46
CA LEU F 62 4.11 -28.58 33.64
C LEU F 62 2.79 -29.26 33.31
N TRP F 63 2.73 -30.60 33.36
CA TRP F 63 1.50 -31.30 33.02
C TRP F 63 0.73 -31.83 34.22
N ASN F 64 1.43 -32.03 35.34
CA ASN F 64 0.84 -32.62 36.55
C ASN F 64 1.04 -31.74 37.80
N LYS F 65 1.83 -30.64 37.69
CA LYS F 65 2.12 -29.70 38.79
C LYS F 65 2.78 -30.40 40.01
N LYS F 66 3.51 -31.49 39.72
CA LYS F 66 4.18 -32.30 40.73
C LYS F 66 5.53 -32.76 40.20
N LEU F 67 6.55 -32.67 41.05
CA LEU F 67 7.87 -33.15 40.72
C LEU F 67 7.78 -34.70 40.80
N PRO F 68 8.03 -35.42 39.69
CA PRO F 68 7.95 -36.89 39.75
C PRO F 68 8.93 -37.52 40.73
N THR F 69 8.59 -38.70 41.24
CA THR F 69 9.53 -39.46 42.06
C THR F 69 10.54 -40.05 41.06
N ARG F 70 11.66 -40.60 41.55
CA ARG F 70 12.68 -41.23 40.70
C ARG F 70 12.04 -42.31 39.81
N GLU F 71 11.21 -43.16 40.40
CA GLU F 71 10.50 -44.24 39.70
C GLU F 71 9.59 -43.70 38.57
N GLU F 72 8.80 -42.67 38.88
CA GLU F 72 7.89 -42.06 37.90
C GLU F 72 8.69 -41.42 36.75
N SER F 73 9.81 -40.74 37.09
CA SER F 73 10.64 -40.10 36.05
C SER F 73 11.27 -41.11 35.11
N GLU F 74 11.70 -42.28 35.64
CA GLU F 74 12.27 -43.35 34.79
C GLU F 74 11.23 -43.90 33.83
N ILE F 75 9.98 -43.97 34.26
CA ILE F 75 8.88 -44.43 33.41
C ILE F 75 8.55 -43.38 32.34
N ILE F 76 8.38 -42.08 32.75
CA ILE F 76 8.10 -40.99 31.81
C ILE F 76 9.18 -40.96 30.71
N LYS F 77 10.47 -41.02 31.12
CA LYS F 77 11.57 -41.01 30.17
C LYS F 77 11.42 -42.13 29.11
N ARG F 78 11.13 -43.36 29.58
CA ARG F 78 10.99 -44.50 28.66
C ARG F 78 9.77 -44.38 27.75
N ILE F 79 8.63 -43.86 28.28
CA ILE F 79 7.44 -43.68 27.42
C ILE F 79 7.80 -42.74 26.24
N VAL F 80 8.47 -41.63 26.55
CA VAL F 80 8.81 -40.65 25.50
C VAL F 80 9.81 -41.26 24.51
N MET F 81 10.86 -41.93 25.02
CA MET F 81 11.86 -42.53 24.14
C MET F 81 11.26 -43.57 23.20
N ILE F 82 10.40 -44.45 23.74
CA ILE F 82 9.78 -45.54 22.96
C ILE F 82 8.83 -45.02 21.91
N SER F 83 8.19 -43.86 22.17
CA SER F 83 7.15 -43.30 21.31
C SER F 83 7.64 -42.19 20.36
N ALA F 84 8.97 -41.87 20.39
CA ALA F 84 9.51 -40.74 19.65
C ALA F 84 9.26 -40.78 18.15
N ASP F 85 9.29 -41.97 17.54
CA ASP F 85 9.01 -42.09 16.12
C ASP F 85 8.64 -43.51 15.76
N HIS F 86 7.83 -43.65 14.71
CA HIS F 86 7.51 -44.98 14.20
C HIS F 86 7.51 -44.99 12.67
N GLY F 87 8.52 -44.32 12.11
CA GLY F 87 8.72 -44.31 10.67
C GLY F 87 7.90 -43.27 9.93
N PRO F 88 8.14 -43.15 8.62
CA PRO F 88 7.52 -42.07 7.85
C PRO F 88 6.16 -42.38 7.26
N ALA F 89 5.67 -43.64 7.41
CA ALA F 89 4.40 -44.04 6.76
C ALA F 89 3.19 -43.54 7.48
N VAL F 90 3.34 -43.30 8.80
CA VAL F 90 2.22 -42.92 9.69
C VAL F 90 1.87 -41.45 9.49
N SER F 91 0.61 -41.08 9.75
CA SER F 91 0.05 -39.77 9.40
C SER F 91 0.84 -38.56 9.91
N GLY F 92 1.28 -38.55 11.17
CA GLY F 92 2.01 -37.40 11.70
C GLY F 92 3.35 -37.16 11.00
N ALA F 93 4.15 -38.23 10.89
CA ALA F 93 5.44 -38.12 10.21
C ALA F 93 5.20 -37.77 8.73
N PHE F 94 4.23 -38.44 8.07
CA PHE F 94 3.99 -38.17 6.64
C PHE F 94 3.53 -36.72 6.42
N GLY F 95 2.66 -36.22 7.29
CA GLY F 95 2.20 -34.82 7.21
C GLY F 95 3.39 -33.85 7.29
N SER F 96 4.33 -34.12 8.23
CA SER F 96 5.52 -33.25 8.39
C SER F 96 6.42 -33.34 7.14
N ILE F 97 6.51 -34.55 6.54
CA ILE F 97 7.30 -34.76 5.32
C ILE F 97 6.67 -34.02 4.14
N LEU F 98 5.35 -34.11 4.00
CA LEU F 98 4.65 -33.41 2.92
C LEU F 98 4.94 -31.90 3.00
N ALA F 99 4.85 -31.31 4.21
CA ALA F 99 5.13 -29.88 4.38
C ALA F 99 6.61 -29.58 4.17
N ALA F 100 7.51 -30.47 4.65
CA ALA F 100 8.96 -30.25 4.42
C ALA F 100 9.24 -30.21 2.91
N CYS F 101 8.62 -31.16 2.16
CA CYS F 101 8.84 -31.21 0.70
C CYS F 101 8.21 -30.02 -0.02
N ALA F 102 7.20 -29.40 0.61
CA ALA F 102 6.56 -28.20 0.07
C ALA F 102 7.36 -26.92 0.43
N GLY F 103 8.51 -27.11 1.09
CA GLY F 103 9.40 -25.99 1.42
C GLY F 103 8.94 -25.17 2.61
N ILE F 104 8.03 -25.72 3.42
CA ILE F 104 7.52 -25.02 4.60
C ILE F 104 8.54 -25.10 5.74
N ASP F 105 8.62 -24.03 6.54
N ASP F 105 8.72 -24.01 6.51
CA ASP F 105 9.52 -23.92 7.70
CA ASP F 105 9.68 -24.03 7.61
C ASP F 105 9.18 -24.99 8.75
C ASP F 105 9.24 -25.02 8.69
N MET F 106 10.21 -25.43 9.50
CA MET F 106 10.05 -26.48 10.50
C MET F 106 8.85 -26.36 11.42
N PRO F 107 8.63 -25.25 12.16
CA PRO F 107 7.55 -25.26 13.15
C PRO F 107 6.19 -25.46 12.49
N GLN F 108 6.01 -24.78 11.34
CA GLN F 108 4.74 -24.88 10.61
C GLN F 108 4.55 -26.26 10.01
N ALA F 109 5.63 -26.87 9.49
CA ALA F 109 5.57 -28.22 8.93
C ALA F 109 5.20 -29.24 10.02
N VAL F 110 5.87 -29.15 11.17
CA VAL F 110 5.58 -30.06 12.28
C VAL F 110 4.14 -29.82 12.79
N SER F 111 3.66 -28.56 12.75
CA SER F 111 2.27 -28.29 13.17
C SER F 111 1.27 -29.04 12.28
N ALA F 112 1.56 -29.18 10.96
CA ALA F 112 0.66 -29.90 10.04
C ALA F 112 0.66 -31.41 10.44
N GLY F 113 1.83 -31.97 10.75
CA GLY F 113 1.90 -33.36 11.17
C GLY F 113 1.17 -33.57 12.50
N MET F 114 1.35 -32.62 13.44
CA MET F 114 0.72 -32.70 14.75
C MET F 114 -0.81 -32.69 14.64
N THR F 115 -1.34 -31.95 13.65
CA THR F 115 -2.78 -31.86 13.41
C THR F 115 -3.38 -33.27 13.10
N MET F 116 -2.55 -34.22 12.68
CA MET F 116 -3.04 -35.57 12.34
C MET F 116 -3.34 -36.40 13.59
N ILE F 117 -2.82 -35.97 14.74
CA ILE F 117 -2.97 -36.73 16.00
C ILE F 117 -4.40 -36.59 16.51
N GLY F 118 -5.09 -37.72 16.65
CA GLY F 118 -6.48 -37.75 17.02
C GLY F 118 -6.98 -39.16 17.23
N PRO F 119 -8.29 -39.41 16.98
CA PRO F 119 -8.86 -40.73 17.28
C PRO F 119 -8.22 -41.93 16.60
N ARG F 120 -7.71 -41.74 15.38
CA ARG F 120 -7.16 -42.82 14.57
C ARG F 120 -5.66 -42.92 14.62
N PHE F 121 -4.98 -41.84 15.08
CA PHE F 121 -3.53 -41.85 15.13
C PHE F 121 -3.06 -41.20 16.44
N GLY F 122 -2.67 -42.04 17.41
CA GLY F 122 -2.23 -41.61 18.72
C GLY F 122 -3.31 -41.55 19.81
N GLY F 123 -4.50 -41.05 19.45
CA GLY F 123 -5.64 -40.90 20.36
C GLY F 123 -6.12 -42.10 21.13
N ALA F 124 -5.79 -43.33 20.68
CA ALA F 124 -6.24 -44.49 21.44
C ALA F 124 -5.61 -44.55 22.83
N VAL F 125 -4.53 -43.73 23.11
CA VAL F 125 -3.90 -43.71 24.45
C VAL F 125 -4.88 -43.24 25.54
N THR F 126 -5.52 -42.07 25.35
CA THR F 126 -6.46 -41.52 26.32
C THR F 126 -7.66 -42.45 26.53
N ASN F 127 -8.26 -42.93 25.42
CA ASN F 127 -9.41 -43.81 25.51
C ASN F 127 -9.07 -45.17 26.13
N ALA F 128 -7.87 -45.75 25.83
CA ALA F 128 -7.49 -47.02 26.45
C ALA F 128 -7.35 -46.82 27.97
N GLY F 129 -6.75 -45.70 28.38
CA GLY F 129 -6.61 -45.39 29.80
C GLY F 129 -7.97 -45.27 30.48
N LYS F 130 -8.89 -44.51 29.86
CA LYS F 130 -10.24 -44.30 30.37
C LYS F 130 -11.01 -45.61 30.52
N TYR F 131 -11.02 -46.45 29.48
CA TYR F 131 -11.81 -47.70 29.51
C TYR F 131 -11.18 -48.79 30.36
N PHE F 132 -9.82 -48.91 30.37
CA PHE F 132 -9.24 -49.91 31.26
C PHE F 132 -9.37 -49.50 32.74
N LYS F 133 -9.36 -48.17 33.02
CA LYS F 133 -9.61 -47.68 34.40
C LYS F 133 -11.06 -48.03 34.78
N MET F 134 -12.01 -47.79 33.85
CA MET F 134 -13.42 -48.16 34.08
C MET F 134 -13.56 -49.67 34.32
N ALA F 135 -12.80 -50.51 33.56
CA ALA F 135 -12.82 -51.98 33.70
C ALA F 135 -12.39 -52.42 35.11
N VAL F 136 -11.33 -51.79 35.63
CA VAL F 136 -10.83 -52.11 36.98
C VAL F 136 -11.89 -51.79 38.04
N GLU F 137 -12.57 -50.65 37.85
CA GLU F 137 -13.57 -50.19 38.82
C GLU F 137 -14.91 -50.95 38.74
N ASP F 138 -15.42 -51.17 37.50
CA ASP F 138 -16.74 -51.73 37.24
C ASP F 138 -16.80 -53.23 36.89
N TYR F 139 -15.69 -53.80 36.40
CA TYR F 139 -15.61 -55.22 36.03
C TYR F 139 -14.35 -55.87 36.64
N PRO F 140 -14.03 -55.66 37.95
CA PRO F 140 -12.72 -56.13 38.48
C PRO F 140 -12.33 -57.57 38.22
N ASN F 141 -13.27 -58.49 38.33
CA ASN F 141 -12.99 -59.90 38.09
C ASN F 141 -13.94 -60.44 37.02
N ASP F 142 -14.23 -59.59 36.01
CA ASP F 142 -15.20 -59.93 34.98
C ASP F 142 -14.82 -59.37 33.61
N ILE F 143 -13.74 -59.94 33.01
CA ILE F 143 -13.28 -59.58 31.67
C ILE F 143 -14.43 -59.80 30.64
N PRO F 144 -15.18 -60.94 30.62
CA PRO F 144 -16.30 -61.06 29.66
C PRO F 144 -17.32 -59.91 29.77
N GLY F 145 -17.62 -59.51 31.02
CA GLY F 145 -18.54 -58.41 31.29
C GLY F 145 -18.06 -57.12 30.64
N PHE F 146 -16.75 -56.84 30.80
CA PHE F 146 -16.11 -55.65 30.25
C PHE F 146 -16.11 -55.68 28.70
N LEU F 147 -15.72 -56.82 28.12
CA LEU F 147 -15.68 -56.99 26.67
C LEU F 147 -17.08 -56.83 26.05
N SER F 148 -18.12 -57.34 26.74
CA SER F 148 -19.51 -57.19 26.30
C SER F 148 -19.92 -55.72 26.31
N TRP F 149 -19.61 -54.99 27.40
CA TRP F 149 -19.95 -53.57 27.53
C TRP F 149 -19.29 -52.75 26.44
N MET F 150 -18.01 -53.03 26.18
CA MET F 150 -17.26 -52.35 25.12
C MET F 150 -17.88 -52.59 23.75
N LYS F 151 -18.22 -53.86 23.43
CA LYS F 151 -18.87 -54.23 22.16
C LYS F 151 -20.18 -53.44 21.94
N LYS F 152 -20.99 -53.30 23.03
CA LYS F 152 -22.30 -52.62 23.02
C LYS F 152 -22.24 -51.09 23.02
N ASN F 153 -21.23 -50.50 23.66
CA ASN F 153 -21.14 -49.05 23.85
C ASN F 153 -20.03 -48.31 23.11
N VAL F 154 -18.95 -49.00 22.73
CA VAL F 154 -17.78 -48.36 22.10
C VAL F 154 -17.45 -48.93 20.73
N GLY F 155 -17.41 -50.27 20.64
CA GLY F 155 -17.01 -51.01 19.45
C GLY F 155 -15.69 -51.69 19.76
N PRO F 156 -14.66 -51.60 18.86
CA PRO F 156 -13.36 -52.23 19.18
C PRO F 156 -12.72 -51.64 20.43
N VAL F 157 -12.03 -52.49 21.22
CA VAL F 157 -11.41 -52.08 22.47
C VAL F 157 -10.16 -51.22 22.20
N PRO F 158 -10.14 -49.90 22.56
CA PRO F 158 -8.92 -49.09 22.32
C PRO F 158 -7.77 -49.66 23.11
N GLY F 159 -6.64 -49.77 22.44
CA GLY F 159 -5.44 -50.34 23.02
C GLY F 159 -5.27 -51.81 22.70
N ILE F 160 -6.25 -52.42 22.00
CA ILE F 160 -6.21 -53.84 21.59
C ILE F 160 -6.20 -53.91 20.06
N GLY F 161 -5.31 -54.72 19.49
CA GLY F 161 -5.27 -54.94 18.05
C GLY F 161 -4.13 -54.24 17.34
N HIS F 162 -3.67 -54.90 16.26
CA HIS F 162 -2.59 -54.46 15.39
C HIS F 162 -2.69 -55.05 13.98
N ARG F 163 -2.26 -54.24 13.01
CA ARG F 163 -2.29 -54.60 11.58
C ARG F 163 -1.23 -55.65 11.22
N VAL F 164 -0.07 -55.65 11.88
CA VAL F 164 1.00 -56.61 11.51
C VAL F 164 1.54 -57.37 12.74
N LYS F 165 1.55 -56.75 13.92
CA LYS F 165 2.11 -57.44 15.11
C LYS F 165 1.08 -58.43 15.68
N SER F 166 1.58 -59.52 16.27
CA SER F 166 0.72 -60.64 16.72
C SER F 166 1.44 -61.40 17.81
N VAL F 167 0.86 -62.51 18.22
CA VAL F 167 1.60 -63.36 19.20
C VAL F 167 2.88 -63.91 18.52
N LYS F 168 2.85 -64.24 17.23
CA LYS F 168 4.12 -64.72 16.60
C LYS F 168 5.07 -63.56 16.28
N ASN F 169 4.54 -62.37 15.94
CA ASN F 169 5.37 -61.19 15.60
C ASN F 169 5.16 -60.11 16.69
N PRO F 170 5.72 -60.18 17.92
CA PRO F 170 5.39 -59.17 18.93
C PRO F 170 5.87 -57.72 18.72
N ASP F 171 5.18 -56.77 19.37
CA ASP F 171 5.62 -55.35 19.40
C ASP F 171 6.56 -55.22 20.61
N GLN F 172 7.86 -55.22 20.33
CA GLN F 172 8.89 -55.13 21.36
C GLN F 172 8.75 -53.84 22.20
N ARG F 173 8.09 -52.78 21.66
CA ARG F 173 7.90 -51.54 22.44
C ARG F 173 7.02 -51.86 23.64
N VAL F 174 5.94 -52.63 23.41
CA VAL F 174 5.01 -53.07 24.45
C VAL F 174 5.73 -54.01 25.40
N LYS F 175 6.35 -55.06 24.84
CA LYS F 175 7.04 -56.09 25.66
C LYS F 175 8.05 -55.44 26.59
N TYR F 176 8.80 -54.44 26.08
CA TYR F 176 9.77 -53.75 26.89
C TYR F 176 9.14 -52.94 28.02
N LEU F 177 8.17 -52.04 27.69
CA LEU F 177 7.53 -51.20 28.70
C LEU F 177 6.91 -52.02 29.82
N VAL F 178 6.22 -53.13 29.46
CA VAL F 178 5.59 -54.01 30.44
C VAL F 178 6.65 -54.65 31.35
N SER F 179 7.70 -55.22 30.73
CA SER F 179 8.78 -55.88 31.48
C SER F 179 9.48 -54.89 32.42
N TYR F 180 9.72 -53.64 31.94
CA TYR F 180 10.34 -52.63 32.78
C TYR F 180 9.48 -52.32 34.00
N ILE F 181 8.19 -52.03 33.78
CA ILE F 181 7.27 -51.74 34.87
C ILE F 181 7.20 -52.88 35.88
N LYS F 182 7.01 -54.09 35.37
CA LYS F 182 6.82 -55.28 36.20
C LYS F 182 8.05 -55.76 36.94
N ASN F 183 9.22 -55.71 36.29
CA ASN F 183 10.45 -56.24 36.88
C ASN F 183 11.43 -55.23 37.43
N GLU F 184 11.34 -53.95 37.01
CA GLU F 184 12.33 -52.95 37.44
C GLU F 184 11.75 -51.81 38.27
N THR F 185 10.46 -51.87 38.62
CA THR F 185 9.82 -50.87 39.46
C THR F 185 8.95 -51.58 40.49
N SER F 186 8.51 -50.83 41.50
CA SER F 186 7.59 -51.31 42.52
C SER F 186 6.19 -50.67 42.31
N LEU F 187 5.93 -50.07 41.10
CA LEU F 187 4.65 -49.42 40.81
C LEU F 187 3.51 -50.43 40.77
N HIS F 188 2.40 -50.10 41.44
CA HIS F 188 1.18 -50.91 41.45
C HIS F 188 0.46 -50.51 40.16
N THR F 189 0.20 -51.49 39.27
CA THR F 189 -0.37 -51.20 37.97
C THR F 189 -1.72 -51.93 37.72
N PRO F 190 -2.81 -51.57 38.42
CA PRO F 190 -4.08 -52.29 38.20
C PRO F 190 -4.63 -52.16 36.76
N CYS F 191 -4.49 -50.99 36.12
CA CYS F 191 -4.98 -50.84 34.73
C CYS F 191 -4.18 -51.71 33.79
N LEU F 192 -2.83 -51.61 33.86
CA LEU F 192 -1.98 -52.40 32.99
C LEU F 192 -2.21 -53.89 33.20
N ASP F 193 -2.34 -54.33 34.48
CA ASP F 193 -2.57 -55.72 34.78
C ASP F 193 -3.85 -56.19 34.13
N TYR F 194 -4.91 -55.35 34.15
CA TYR F 194 -6.20 -55.68 33.58
C TYR F 194 -6.07 -55.84 32.08
N ALA F 195 -5.37 -54.91 31.43
CA ALA F 195 -5.17 -54.95 29.98
C ALA F 195 -4.43 -56.23 29.57
N LEU F 196 -3.43 -56.63 30.36
CA LEU F 196 -2.66 -57.85 30.10
C LEU F 196 -3.54 -59.10 30.23
N GLU F 197 -4.50 -59.10 31.17
CA GLU F 197 -5.44 -60.21 31.33
C GLU F 197 -6.40 -60.22 30.15
N VAL F 198 -6.84 -59.03 29.68
CA VAL F 198 -7.71 -58.89 28.51
C VAL F 198 -7.00 -59.47 27.27
N GLU F 199 -5.70 -59.13 27.09
CA GLU F 199 -4.86 -59.61 25.99
C GLU F 199 -4.83 -61.15 25.93
N LYS F 200 -4.76 -61.83 27.09
CA LYS F 200 -4.76 -63.30 27.14
C LYS F 200 -6.04 -63.86 26.52
N VAL F 201 -7.19 -63.19 26.77
CA VAL F 201 -8.51 -63.55 26.27
C VAL F 201 -8.65 -63.23 24.77
N THR F 202 -8.31 -61.99 24.37
CA THR F 202 -8.45 -61.55 22.97
C THR F 202 -7.52 -62.32 22.00
N THR F 203 -6.24 -62.56 22.40
CA THR F 203 -5.28 -63.29 21.55
C THR F 203 -5.66 -64.77 21.37
N ALA F 204 -6.44 -65.33 22.33
CA ALA F 204 -6.94 -66.72 22.23
C ALA F 204 -7.93 -66.85 21.08
N LYS F 205 -8.67 -65.76 20.77
CA LYS F 205 -9.64 -65.69 19.65
C LYS F 205 -8.86 -65.56 18.34
N LYS F 206 -7.98 -64.53 18.23
CA LYS F 206 -7.08 -64.34 17.09
C LYS F 206 -5.80 -63.64 17.52
N GLY F 207 -4.71 -64.15 16.98
CA GLY F 207 -3.34 -63.73 17.27
C GLY F 207 -3.02 -62.26 17.15
N ASN F 208 -3.76 -61.51 16.29
CA ASN F 208 -3.50 -60.08 16.08
C ASN F 208 -4.11 -59.12 17.14
N LEU F 209 -4.95 -59.66 18.04
N LEU F 209 -4.94 -59.67 18.04
CA LEU F 209 -5.60 -58.85 19.06
CA LEU F 209 -5.63 -58.91 19.10
C LEU F 209 -4.73 -58.67 20.31
C LEU F 209 -4.73 -58.68 20.33
N ILE F 210 -3.51 -58.17 20.10
CA ILE F 210 -2.52 -57.91 21.14
C ILE F 210 -2.78 -56.60 21.87
N LEU F 211 -2.14 -56.43 23.06
CA LEU F 211 -2.14 -55.16 23.75
C LEU F 211 -1.13 -54.33 22.95
N ASN F 212 -1.61 -53.23 22.34
CA ASN F 212 -0.74 -52.42 21.50
C ASN F 212 -0.05 -51.29 22.31
N VAL F 213 0.83 -50.51 21.65
CA VAL F 213 1.59 -49.47 22.36
C VAL F 213 0.70 -48.40 22.97
N ASP F 214 -0.40 -48.06 22.29
CA ASP F 214 -1.34 -47.07 22.79
C ASP F 214 -1.99 -47.55 24.08
N GLY F 215 -2.40 -48.83 24.12
CA GLY F 215 -3.03 -49.44 25.28
C GLY F 215 -2.07 -49.51 26.46
N THR F 216 -0.82 -49.90 26.15
CA THR F 216 0.24 -50.03 27.16
C THR F 216 0.50 -48.69 27.84
N ILE F 217 0.75 -47.65 27.02
CA ILE F 217 1.05 -46.32 27.57
C ILE F 217 -0.14 -45.75 28.34
N GLY F 218 -1.35 -45.85 27.77
CA GLY F 218 -2.56 -45.36 28.41
C GLY F 218 -2.76 -45.95 29.80
N CYS F 219 -2.60 -47.27 29.90
CA CYS F 219 -2.73 -47.96 31.19
C CYS F 219 -1.68 -47.50 32.19
N ILE F 220 -0.41 -47.44 31.74
CA ILE F 220 0.67 -47.03 32.64
C ILE F 220 0.41 -45.61 33.16
N LEU F 221 -0.02 -44.68 32.27
CA LEU F 221 -0.28 -43.30 32.68
C LEU F 221 -1.40 -43.20 33.70
N MET F 222 -2.46 -44.01 33.53
CA MET F 222 -3.55 -44.05 34.51
C MET F 222 -3.03 -44.58 35.84
N ASP F 223 -2.18 -45.63 35.79
CA ASP F 223 -1.61 -46.24 37.00
C ASP F 223 -0.65 -45.28 37.73
N LEU F 224 -0.06 -44.32 36.98
CA LEU F 224 0.81 -43.28 37.54
C LEU F 224 -0.02 -42.12 38.10
N ASP F 225 -1.36 -42.20 37.93
CA ASP F 225 -2.32 -41.20 38.40
C ASP F 225 -2.09 -39.84 37.75
N PHE F 226 -1.83 -39.85 36.43
CA PHE F 226 -1.68 -38.63 35.66
C PHE F 226 -3.10 -38.11 35.35
N PRO F 227 -3.31 -36.78 35.34
CA PRO F 227 -4.64 -36.23 35.02
C PRO F 227 -5.17 -36.80 33.69
N VAL F 228 -6.46 -37.13 33.62
CA VAL F 228 -7.10 -37.69 32.41
C VAL F 228 -6.81 -36.81 31.16
N HIS F 229 -6.86 -35.47 31.31
CA HIS F 229 -6.62 -34.53 30.21
C HIS F 229 -5.17 -34.57 29.71
N SER F 230 -4.23 -35.09 30.51
CA SER F 230 -2.83 -35.10 30.14
C SER F 230 -2.38 -36.23 29.24
N LEU F 231 -3.14 -37.34 29.20
CA LEU F 231 -2.70 -38.58 28.56
C LEU F 231 -2.19 -38.42 27.13
N ASN F 232 -2.91 -37.68 26.26
CA ASN F 232 -2.44 -37.48 24.89
C ASN F 232 -1.12 -36.70 24.80
N GLY F 233 -0.77 -35.94 25.83
CA GLY F 233 0.44 -35.14 25.81
C GLY F 233 1.69 -35.97 25.54
N PHE F 234 1.76 -37.19 26.11
CA PHE F 234 2.94 -38.04 25.95
C PHE F 234 3.21 -38.37 24.50
N PHE F 235 2.15 -38.73 23.74
CA PHE F 235 2.31 -39.04 22.33
C PHE F 235 2.59 -37.76 21.53
N VAL F 236 1.85 -36.66 21.84
CA VAL F 236 2.06 -35.41 21.10
C VAL F 236 3.51 -34.95 21.24
N LEU F 237 4.02 -34.90 22.49
CA LEU F 237 5.40 -34.46 22.69
C LEU F 237 6.40 -35.45 22.07
N ALA F 238 6.26 -36.73 22.36
CA ALA F 238 7.25 -37.71 21.88
C ALA F 238 7.31 -37.69 20.37
N ARG F 239 6.15 -37.69 19.69
CA ARG F 239 6.15 -37.74 18.22
C ARG F 239 6.65 -36.43 17.59
N THR F 240 6.62 -35.31 18.36
CA THR F 240 7.23 -34.06 17.87
C THR F 240 8.74 -34.29 17.65
N ILE F 241 9.39 -35.13 18.50
CA ILE F 241 10.80 -35.42 18.29
C ILE F 241 10.98 -36.05 16.87
N GLY F 242 10.18 -37.10 16.57
CA GLY F 242 10.25 -37.75 15.27
C GLY F 242 9.89 -36.81 14.13
N MET F 243 8.82 -35.99 14.30
CA MET F 243 8.38 -35.09 13.20
C MET F 243 9.43 -34.05 12.88
N ILE F 244 10.11 -33.51 13.93
CA ILE F 244 11.21 -32.56 13.68
C ILE F 244 12.31 -33.33 12.89
N GLY F 245 12.63 -34.55 13.36
CA GLY F 245 13.62 -35.38 12.69
C GLY F 245 13.31 -35.60 11.21
N HIS F 246 12.03 -35.92 10.88
CA HIS F 246 11.66 -36.13 9.46
C HIS F 246 11.78 -34.83 8.65
N TRP F 247 11.43 -33.68 9.26
CA TRP F 247 11.58 -32.40 8.56
C TRP F 247 13.07 -32.17 8.26
N ILE F 248 13.96 -32.40 9.25
CA ILE F 248 15.41 -32.21 9.03
C ILE F 248 15.89 -33.15 7.92
N ASP F 249 15.46 -34.40 7.97
CA ASP F 249 15.86 -35.45 7.01
C ASP F 249 15.49 -35.05 5.60
N GLN F 250 14.24 -34.60 5.39
CA GLN F 250 13.84 -34.19 4.04
C GLN F 250 14.63 -32.97 3.56
N ASN F 251 14.89 -32.03 4.48
CA ASN F 251 15.70 -30.84 4.13
C ASN F 251 17.15 -31.21 3.80
N ASN F 252 17.74 -32.18 4.56
CA ASN F 252 19.11 -32.64 4.28
C ASN F 252 19.18 -33.26 2.87
N GLN F 253 18.11 -33.96 2.46
CA GLN F 253 18.04 -34.63 1.15
C GLN F 253 17.67 -33.67 0.03
N ASN F 254 17.29 -32.41 0.35
CA ASN F 254 16.79 -31.45 -0.65
C ASN F 254 15.62 -32.08 -1.41
N SER F 255 14.74 -32.80 -0.68
CA SER F 255 13.60 -33.48 -1.31
C SER F 255 12.70 -32.50 -2.03
N ARG F 256 12.24 -32.90 -3.24
CA ARG F 256 11.36 -32.13 -4.11
C ARG F 256 9.92 -32.16 -3.58
N LEU F 257 9.11 -31.18 -4.03
CA LEU F 257 7.68 -31.14 -3.77
C LEU F 257 7.04 -32.49 -4.15
N ILE F 258 6.12 -32.96 -3.28
CA ILE F 258 5.39 -34.20 -3.57
C ILE F 258 4.10 -33.87 -4.30
N ARG F 259 3.83 -34.64 -5.38
CA ARG F 259 2.54 -34.59 -6.08
C ARG F 259 2.21 -36.05 -6.27
N LEU F 260 1.13 -36.53 -5.60
CA LEU F 260 0.77 -37.95 -5.64
C LEU F 260 0.65 -38.46 -7.06
N TYR F 261 1.30 -39.61 -7.34
CA TYR F 261 1.29 -40.21 -8.67
C TYR F 261 -0.12 -40.55 -9.09
N ASP F 262 -0.45 -40.27 -10.35
CA ASP F 262 -1.80 -40.49 -10.88
C ASP F 262 -2.36 -41.90 -10.62
N TYR F 263 -1.55 -42.96 -10.80
N TYR F 263 -1.49 -42.93 -10.76
CA TYR F 263 -2.05 -44.32 -10.60
CA TYR F 263 -1.84 -44.34 -10.58
C TYR F 263 -2.48 -44.58 -9.16
C TYR F 263 -2.22 -44.69 -9.13
N LEU F 264 -1.97 -43.77 -8.18
CA LEU F 264 -2.33 -43.94 -6.76
C LEU F 264 -3.71 -43.33 -6.45
N ILE F 265 -4.36 -42.72 -7.45
CA ILE F 265 -5.65 -42.08 -7.27
C ILE F 265 -6.71 -42.77 -8.09
N ASN F 266 -7.81 -43.10 -7.42
CA ASN F 266 -8.96 -43.65 -8.10
C ASN F 266 -9.87 -42.43 -8.38
N TYR F 267 -9.86 -41.94 -9.62
CA TYR F 267 -10.68 -40.78 -10.00
C TYR F 267 -12.10 -41.28 -10.32
N ALA F 268 -12.94 -41.40 -9.29
CA ALA F 268 -14.34 -41.85 -9.46
C ALA F 268 -15.20 -40.60 -9.62
N VAL F 269 -14.92 -39.86 -10.72
CA VAL F 269 -15.49 -38.54 -10.97
C VAL F 269 -16.76 -38.58 -11.81
N LYS F 270 -17.50 -37.47 -11.79
CA LYS F 270 -18.73 -37.34 -12.54
C LYS F 270 -18.44 -37.35 -14.06
N PRO F 271 -19.35 -37.89 -14.89
CA PRO F 271 -19.16 -37.77 -16.35
C PRO F 271 -19.11 -36.28 -16.72
N GLU F 272 -18.32 -35.95 -17.75
CA GLU F 272 -18.14 -34.56 -18.16
C GLU F 272 -19.43 -34.00 -18.72
N GLN F 273 -19.73 -32.75 -18.35
CA GLN F 273 -20.97 -32.07 -18.77
C GLN F 273 -20.65 -30.68 -19.31
N GLU F 274 -21.50 -30.21 -20.23
CA GLU F 274 -21.39 -28.85 -20.74
C GLU F 274 -22.06 -27.95 -19.70
N VAL F 275 -21.55 -26.72 -19.56
CA VAL F 275 -22.16 -25.73 -18.66
C VAL F 275 -23.40 -25.17 -19.36
N PRO F 276 -24.60 -25.22 -18.75
CA PRO F 276 -25.78 -24.63 -19.43
C PRO F 276 -25.80 -23.11 -19.31
N GLU F 277 -26.46 -22.44 -20.26
CA GLU F 277 -26.60 -20.97 -20.17
C GLU F 277 -27.53 -20.67 -18.98
N LYS F 278 -27.34 -19.52 -18.32
CA LYS F 278 -28.17 -19.08 -17.20
C LYS F 278 -29.54 -18.63 -17.69
N GLU G 23 27.71 46.29 -3.84
CA GLU G 23 26.34 46.77 -3.99
C GLU G 23 25.34 45.58 -4.07
N PRO G 24 24.44 45.44 -3.07
CA PRO G 24 23.51 44.30 -3.10
C PRO G 24 22.49 44.38 -4.24
N LEU G 25 22.08 43.21 -4.74
CA LEU G 25 21.07 43.11 -5.79
C LEU G 25 19.68 43.23 -5.15
N ILE G 26 19.52 42.68 -3.93
CA ILE G 26 18.24 42.70 -3.24
C ILE G 26 18.44 43.05 -1.77
N ARG G 27 17.42 43.65 -1.18
CA ARG G 27 17.38 43.98 0.25
C ARG G 27 16.19 43.26 0.82
N THR G 28 16.41 42.48 1.89
CA THR G 28 15.35 41.72 2.53
C THR G 28 15.27 42.09 4.01
N THR G 29 14.06 42.09 4.57
CA THR G 29 13.92 42.44 5.99
C THR G 29 13.22 41.36 6.81
N ILE G 30 12.64 40.33 6.15
CA ILE G 30 11.78 39.40 6.89
C ILE G 30 12.43 38.14 7.44
N SER G 31 13.45 37.61 6.80
CA SER G 31 14.01 36.33 7.24
C SER G 31 15.49 36.24 7.01
N ASP G 32 16.15 35.45 7.85
CA ASP G 32 17.57 35.22 7.77
C ASP G 32 17.81 33.72 7.80
N ASP G 33 18.36 33.18 6.73
CA ASP G 33 18.65 31.77 6.60
C ASP G 33 20.14 31.45 6.85
N ARG G 34 20.98 32.46 7.16
CA ARG G 34 22.43 32.24 7.27
C ARG G 34 22.88 31.36 8.44
N GLY G 35 22.12 31.36 9.52
CA GLY G 35 22.44 30.58 10.72
C GLY G 35 22.08 29.10 10.60
N GLU G 36 22.00 28.41 11.76
CA GLU G 36 21.69 26.97 11.78
C GLU G 36 20.30 26.66 11.27
N GLU G 37 19.37 27.61 11.43
CA GLU G 37 18.00 27.50 10.93
C GLU G 37 17.49 28.92 10.65
N PRO G 38 16.40 29.07 9.87
CA PRO G 38 15.91 30.41 9.59
C PRO G 38 15.36 31.12 10.81
N ARG G 39 15.50 32.43 10.77
CA ARG G 39 14.95 33.36 11.75
C ARG G 39 13.84 34.12 11.00
N TYR G 40 12.61 34.08 11.51
CA TYR G 40 11.47 34.77 10.92
C TYR G 40 11.24 36.02 11.79
N ALA G 41 11.50 37.21 11.24
CA ALA G 41 11.39 38.47 11.98
C ALA G 41 12.15 38.38 13.35
N GLY G 42 13.32 37.74 13.31
CA GLY G 42 14.21 37.57 14.45
C GLY G 42 14.01 36.33 15.31
N TYR G 43 12.93 35.57 15.10
CA TYR G 43 12.63 34.37 15.92
C TYR G 43 13.02 33.08 15.21
N ALA G 44 13.72 32.17 15.93
CA ALA G 44 14.14 30.88 15.34
C ALA G 44 12.92 30.00 15.11
N ALA G 45 12.79 29.45 13.89
CA ALA G 45 11.66 28.58 13.54
C ALA G 45 11.40 27.44 14.55
N SER G 46 12.43 26.65 14.91
CA SER G 46 12.25 25.51 15.81
C SER G 46 11.81 25.94 17.20
N GLU G 47 12.20 27.17 17.62
CA GLU G 47 11.83 27.71 18.93
C GLU G 47 10.33 28.05 18.93
N LEU G 48 9.80 28.55 17.77
CA LEU G 48 8.38 28.81 17.65
C LEU G 48 7.62 27.47 17.79
N CYS G 49 8.14 26.41 17.14
CA CYS G 49 7.54 25.08 17.23
C CYS G 49 7.58 24.59 18.66
N SER G 50 8.77 24.65 19.29
CA SER G 50 9.00 24.17 20.67
C SER G 50 8.10 24.83 21.71
N LYS G 51 7.79 26.12 21.54
CA LYS G 51 7.01 26.87 22.51
C LYS G 51 5.50 26.88 22.22
N GLY G 52 5.06 26.04 21.28
CA GLY G 52 3.65 25.82 21.00
C GLY G 52 2.95 26.81 20.08
N TYR G 53 3.73 27.58 19.31
CA TYR G 53 3.16 28.51 18.32
C TYR G 53 2.70 27.72 17.10
N GLY G 54 1.95 28.38 16.21
CA GLY G 54 1.38 27.69 15.07
C GLY G 54 1.68 28.33 13.73
N ILE G 55 1.06 27.76 12.70
CA ILE G 55 1.23 28.27 11.33
C ILE G 55 0.80 29.74 11.28
N GLU G 56 -0.33 30.07 11.94
CA GLU G 56 -0.84 31.45 11.98
C GLU G 56 0.17 32.45 12.57
N ASP G 57 1.02 32.01 13.52
CA ASP G 57 2.05 32.87 14.09
C ASP G 57 3.20 33.10 13.12
N VAL G 58 3.57 32.05 12.36
CA VAL G 58 4.59 32.18 11.32
C VAL G 58 4.07 33.16 10.21
N ILE G 59 2.77 33.07 9.85
CA ILE G 59 2.16 33.99 8.87
C ILE G 59 2.30 35.44 9.39
N GLY G 60 1.93 35.68 10.64
CA GLY G 60 2.07 37.00 11.24
C GLY G 60 3.50 37.50 11.22
N LEU G 61 4.47 36.64 11.57
CA LEU G 61 5.89 37.04 11.54
C LEU G 61 6.39 37.39 10.14
N LEU G 62 6.08 36.54 9.15
CA LEU G 62 6.63 36.77 7.81
C LEU G 62 5.90 37.86 7.04
N TRP G 63 4.63 38.16 7.39
CA TRP G 63 3.86 39.18 6.65
C TRP G 63 3.75 40.52 7.39
N ASN G 64 3.87 40.49 8.72
CA ASN G 64 3.75 41.69 9.56
C ASN G 64 5.02 42.01 10.37
N LYS G 65 5.99 41.07 10.41
CA LYS G 65 7.24 41.20 11.17
C LYS G 65 7.01 41.38 12.67
N LYS G 66 5.90 40.80 13.16
CA LYS G 66 5.48 40.90 14.57
C LYS G 66 4.81 39.60 14.94
N LEU G 67 5.07 39.13 16.17
CA LEU G 67 4.43 37.92 16.69
C LEU G 67 2.97 38.29 16.96
N PRO G 68 1.98 37.60 16.34
CA PRO G 68 0.58 38.00 16.57
C PRO G 68 0.19 37.88 18.02
N THR G 69 -0.78 38.71 18.43
CA THR G 69 -1.37 38.59 19.76
C THR G 69 -2.28 37.32 19.67
N ARG G 70 -2.79 36.85 20.81
CA ARG G 70 -3.71 35.72 20.84
C ARG G 70 -4.93 35.99 19.93
N GLU G 71 -5.50 37.20 20.02
CA GLU G 71 -6.64 37.62 19.22
C GLU G 71 -6.31 37.58 17.72
N GLU G 72 -5.18 38.19 17.31
CA GLU G 72 -4.81 38.22 15.89
C GLU G 72 -4.55 36.80 15.37
N SER G 73 -3.84 35.99 16.16
CA SER G 73 -3.54 34.60 15.82
C SER G 73 -4.83 33.78 15.55
N GLU G 74 -5.84 33.92 16.43
CA GLU G 74 -7.12 33.22 16.30
C GLU G 74 -7.90 33.68 15.06
N ILE G 75 -7.80 34.97 14.71
CA ILE G 75 -8.50 35.50 13.51
C ILE G 75 -7.80 34.99 12.24
N ILE G 76 -6.44 35.08 12.21
CA ILE G 76 -5.67 34.59 11.06
C ILE G 76 -6.00 33.11 10.79
N LYS G 77 -5.97 32.28 11.86
CA LYS G 77 -6.26 30.86 11.76
C LYS G 77 -7.64 30.63 11.10
N ARG G 78 -8.66 31.36 11.57
CA ARG G 78 -10.02 31.19 11.06
C ARG G 78 -10.18 31.68 9.63
N ILE G 79 -9.56 32.81 9.27
CA ILE G 79 -9.66 33.29 7.90
C ILE G 79 -9.10 32.21 6.94
N VAL G 80 -7.94 31.63 7.30
CA VAL G 80 -7.31 30.63 6.43
C VAL G 80 -8.19 29.37 6.36
N MET G 81 -8.66 28.86 7.52
CA MET G 81 -9.48 27.65 7.52
C MET G 81 -10.77 27.82 6.72
N ILE G 82 -11.45 28.96 6.90
CA ILE G 82 -12.72 29.24 6.24
C ILE G 82 -12.57 29.40 4.72
N SER G 83 -11.42 29.91 4.29
CA SER G 83 -11.19 30.21 2.87
C SER G 83 -10.42 29.10 2.12
N ALA G 84 -10.04 28.00 2.82
CA ALA G 84 -9.16 27.00 2.23
C ALA G 84 -9.64 26.42 0.89
N ASP G 85 -10.95 26.13 0.80
CA ASP G 85 -11.46 25.59 -0.47
C ASP G 85 -12.93 25.88 -0.63
N HIS G 86 -13.33 26.06 -1.90
CA HIS G 86 -14.75 26.27 -2.18
C HIS G 86 -15.17 25.50 -3.40
N GLY G 87 -14.69 24.26 -3.48
CA GLY G 87 -15.09 23.37 -4.55
C GLY G 87 -14.34 23.57 -5.85
N PRO G 88 -14.59 22.62 -6.79
CA PRO G 88 -13.81 22.61 -8.05
C PRO G 88 -14.29 23.55 -9.15
N ALA G 89 -15.46 24.15 -8.96
CA ALA G 89 -16.08 24.97 -10.01
C ALA G 89 -15.48 26.33 -10.18
N VAL G 90 -14.81 26.86 -9.14
CA VAL G 90 -14.24 28.20 -9.12
C VAL G 90 -12.90 28.25 -9.85
N SER G 91 -12.56 29.41 -10.41
CA SER G 91 -11.45 29.56 -11.33
C SER G 91 -10.12 29.01 -10.85
N GLY G 92 -9.76 29.26 -9.60
CA GLY G 92 -8.46 28.79 -9.12
C GLY G 92 -8.41 27.27 -9.00
N ALA G 93 -9.51 26.64 -8.51
CA ALA G 93 -9.51 25.19 -8.38
C ALA G 93 -9.55 24.57 -9.77
N PHE G 94 -10.40 25.13 -10.64
CA PHE G 94 -10.55 24.61 -12.00
C PHE G 94 -9.22 24.71 -12.77
N GLY G 95 -8.50 25.82 -12.60
CA GLY G 95 -7.19 25.96 -13.25
C GLY G 95 -6.19 24.90 -12.78
N SER G 96 -6.17 24.63 -11.45
CA SER G 96 -5.28 23.59 -10.92
C SER G 96 -5.71 22.20 -11.46
N ILE G 97 -7.03 21.96 -11.57
CA ILE G 97 -7.55 20.69 -12.10
C ILE G 97 -7.18 20.51 -13.58
N LEU G 98 -7.34 21.57 -14.37
CA LEU G 98 -6.97 21.51 -15.79
C LEU G 98 -5.49 21.10 -15.93
N ALA G 99 -4.61 21.73 -15.13
CA ALA G 99 -3.20 21.38 -15.22
C ALA G 99 -2.93 19.97 -14.69
N ALA G 100 -3.62 19.58 -13.59
CA ALA G 100 -3.46 18.21 -13.06
C ALA G 100 -3.84 17.20 -14.16
N CYS G 101 -4.97 17.43 -14.84
CA CYS G 101 -5.44 16.54 -15.92
C CYS G 101 -4.52 16.55 -17.14
N ALA G 102 -3.74 17.65 -17.31
CA ALA G 102 -2.79 17.76 -18.40
C ALA G 102 -1.46 17.09 -18.01
N GLY G 103 -1.41 16.46 -16.83
CA GLY G 103 -0.24 15.73 -16.35
C GLY G 103 0.89 16.60 -15.83
N ILE G 104 0.55 17.86 -15.50
CA ILE G 104 1.56 18.82 -15.00
C ILE G 104 1.82 18.55 -13.52
N ASP G 105 3.09 18.69 -13.09
CA ASP G 105 3.42 18.45 -11.70
C ASP G 105 2.74 19.46 -10.77
N MET G 106 2.61 19.08 -9.50
CA MET G 106 1.85 19.89 -8.55
C MET G 106 2.24 21.36 -8.47
N PRO G 107 3.51 21.74 -8.27
CA PRO G 107 3.78 23.17 -8.04
C PRO G 107 3.40 24.03 -9.24
N GLN G 108 3.69 23.51 -10.45
CA GLN G 108 3.37 24.25 -11.67
C GLN G 108 1.88 24.29 -11.89
N ALA G 109 1.17 23.18 -11.58
CA ALA G 109 -0.29 23.15 -11.75
C ALA G 109 -0.95 24.16 -10.78
N VAL G 110 -0.49 24.14 -9.51
CA VAL G 110 -1.09 25.06 -8.53
C VAL G 110 -0.78 26.51 -8.92
N SER G 111 0.42 26.74 -9.51
CA SER G 111 0.76 28.10 -9.95
C SER G 111 -0.23 28.60 -11.02
N ALA G 112 -0.74 27.70 -11.90
CA ALA G 112 -1.75 28.08 -12.91
C ALA G 112 -3.07 28.45 -12.23
N GLY G 113 -3.45 27.72 -11.18
CA GLY G 113 -4.67 28.06 -10.45
C GLY G 113 -4.50 29.37 -9.70
N MET G 114 -3.33 29.57 -9.08
CA MET G 114 -3.08 30.80 -8.32
C MET G 114 -3.14 32.05 -9.23
N THR G 115 -2.71 31.89 -10.49
CA THR G 115 -2.75 32.97 -11.47
C THR G 115 -4.20 33.50 -11.67
N MET G 116 -5.22 32.66 -11.35
CA MET G 116 -6.62 33.09 -11.54
C MET G 116 -7.07 34.09 -10.45
N ILE G 117 -6.30 34.19 -9.33
CA ILE G 117 -6.70 35.03 -8.21
C ILE G 117 -6.46 36.47 -8.58
N GLY G 118 -7.52 37.25 -8.57
CA GLY G 118 -7.46 38.63 -9.04
C GLY G 118 -8.73 39.38 -8.74
N PRO G 119 -9.06 40.37 -9.56
CA PRO G 119 -10.23 41.22 -9.21
C PRO G 119 -11.58 40.51 -9.17
N ARG G 120 -11.74 39.45 -9.98
CA ARG G 120 -13.02 38.72 -10.04
C ARG G 120 -13.10 37.47 -9.20
N PHE G 121 -11.96 36.93 -8.78
CA PHE G 121 -11.94 35.70 -7.99
C PHE G 121 -10.89 35.82 -6.90
N GLY G 122 -11.33 35.86 -5.65
CA GLY G 122 -10.46 35.83 -4.49
C GLY G 122 -9.55 37.00 -4.21
N GLY G 123 -9.22 37.81 -5.22
CA GLY G 123 -8.25 38.89 -5.00
C GLY G 123 -8.84 40.28 -4.86
N ALA G 124 -10.15 40.40 -4.56
CA ALA G 124 -10.75 41.72 -4.36
C ALA G 124 -10.52 42.19 -2.90
N VAL G 125 -9.84 41.38 -2.06
CA VAL G 125 -9.64 41.68 -0.61
C VAL G 125 -9.00 43.07 -0.40
N THR G 126 -7.87 43.33 -1.08
CA THR G 126 -7.17 44.61 -0.94
C THR G 126 -8.04 45.81 -1.33
N ASN G 127 -8.67 45.75 -2.51
CA ASN G 127 -9.53 46.84 -2.95
C ASN G 127 -10.78 47.02 -2.09
N ALA G 128 -11.36 45.91 -1.58
CA ALA G 128 -12.54 46.03 -0.71
C ALA G 128 -12.14 46.76 0.60
N GLY G 129 -11.00 46.36 1.17
CA GLY G 129 -10.49 47.02 2.36
C GLY G 129 -10.22 48.51 2.12
N LYS G 130 -9.60 48.83 0.95
CA LYS G 130 -9.26 50.22 0.58
C LYS G 130 -10.53 51.09 0.51
N TYR G 131 -11.55 50.63 -0.27
CA TYR G 131 -12.75 51.43 -0.48
C TYR G 131 -13.65 51.50 0.74
N PHE G 132 -13.79 50.40 1.53
CA PHE G 132 -14.61 50.49 2.74
C PHE G 132 -13.96 51.42 3.78
N LYS G 133 -12.61 51.40 3.86
CA LYS G 133 -11.88 52.29 4.78
C LYS G 133 -12.14 53.75 4.37
N MET G 134 -12.06 54.02 3.06
CA MET G 134 -12.32 55.35 2.53
C MET G 134 -13.77 55.80 2.77
N ALA G 135 -14.74 54.86 2.61
CA ALA G 135 -16.17 55.14 2.85
C ALA G 135 -16.42 55.57 4.31
N VAL G 136 -15.73 54.91 5.27
CA VAL G 136 -15.87 55.25 6.70
C VAL G 136 -15.46 56.73 6.92
N GLU G 137 -14.38 57.20 6.25
CA GLU G 137 -13.92 58.59 6.38
C GLU G 137 -14.78 59.59 5.59
N ASP G 138 -15.02 59.30 4.30
CA ASP G 138 -15.68 60.21 3.35
C ASP G 138 -17.20 60.17 3.31
N TYR G 139 -17.80 59.02 3.62
CA TYR G 139 -19.25 58.87 3.58
C TYR G 139 -19.76 58.21 4.89
N PRO G 140 -19.34 58.67 6.10
CA PRO G 140 -19.75 57.99 7.34
C PRO G 140 -21.25 57.78 7.54
N ASN G 141 -22.07 58.75 7.16
CA ASN G 141 -23.53 58.65 7.33
C ASN G 141 -24.23 58.76 5.97
N ASP G 142 -23.54 58.32 4.90
CA ASP G 142 -24.06 58.44 3.56
C ASP G 142 -23.69 57.25 2.65
N ILE G 143 -24.26 56.07 2.93
CA ILE G 143 -24.05 54.87 2.12
C ILE G 143 -24.52 55.11 0.66
N PRO G 144 -25.70 55.74 0.38
CA PRO G 144 -26.06 56.00 -1.03
C PRO G 144 -25.00 56.85 -1.76
N GLY G 145 -24.38 57.81 -1.06
CA GLY G 145 -23.33 58.64 -1.63
C GLY G 145 -22.11 57.82 -2.00
N PHE G 146 -21.75 56.90 -1.10
CA PHE G 146 -20.63 55.99 -1.35
C PHE G 146 -20.92 55.11 -2.58
N LEU G 147 -22.12 54.49 -2.62
CA LEU G 147 -22.52 53.63 -3.74
C LEU G 147 -22.59 54.38 -5.07
N SER G 148 -23.04 55.66 -5.04
CA SER G 148 -23.08 56.50 -6.24
C SER G 148 -21.66 56.82 -6.72
N TRP G 149 -20.74 57.16 -5.78
CA TRP G 149 -19.35 57.46 -6.11
C TRP G 149 -18.70 56.23 -6.76
N MET G 150 -18.93 55.03 -6.18
CA MET G 150 -18.36 53.77 -6.69
C MET G 150 -18.88 53.49 -8.11
N LYS G 151 -20.21 53.61 -8.33
CA LYS G 151 -20.83 53.39 -9.65
C LYS G 151 -20.19 54.27 -10.73
N LYS G 152 -19.96 55.55 -10.41
CA LYS G 152 -19.36 56.54 -11.29
C LYS G 152 -17.86 56.35 -11.54
N ASN G 153 -17.08 56.08 -10.47
CA ASN G 153 -15.61 56.05 -10.51
C ASN G 153 -14.91 54.71 -10.58
N VAL G 154 -15.58 53.62 -10.16
CA VAL G 154 -14.92 52.30 -10.08
C VAL G 154 -15.69 51.24 -10.90
N GLY G 155 -17.00 51.20 -10.68
CA GLY G 155 -17.86 50.19 -11.28
C GLY G 155 -18.43 49.32 -10.17
N PRO G 156 -18.39 47.97 -10.27
CA PRO G 156 -18.92 47.16 -9.15
C PRO G 156 -18.11 47.37 -7.87
N VAL G 157 -18.79 47.32 -6.72
CA VAL G 157 -18.13 47.53 -5.43
C VAL G 157 -17.30 46.29 -5.06
N PRO G 158 -15.96 46.39 -4.88
CA PRO G 158 -15.18 45.21 -4.46
C PRO G 158 -15.67 44.73 -3.10
N GLY G 159 -15.86 43.43 -2.96
CA GLY G 159 -16.34 42.82 -1.72
C GLY G 159 -17.84 42.67 -1.66
N ILE G 160 -18.55 43.13 -2.71
CA ILE G 160 -20.00 43.00 -2.82
C ILE G 160 -20.34 42.15 -4.05
N GLY G 161 -21.20 41.17 -3.86
CA GLY G 161 -21.68 40.31 -4.94
C GLY G 161 -21.10 38.91 -4.95
N HIS G 162 -21.89 37.96 -5.45
CA HIS G 162 -21.42 36.57 -5.57
C HIS G 162 -22.22 35.90 -6.66
N ARG G 163 -21.61 34.89 -7.32
CA ARG G 163 -22.26 34.16 -8.42
C ARG G 163 -23.36 33.22 -7.91
N VAL G 164 -23.15 32.61 -6.73
CA VAL G 164 -24.12 31.63 -6.19
C VAL G 164 -24.70 32.04 -4.83
N LYS G 165 -23.92 32.69 -3.97
CA LYS G 165 -24.40 33.11 -2.63
C LYS G 165 -25.29 34.33 -2.76
N SER G 166 -26.31 34.43 -1.90
CA SER G 166 -27.32 35.49 -1.96
C SER G 166 -28.05 35.60 -0.63
N VAL G 167 -29.05 36.47 -0.53
CA VAL G 167 -29.90 36.56 0.66
C VAL G 167 -30.63 35.22 0.84
N LYS G 168 -31.12 34.62 -0.27
CA LYS G 168 -31.83 33.33 -0.24
C LYS G 168 -30.89 32.14 -0.01
N ASN G 169 -29.60 32.26 -0.43
CA ASN G 169 -28.59 31.22 -0.28
C ASN G 169 -27.38 31.85 0.46
N PRO G 170 -27.49 32.13 1.79
CA PRO G 170 -26.40 32.85 2.49
C PRO G 170 -25.07 32.14 2.55
N ASP G 171 -24.00 32.95 2.67
CA ASP G 171 -22.67 32.41 2.79
C ASP G 171 -22.38 32.25 4.28
N GLN G 172 -22.52 31.03 4.82
CA GLN G 172 -22.25 30.75 6.23
C GLN G 172 -20.76 31.05 6.58
N ARG G 173 -19.85 31.11 5.57
CA ARG G 173 -18.46 31.48 5.86
C ARG G 173 -18.42 32.92 6.38
N VAL G 174 -19.17 33.81 5.69
CA VAL G 174 -19.28 35.23 6.04
C VAL G 174 -20.01 35.35 7.39
N LYS G 175 -21.16 34.68 7.54
CA LYS G 175 -21.93 34.75 8.77
C LYS G 175 -21.10 34.31 9.99
N TYR G 176 -20.30 33.24 9.82
CA TYR G 176 -19.45 32.74 10.91
C TYR G 176 -18.34 33.77 11.25
N LEU G 177 -17.60 34.25 10.24
CA LEU G 177 -16.52 35.19 10.52
C LEU G 177 -17.03 36.46 11.22
N VAL G 178 -18.16 37.00 10.75
CA VAL G 178 -18.75 38.21 11.34
C VAL G 178 -19.14 37.93 12.81
N SER G 179 -19.84 36.80 13.07
CA SER G 179 -20.24 36.42 14.43
C SER G 179 -19.02 36.22 15.35
N TYR G 180 -17.95 35.58 14.82
CA TYR G 180 -16.74 35.37 15.61
C TYR G 180 -16.12 36.72 16.02
N ILE G 181 -15.94 37.62 15.04
CA ILE G 181 -15.37 38.93 15.32
C ILE G 181 -16.20 39.69 16.35
N LYS G 182 -17.52 39.72 16.15
CA LYS G 182 -18.44 40.49 16.95
C LYS G 182 -18.59 39.96 18.37
N ASN G 183 -18.67 38.64 18.55
CA ASN G 183 -18.92 38.06 19.86
C ASN G 183 -17.72 37.44 20.58
N GLU G 184 -16.65 37.11 19.85
CA GLU G 184 -15.54 36.38 20.47
C GLU G 184 -14.20 37.16 20.45
N THR G 185 -14.21 38.44 20.01
CA THR G 185 -12.98 39.24 20.05
C THR G 185 -13.30 40.62 20.63
N SER G 186 -12.25 41.41 20.85
CA SER G 186 -12.29 42.77 21.40
C SER G 186 -12.08 43.75 20.23
N LEU G 187 -12.07 43.24 18.98
CA LEU G 187 -11.78 44.07 17.82
C LEU G 187 -12.84 45.15 17.51
N HIS G 188 -12.41 46.44 17.46
CA HIS G 188 -13.28 47.56 17.06
C HIS G 188 -13.29 47.48 15.54
N THR G 189 -14.48 47.38 14.92
CA THR G 189 -14.52 47.12 13.46
C THR G 189 -15.30 48.18 12.66
N PRO G 190 -14.78 49.41 12.55
CA PRO G 190 -15.51 50.42 11.75
C PRO G 190 -15.70 50.03 10.28
N CYS G 191 -14.68 49.42 9.62
CA CYS G 191 -14.83 49.01 8.21
C CYS G 191 -15.87 47.91 8.07
N LEU G 192 -15.75 46.85 8.90
CA LEU G 192 -16.72 45.74 8.82
C LEU G 192 -18.13 46.23 9.09
N ASP G 193 -18.30 47.08 10.12
CA ASP G 193 -19.62 47.63 10.46
C ASP G 193 -20.20 48.39 9.28
N TYR G 194 -19.37 49.20 8.62
CA TYR G 194 -19.80 49.98 7.45
C TYR G 194 -20.23 49.04 6.29
N ALA G 195 -19.40 48.02 5.97
CA ALA G 195 -19.69 47.06 4.91
C ALA G 195 -21.00 46.34 5.17
N LEU G 196 -21.29 46.01 6.45
CA LEU G 196 -22.54 45.35 6.82
C LEU G 196 -23.74 46.28 6.58
N GLU G 197 -23.55 47.60 6.77
CA GLU G 197 -24.61 48.56 6.50
C GLU G 197 -24.81 48.69 4.98
N VAL G 198 -23.69 48.66 4.20
CA VAL G 198 -23.74 48.69 2.73
C VAL G 198 -24.55 47.49 2.22
N GLU G 199 -24.26 46.30 2.76
CA GLU G 199 -24.92 45.05 2.39
C GLU G 199 -26.45 45.17 2.54
N LYS G 200 -26.94 45.83 3.62
CA LYS G 200 -28.38 46.01 3.84
C LYS G 200 -29.00 46.79 2.68
N VAL G 201 -28.29 47.79 2.16
CA VAL G 201 -28.74 48.63 1.05
C VAL G 201 -28.63 47.89 -0.29
N THR G 202 -27.46 47.28 -0.58
CA THR G 202 -27.26 46.58 -1.86
C THR G 202 -28.19 45.37 -2.05
N THR G 203 -28.37 44.54 -0.99
CA THR G 203 -29.22 43.35 -1.06
C THR G 203 -30.69 43.71 -1.25
N ALA G 204 -31.11 44.93 -0.84
CA ALA G 204 -32.50 45.40 -1.02
C ALA G 204 -32.79 45.60 -2.51
N LYS G 205 -31.76 45.98 -3.30
CA LYS G 205 -31.85 46.16 -4.75
C LYS G 205 -31.82 44.80 -5.44
N LYS G 206 -30.76 43.99 -5.16
CA LYS G 206 -30.55 42.66 -5.77
C LYS G 206 -30.00 41.69 -4.72
N GLY G 207 -30.67 40.55 -4.55
CA GLY G 207 -30.35 39.51 -3.59
C GLY G 207 -28.93 38.98 -3.63
N ASN G 208 -28.29 38.98 -4.82
CA ASN G 208 -26.92 38.46 -4.95
C ASN G 208 -25.84 39.46 -4.52
N LEU G 209 -26.21 40.71 -4.18
CA LEU G 209 -25.23 41.76 -3.81
C LEU G 209 -24.88 41.71 -2.31
N ILE G 210 -24.51 40.51 -1.85
CA ILE G 210 -24.12 40.27 -0.47
C ILE G 210 -22.72 40.75 -0.20
N LEU G 211 -22.37 40.87 1.10
CA LEU G 211 -21.00 41.12 1.49
C LEU G 211 -20.33 39.74 1.29
N ASN G 212 -19.38 39.65 0.36
CA ASN G 212 -18.77 38.35 0.07
C ASN G 212 -17.55 38.09 0.95
N VAL G 213 -16.95 36.89 0.81
CA VAL G 213 -15.78 36.55 1.62
C VAL G 213 -14.63 37.56 1.44
N ASP G 214 -14.39 38.06 0.21
N ASP G 214 -14.39 38.07 0.20
CA ASP G 214 -13.33 39.03 -0.03
CA ASP G 214 -13.34 39.07 -0.07
C ASP G 214 -13.57 40.35 0.72
C ASP G 214 -13.59 40.32 0.78
N GLY G 215 -14.83 40.81 0.75
CA GLY G 215 -15.20 42.03 1.46
C GLY G 215 -15.09 41.85 2.96
N THR G 216 -15.53 40.68 3.46
CA THR G 216 -15.48 40.36 4.90
C THR G 216 -14.03 40.35 5.36
N ILE G 217 -13.17 39.56 4.70
CA ILE G 217 -11.75 39.47 5.07
C ILE G 217 -11.06 40.85 4.94
N GLY G 218 -11.28 41.58 3.83
CA GLY G 218 -10.68 42.88 3.61
C GLY G 218 -11.01 43.85 4.74
N CYS G 219 -12.28 43.90 5.14
CA CYS G 219 -12.70 44.78 6.24
C CYS G 219 -12.06 44.39 7.55
N ILE G 220 -12.07 43.08 7.87
CA ILE G 220 -11.47 42.60 9.11
C ILE G 220 -9.98 42.97 9.14
N LEU G 221 -9.27 42.75 8.02
CA LEU G 221 -7.84 43.03 7.99
C LEU G 221 -7.54 44.51 8.13
N MET G 222 -8.38 45.39 7.55
CA MET G 222 -8.20 46.84 7.71
C MET G 222 -8.46 47.20 9.16
N ASP G 223 -9.49 46.59 9.78
CA ASP G 223 -9.83 46.89 11.18
C ASP G 223 -8.73 46.42 12.13
N LEU G 224 -7.97 45.37 11.74
CA LEU G 224 -6.83 44.85 12.51
C LEU G 224 -5.58 45.71 12.27
N ASP G 225 -5.66 46.66 11.32
CA ASP G 225 -4.54 47.53 10.92
C ASP G 225 -3.34 46.71 10.43
N PHE G 226 -3.63 45.62 9.71
CA PHE G 226 -2.57 44.81 9.09
C PHE G 226 -1.94 45.58 7.91
N PRO G 227 -0.70 45.25 7.47
CA PRO G 227 -0.10 46.03 6.36
C PRO G 227 -0.97 45.96 5.12
N VAL G 228 -1.19 47.10 4.46
CA VAL G 228 -2.07 47.15 3.29
C VAL G 228 -1.60 46.16 2.20
N HIS G 229 -0.28 46.04 2.01
CA HIS G 229 0.28 45.13 0.98
C HIS G 229 0.04 43.63 1.31
N SER G 230 -0.28 43.33 2.58
CA SER G 230 -0.52 41.94 2.96
C SER G 230 -1.91 41.37 2.66
N LEU G 231 -2.88 42.26 2.42
CA LEU G 231 -4.28 41.87 2.40
C LEU G 231 -4.61 40.68 1.51
N ASN G 232 -4.11 40.63 0.26
CA ASN G 232 -4.48 39.51 -0.61
C ASN G 232 -3.79 38.18 -0.23
N GLY G 233 -2.77 38.25 0.63
CA GLY G 233 -2.03 37.07 1.04
C GLY G 233 -2.90 36.01 1.67
N PHE G 234 -3.89 36.45 2.47
CA PHE G 234 -4.72 35.50 3.21
C PHE G 234 -5.49 34.56 2.30
N PHE G 235 -6.12 35.11 1.24
CA PHE G 235 -6.86 34.25 0.30
C PHE G 235 -5.87 33.44 -0.55
N VAL G 236 -4.77 34.08 -1.02
CA VAL G 236 -3.79 33.34 -1.83
C VAL G 236 -3.27 32.12 -1.07
N LEU G 237 -2.84 32.32 0.20
CA LEU G 237 -2.31 31.20 0.95
C LEU G 237 -3.41 30.15 1.24
N ALA G 238 -4.59 30.61 1.72
CA ALA G 238 -5.64 29.67 2.10
C ALA G 238 -6.06 28.83 0.91
N ARG G 239 -6.28 29.48 -0.25
CA ARG G 239 -6.78 28.73 -1.40
C ARG G 239 -5.74 27.81 -2.02
N THR G 240 -4.44 28.05 -1.68
CA THR G 240 -3.39 27.14 -2.13
C THR G 240 -3.63 25.77 -1.46
N ILE G 241 -4.20 25.74 -0.22
CA ILE G 241 -4.51 24.46 0.43
C ILE G 241 -5.50 23.69 -0.46
N GLY G 242 -6.59 24.35 -0.86
CA GLY G 242 -7.60 23.72 -1.70
C GLY G 242 -7.06 23.33 -3.09
N MET G 243 -6.26 24.22 -3.70
CA MET G 243 -5.72 23.93 -5.05
C MET G 243 -4.78 22.72 -5.03
N ILE G 244 -3.95 22.61 -3.97
CA ILE G 244 -3.11 21.41 -3.81
C ILE G 244 -4.04 20.18 -3.66
N GLY G 245 -5.06 20.30 -2.82
CA GLY G 245 -6.02 19.22 -2.61
C GLY G 245 -6.67 18.73 -3.91
N HIS G 246 -7.08 19.68 -4.79
CA HIS G 246 -7.68 19.30 -6.07
C HIS G 246 -6.67 18.60 -6.98
N TRP G 247 -5.41 19.08 -6.98
CA TRP G 247 -4.37 18.44 -7.78
C TRP G 247 -4.19 16.98 -7.30
N ILE G 248 -4.10 16.78 -5.97
CA ILE G 248 -3.89 15.43 -5.42
C ILE G 248 -5.08 14.54 -5.81
N ASP G 249 -6.30 15.07 -5.66
CA ASP G 249 -7.55 14.37 -5.94
C ASP G 249 -7.57 13.87 -7.38
N GLN G 250 -7.26 14.77 -8.35
CA GLN G 250 -7.25 14.38 -9.75
C GLN G 250 -6.16 13.34 -10.03
N ASN G 251 -4.98 13.49 -9.39
CA ASN G 251 -3.91 12.51 -9.58
C ASN G 251 -4.27 11.15 -8.97
N ASN G 252 -4.94 11.13 -7.79
CA ASN G 252 -5.38 9.86 -7.19
C ASN G 252 -6.35 9.11 -8.13
N GLN G 253 -7.19 9.88 -8.85
CA GLN G 253 -8.19 9.33 -9.78
C GLN G 253 -7.60 9.01 -11.16
N ASN G 254 -6.32 9.38 -11.40
CA ASN G 254 -5.66 9.21 -12.72
C ASN G 254 -6.50 9.90 -13.81
N SER G 255 -7.08 11.08 -13.48
CA SER G 255 -7.95 11.80 -14.42
C SER G 255 -7.23 12.09 -15.73
N ARG G 256 -7.96 12.01 -16.82
CA ARG G 256 -7.43 12.22 -18.17
C ARG G 256 -7.49 13.68 -18.57
N LEU G 257 -6.76 14.04 -19.66
CA LEU G 257 -6.74 15.37 -20.21
C LEU G 257 -8.17 15.90 -20.44
N ILE G 258 -8.42 17.16 -20.05
CA ILE G 258 -9.72 17.77 -20.26
C ILE G 258 -9.75 18.49 -21.60
N ARG G 259 -10.86 18.31 -22.34
CA ARG G 259 -11.17 19.06 -23.54
C ARG G 259 -12.59 19.58 -23.27
N LEU G 260 -12.82 20.91 -23.18
CA LEU G 260 -14.15 21.44 -22.88
C LEU G 260 -15.15 20.93 -23.89
N TYR G 261 -16.31 20.40 -23.43
CA TYR G 261 -17.27 19.82 -24.36
C TYR G 261 -17.78 20.86 -25.33
N ASP G 262 -17.91 20.50 -26.62
CA ASP G 262 -18.37 21.45 -27.65
C ASP G 262 -19.71 22.11 -27.32
N TYR G 263 -20.65 21.38 -26.67
CA TYR G 263 -21.93 22.00 -26.30
C TYR G 263 -21.82 23.10 -25.23
N LEU G 264 -20.65 23.22 -24.57
CA LEU G 264 -20.43 24.26 -23.57
C LEU G 264 -19.85 25.53 -24.22
N ILE G 265 -19.63 25.51 -25.55
CA ILE G 265 -19.02 26.63 -26.28
C ILE G 265 -19.99 27.18 -27.31
N ASN G 266 -20.13 28.51 -27.31
CA ASN G 266 -20.93 29.20 -28.32
C ASN G 266 -19.93 29.63 -29.39
N TYR G 267 -19.86 28.88 -30.49
CA TYR G 267 -18.91 29.17 -31.56
C TYR G 267 -19.46 30.29 -32.47
N ALA G 268 -19.29 31.54 -32.06
CA ALA G 268 -19.74 32.68 -32.87
C ALA G 268 -18.56 33.09 -33.81
N VAL G 269 -18.08 32.11 -34.59
CA VAL G 269 -16.90 32.24 -35.46
C VAL G 269 -17.26 32.68 -36.86
N LYS G 270 -16.28 33.22 -37.60
CA LYS G 270 -16.54 33.62 -39.00
C LYS G 270 -16.84 32.40 -39.88
N PRO G 271 -17.72 32.54 -40.89
CA PRO G 271 -17.96 31.39 -41.78
C PRO G 271 -16.65 30.94 -42.42
N GLU G 272 -16.56 29.65 -42.77
CA GLU G 272 -15.40 29.14 -43.50
C GLU G 272 -15.30 29.88 -44.83
N GLN G 273 -14.10 30.35 -45.14
N GLN G 273 -14.10 30.34 -45.15
CA GLN G 273 -13.90 31.11 -46.37
CA GLN G 273 -13.88 31.09 -46.37
C GLN G 273 -12.54 30.84 -46.99
C GLN G 273 -12.56 30.75 -47.02
N GLU G 274 -12.48 30.98 -48.34
CA GLU G 274 -11.27 30.76 -49.13
C GLU G 274 -10.28 31.86 -48.80
N VAL G 275 -9.00 31.51 -48.78
CA VAL G 275 -7.91 32.46 -48.56
C VAL G 275 -7.71 33.23 -49.88
N PRO G 276 -7.77 34.58 -49.87
CA PRO G 276 -7.54 35.31 -51.14
C PRO G 276 -6.07 35.31 -51.56
N GLU G 277 -5.80 35.50 -52.86
CA GLU G 277 -4.43 35.58 -53.35
C GLU G 277 -3.78 36.86 -52.81
N LYS G 278 -2.45 36.83 -52.57
CA LYS G 278 -1.67 37.98 -52.10
C LYS G 278 -1.59 39.06 -53.18
N GLU H 23 -3.27 -51.13 -6.26
CA GLU H 23 -4.36 -50.63 -5.43
C GLU H 23 -4.19 -49.13 -5.15
N PRO H 24 -5.24 -48.30 -5.39
CA PRO H 24 -5.10 -46.84 -5.14
C PRO H 24 -4.96 -46.50 -3.66
N LEU H 25 -4.23 -45.41 -3.38
CA LEU H 25 -4.06 -44.90 -2.02
C LEU H 25 -5.30 -44.11 -1.62
N ILE H 26 -5.89 -43.38 -2.58
CA ILE H 26 -7.07 -42.55 -2.34
C ILE H 26 -8.10 -42.65 -3.45
N ARG H 27 -9.36 -42.40 -3.10
CA ARG H 27 -10.48 -42.39 -4.06
C ARG H 27 -11.08 -40.99 -3.95
N THR H 28 -11.24 -40.31 -5.10
CA THR H 28 -11.78 -38.93 -5.12
C THR H 28 -12.98 -38.90 -6.06
N THR H 29 -13.98 -38.07 -5.73
CA THR H 29 -15.17 -38.02 -6.59
C THR H 29 -15.51 -36.61 -7.06
N ILE H 30 -14.82 -35.58 -6.52
CA ILE H 30 -15.28 -34.21 -6.78
C ILE H 30 -14.63 -33.46 -7.94
N SER H 31 -13.37 -33.75 -8.24
CA SER H 31 -12.69 -32.98 -9.28
C SER H 31 -11.71 -33.82 -10.06
N ASP H 32 -11.49 -33.40 -11.30
CA ASP H 32 -10.57 -34.10 -12.17
C ASP H 32 -9.66 -33.04 -12.79
N ASP H 33 -8.38 -33.13 -12.46
CA ASP H 33 -7.35 -32.20 -12.93
C ASP H 33 -6.55 -32.76 -14.13
N ARG H 34 -6.87 -34.00 -14.57
CA ARG H 34 -6.06 -34.68 -15.59
C ARG H 34 -6.09 -34.02 -16.97
N GLY H 35 -7.21 -33.39 -17.30
CA GLY H 35 -7.38 -32.74 -18.61
C GLY H 35 -6.70 -31.39 -18.72
N GLU H 36 -7.12 -30.58 -19.71
CA GLU H 36 -6.49 -29.27 -19.93
C GLU H 36 -6.74 -28.29 -18.79
N GLU H 37 -7.84 -28.47 -18.08
CA GLU H 37 -8.19 -27.68 -16.91
C GLU H 37 -9.05 -28.55 -16.00
N PRO H 38 -9.20 -28.16 -14.72
CA PRO H 38 -10.01 -28.98 -13.83
C PRO H 38 -11.47 -28.97 -14.18
N ARG H 39 -12.08 -30.11 -13.91
CA ARG H 39 -13.51 -30.33 -14.02
C ARG H 39 -14.01 -30.42 -12.57
N TYR H 40 -14.96 -29.54 -12.21
CA TYR H 40 -15.56 -29.54 -10.89
C TYR H 40 -16.93 -30.25 -11.04
N ALA H 41 -17.05 -31.48 -10.48
CA ALA H 41 -18.28 -32.28 -10.60
C ALA H 41 -18.71 -32.40 -12.11
N GLY H 42 -17.71 -32.55 -12.97
CA GLY H 42 -17.89 -32.71 -14.41
C GLY H 42 -17.90 -31.45 -15.26
N TYR H 43 -17.91 -30.25 -14.64
CA TYR H 43 -17.95 -28.98 -15.39
C TYR H 43 -16.60 -28.30 -15.48
N ALA H 44 -16.24 -27.81 -16.70
CA ALA H 44 -14.94 -27.15 -16.87
C ALA H 44 -14.91 -25.78 -16.18
N ALA H 45 -13.87 -25.56 -15.37
CA ALA H 45 -13.74 -24.30 -14.62
C ALA H 45 -13.89 -23.04 -15.51
N SER H 46 -13.15 -22.97 -16.63
CA SER H 46 -13.22 -21.79 -17.51
C SER H 46 -14.58 -21.61 -18.20
N GLU H 47 -15.33 -22.72 -18.40
N GLU H 47 -15.32 -22.73 -18.42
CA GLU H 47 -16.64 -22.66 -19.03
CA GLU H 47 -16.65 -22.69 -19.03
C GLU H 47 -17.66 -22.09 -18.03
C GLU H 47 -17.65 -22.07 -18.04
N LEU H 48 -17.46 -22.36 -16.72
CA LEU H 48 -18.31 -21.78 -15.67
C LEU H 48 -18.03 -20.25 -15.65
N CYS H 49 -16.74 -19.83 -15.78
CA CYS H 49 -16.37 -18.42 -15.82
C CYS H 49 -17.02 -17.74 -17.04
N SER H 50 -16.81 -18.35 -18.23
CA SER H 50 -17.29 -17.83 -19.52
C SER H 50 -18.78 -17.58 -19.54
N LYS H 51 -19.56 -18.49 -18.91
CA LYS H 51 -21.03 -18.45 -18.95
C LYS H 51 -21.66 -17.65 -17.80
N GLY H 52 -20.83 -16.90 -17.05
CA GLY H 52 -21.30 -15.98 -16.03
C GLY H 52 -21.59 -16.54 -14.66
N TYR H 53 -21.10 -17.76 -14.38
CA TYR H 53 -21.29 -18.36 -13.05
C TYR H 53 -20.28 -17.71 -12.07
N GLY H 54 -20.47 -17.98 -10.79
CA GLY H 54 -19.65 -17.33 -9.77
C GLY H 54 -18.96 -18.27 -8.81
N ILE H 55 -18.30 -17.66 -7.80
CA ILE H 55 -17.62 -18.40 -6.75
C ILE H 55 -18.62 -19.33 -6.05
N GLU H 56 -19.86 -18.82 -5.80
CA GLU H 56 -20.90 -19.60 -5.13
C GLU H 56 -21.27 -20.87 -5.90
N ASP H 57 -21.18 -20.81 -7.26
CA ASP H 57 -21.50 -21.98 -8.09
C ASP H 57 -20.38 -23.02 -7.98
N VAL H 58 -19.10 -22.56 -7.91
CA VAL H 58 -17.96 -23.46 -7.71
C VAL H 58 -18.05 -24.14 -6.33
N ILE H 59 -18.47 -23.38 -5.29
CA ILE H 59 -18.71 -23.94 -3.94
C ILE H 59 -19.75 -25.07 -4.02
N GLY H 60 -20.89 -24.80 -4.68
CA GLY H 60 -21.92 -25.82 -4.80
C GLY H 60 -21.41 -27.06 -5.50
N LEU H 61 -20.66 -26.89 -6.60
CA LEU H 61 -20.12 -28.02 -7.34
C LEU H 61 -19.14 -28.86 -6.51
N LEU H 62 -18.18 -28.20 -5.85
CA LEU H 62 -17.16 -28.95 -5.13
C LEU H 62 -17.65 -29.55 -3.81
N TRP H 63 -18.69 -28.96 -3.18
CA TRP H 63 -19.16 -29.48 -1.90
C TRP H 63 -20.44 -30.31 -2.03
N ASN H 64 -21.23 -30.10 -3.09
CA ASN H 64 -22.51 -30.80 -3.29
C ASN H 64 -22.54 -31.65 -4.58
N LYS H 65 -21.53 -31.49 -5.46
CA LYS H 65 -21.43 -32.20 -6.74
C LYS H 65 -22.64 -31.94 -7.66
N LYS H 66 -23.22 -30.73 -7.51
CA LYS H 66 -24.39 -30.32 -8.31
C LYS H 66 -24.27 -28.83 -8.61
N LEU H 67 -24.65 -28.41 -9.82
CA LEU H 67 -24.65 -26.99 -10.19
C LEU H 67 -25.82 -26.38 -9.45
N PRO H 68 -25.58 -25.39 -8.54
CA PRO H 68 -26.71 -24.82 -7.82
C PRO H 68 -27.78 -24.23 -8.72
N THR H 69 -29.03 -24.30 -8.26
CA THR H 69 -30.10 -23.59 -8.93
C THR H 69 -29.84 -22.09 -8.63
N ARG H 70 -30.52 -21.17 -9.34
CA ARG H 70 -30.31 -19.75 -9.03
C ARG H 70 -30.69 -19.42 -7.58
N GLU H 71 -31.77 -20.03 -7.05
CA GLU H 71 -32.16 -19.82 -5.65
C GLU H 71 -31.04 -20.24 -4.69
N GLU H 72 -30.50 -21.47 -4.87
CA GLU H 72 -29.42 -21.99 -4.02
C GLU H 72 -28.17 -21.10 -4.15
N SER H 73 -27.86 -20.69 -5.39
CA SER H 73 -26.68 -19.87 -5.66
C SER H 73 -26.71 -18.53 -4.89
N GLU H 74 -27.87 -17.87 -4.91
CA GLU H 74 -28.11 -16.60 -4.21
C GLU H 74 -27.98 -16.75 -2.68
N ILE H 75 -28.44 -17.90 -2.15
CA ILE H 75 -28.34 -18.18 -0.71
C ILE H 75 -26.88 -18.41 -0.33
N ILE H 76 -26.17 -19.28 -1.09
CA ILE H 76 -24.74 -19.54 -0.82
C ILE H 76 -23.94 -18.21 -0.79
N LYS H 77 -24.15 -17.37 -1.82
CA LYS H 77 -23.45 -16.09 -1.93
C LYS H 77 -23.67 -15.26 -0.66
N ARG H 78 -24.92 -15.14 -0.22
CA ARG H 78 -25.24 -14.34 0.97
C ARG H 78 -24.68 -14.94 2.27
N ILE H 79 -24.72 -16.26 2.44
CA ILE H 79 -24.15 -16.87 3.64
C ILE H 79 -22.65 -16.49 3.75
N VAL H 80 -21.94 -16.60 2.63
CA VAL H 80 -20.50 -16.32 2.64
C VAL H 80 -20.25 -14.82 2.91
N MET H 81 -20.98 -13.95 2.21
CA MET H 81 -20.79 -12.50 2.40
C MET H 81 -21.07 -12.06 3.83
N ILE H 82 -22.18 -12.56 4.39
CA ILE H 82 -22.61 -12.19 5.74
C ILE H 82 -21.62 -12.66 6.81
N SER H 83 -20.98 -13.83 6.59
CA SER H 83 -20.10 -14.45 7.57
C SER H 83 -18.62 -14.11 7.40
N ALA H 84 -18.25 -13.34 6.36
CA ALA H 84 -16.85 -13.13 5.99
C ALA H 84 -15.96 -12.61 7.12
N ASP H 85 -16.44 -11.66 7.91
CA ASP H 85 -15.65 -11.16 9.03
C ASP H 85 -16.51 -10.62 10.15
N HIS H 86 -16.02 -10.76 11.38
CA HIS H 86 -16.74 -10.22 12.53
C HIS H 86 -15.79 -9.58 13.51
N GLY H 87 -14.83 -8.84 12.95
CA GLY H 87 -13.89 -8.09 13.76
C GLY H 87 -12.73 -8.91 14.31
N PRO H 88 -11.78 -8.20 14.94
CA PRO H 88 -10.54 -8.86 15.39
C PRO H 88 -10.58 -9.54 16.75
N ALA H 89 -11.69 -9.34 17.47
CA ALA H 89 -11.79 -9.82 18.85
C ALA H 89 -12.09 -11.31 18.97
N VAL H 90 -12.65 -11.91 17.90
CA VAL H 90 -13.08 -13.32 17.91
C VAL H 90 -11.86 -14.25 17.68
N SER H 91 -11.93 -15.47 18.23
CA SER H 91 -10.78 -16.41 18.26
C SER H 91 -10.05 -16.60 16.94
N GLY H 92 -10.80 -16.76 15.84
CA GLY H 92 -10.16 -17.02 14.56
C GLY H 92 -9.37 -15.82 14.06
N ALA H 93 -9.98 -14.62 14.15
CA ALA H 93 -9.28 -13.41 13.69
C ALA H 93 -8.10 -13.15 14.62
N PHE H 94 -8.30 -13.29 15.94
CA PHE H 94 -7.22 -13.04 16.87
C PHE H 94 -6.05 -14.04 16.68
N GLY H 95 -6.34 -15.29 16.37
CA GLY H 95 -5.30 -16.28 16.08
C GLY H 95 -4.49 -15.86 14.85
N SER H 96 -5.17 -15.40 13.80
N SER H 96 -5.18 -15.40 13.78
CA SER H 96 -4.50 -14.96 12.57
CA SER H 96 -4.50 -14.94 12.54
C SER H 96 -3.64 -13.70 12.86
C SER H 96 -3.63 -13.72 12.87
N ILE H 97 -4.17 -12.80 13.69
CA ILE H 97 -3.45 -11.57 14.08
C ILE H 97 -2.21 -11.93 14.90
N LEU H 98 -2.34 -12.86 15.87
CA LEU H 98 -1.18 -13.28 16.68
C LEU H 98 -0.07 -13.79 15.78
N ALA H 99 -0.42 -14.65 14.80
CA ALA H 99 0.61 -15.18 13.90
C ALA H 99 1.16 -14.09 12.98
N ALA H 100 0.29 -13.17 12.49
CA ALA H 100 0.76 -12.07 11.64
C ALA H 100 1.80 -11.24 12.43
N CYS H 101 1.49 -10.94 13.72
CA CYS H 101 2.37 -10.15 14.57
C CYS H 101 3.64 -10.89 14.92
N ALA H 102 3.61 -12.24 14.85
CA ALA H 102 4.80 -13.07 15.08
C ALA H 102 5.64 -13.20 13.78
N GLY H 103 5.22 -12.52 12.71
CA GLY H 103 5.93 -12.49 11.44
C GLY H 103 5.78 -13.73 10.60
N ILE H 104 4.71 -14.52 10.88
CA ILE H 104 4.47 -15.75 10.13
C ILE H 104 3.80 -15.43 8.79
N ASP H 105 4.17 -16.19 7.73
CA ASP H 105 3.61 -16.00 6.41
C ASP H 105 2.10 -16.22 6.42
N MET H 106 1.41 -15.58 5.45
CA MET H 106 -0.05 -15.62 5.40
C MET H 106 -0.69 -17.00 5.50
N PRO H 107 -0.35 -18.00 4.65
CA PRO H 107 -1.12 -19.26 4.71
C PRO H 107 -1.01 -19.94 6.07
N GLN H 108 0.20 -19.94 6.64
CA GLN H 108 0.40 -20.57 7.95
C GLN H 108 -0.29 -19.79 9.05
N ALA H 109 -0.28 -18.44 8.95
CA ALA H 109 -0.95 -17.61 9.98
C ALA H 109 -2.47 -17.85 9.91
N VAL H 110 -3.02 -17.86 8.70
CA VAL H 110 -4.48 -18.08 8.58
C VAL H 110 -4.81 -19.49 9.06
N SER H 111 -3.91 -20.48 8.83
CA SER H 111 -4.17 -21.86 9.31
C SER H 111 -4.29 -21.88 10.85
N ALA H 112 -3.51 -21.03 11.57
CA ALA H 112 -3.61 -20.96 13.03
C ALA H 112 -4.98 -20.37 13.44
N GLY H 113 -5.45 -19.36 12.71
CA GLY H 113 -6.78 -18.81 13.02
C GLY H 113 -7.88 -19.83 12.71
N MET H 114 -7.72 -20.56 11.57
CA MET H 114 -8.71 -21.55 11.17
C MET H 114 -8.82 -22.67 12.21
N THR H 115 -7.68 -23.01 12.85
CA THR H 115 -7.68 -24.05 13.89
C THR H 115 -8.62 -23.69 15.07
N MET H 116 -8.94 -22.38 15.24
CA MET H 116 -9.82 -21.97 16.34
C MET H 116 -11.29 -22.29 16.05
N ILE H 117 -11.63 -22.55 14.76
CA ILE H 117 -13.03 -22.79 14.37
C ILE H 117 -13.42 -24.17 14.83
N GLY H 118 -14.45 -24.22 15.66
CA GLY H 118 -14.85 -25.46 16.30
C GLY H 118 -16.16 -25.32 17.02
N PRO H 119 -16.36 -26.13 18.07
CA PRO H 119 -17.65 -26.12 18.76
C PRO H 119 -18.06 -24.79 19.39
N ARG H 120 -17.09 -23.98 19.78
CA ARG H 120 -17.37 -22.72 20.50
C ARG H 120 -17.32 -21.49 19.64
N PHE H 121 -16.67 -21.59 18.50
CA PHE H 121 -16.53 -20.43 17.64
C PHE H 121 -16.64 -20.89 16.19
N GLY H 122 -17.71 -20.46 15.54
CA GLY H 122 -17.92 -20.68 14.12
C GLY H 122 -18.19 -22.07 13.57
N GLY H 123 -17.75 -23.09 14.29
CA GLY H 123 -17.88 -24.48 13.81
C GLY H 123 -19.00 -25.28 14.44
N ALA H 124 -20.11 -24.61 14.80
CA ALA H 124 -21.29 -25.29 15.35
C ALA H 124 -22.36 -25.42 14.23
N VAL H 125 -22.02 -25.06 12.98
CA VAL H 125 -23.00 -25.10 11.88
C VAL H 125 -23.51 -26.52 11.67
N THR H 126 -22.57 -27.50 11.54
CA THR H 126 -22.94 -28.88 11.26
C THR H 126 -23.81 -29.45 12.35
N ASN H 127 -23.38 -29.32 13.62
CA ASN H 127 -24.15 -29.87 14.73
C ASN H 127 -25.49 -29.16 14.92
N ALA H 128 -25.56 -27.83 14.68
CA ALA H 128 -26.86 -27.13 14.81
C ALA H 128 -27.84 -27.69 13.76
N GLY H 129 -27.37 -27.86 12.52
CA GLY H 129 -28.20 -28.45 11.48
C GLY H 129 -28.69 -29.84 11.84
N LYS H 130 -27.75 -30.70 12.33
CA LYS H 130 -28.06 -32.07 12.72
C LYS H 130 -29.15 -32.13 13.80
N TYR H 131 -28.96 -31.38 14.90
CA TYR H 131 -29.89 -31.42 16.03
C TYR H 131 -31.23 -30.76 15.75
N PHE H 132 -31.23 -29.61 15.01
CA PHE H 132 -32.54 -28.99 14.68
C PHE H 132 -33.34 -29.87 13.72
N LYS H 133 -32.64 -30.58 12.80
CA LYS H 133 -33.32 -31.50 11.86
C LYS H 133 -33.98 -32.64 12.66
N MET H 134 -33.23 -33.26 13.58
CA MET H 134 -33.79 -34.32 14.41
C MET H 134 -34.94 -33.84 15.24
N ALA H 135 -34.83 -32.61 15.80
CA ALA H 135 -35.89 -32.05 16.67
C ALA H 135 -37.20 -31.90 15.92
N VAL H 136 -37.15 -31.48 14.65
CA VAL H 136 -38.36 -31.37 13.80
C VAL H 136 -39.06 -32.75 13.76
N GLU H 137 -38.31 -33.83 13.65
CA GLU H 137 -38.92 -35.16 13.59
C GLU H 137 -39.27 -35.74 14.97
N ASP H 138 -38.38 -35.60 15.94
CA ASP H 138 -38.49 -36.21 17.27
C ASP H 138 -39.28 -35.42 18.31
N TYR H 139 -39.28 -34.08 18.22
CA TYR H 139 -39.97 -33.21 19.17
C TYR H 139 -40.79 -32.15 18.40
N PRO H 140 -41.60 -32.52 17.35
CA PRO H 140 -42.32 -31.50 16.57
C PRO H 140 -43.16 -30.50 17.36
N ASN H 141 -43.86 -30.95 18.40
CA ASN H 141 -44.70 -30.07 19.21
C ASN H 141 -44.22 -30.06 20.66
N ASP H 142 -42.90 -30.22 20.85
CA ASP H 142 -42.33 -30.29 22.20
C ASP H 142 -40.94 -29.67 22.28
N ILE H 143 -40.85 -28.34 22.14
CA ILE H 143 -39.58 -27.60 22.29
C ILE H 143 -38.97 -27.86 23.69
N PRO H 144 -39.74 -27.79 24.82
CA PRO H 144 -39.13 -28.10 26.13
C PRO H 144 -38.52 -29.50 26.19
N GLY H 145 -39.15 -30.50 25.57
CA GLY H 145 -38.63 -31.86 25.52
C GLY H 145 -37.31 -31.93 24.77
N PHE H 146 -37.21 -31.19 23.66
CA PHE H 146 -35.97 -31.09 22.88
C PHE H 146 -34.86 -30.45 23.73
N LEU H 147 -35.17 -29.31 24.37
CA LEU H 147 -34.20 -28.59 25.22
C LEU H 147 -33.74 -29.44 26.40
N SER H 148 -34.66 -30.22 26.99
CA SER H 148 -34.31 -31.13 28.09
C SER H 148 -33.39 -32.25 27.59
N TRP H 149 -33.69 -32.85 26.42
CA TRP H 149 -32.88 -33.92 25.82
C TRP H 149 -31.47 -33.39 25.56
N MET H 150 -31.36 -32.18 24.99
CA MET H 150 -30.06 -31.56 24.69
C MET H 150 -29.25 -31.32 25.96
N LYS H 151 -29.89 -30.75 27.00
CA LYS H 151 -29.24 -30.46 28.29
C LYS H 151 -28.63 -31.74 28.91
N LYS H 152 -29.39 -32.84 28.85
CA LYS H 152 -28.99 -34.13 29.38
C LYS H 152 -27.93 -34.87 28.55
N ASN H 153 -28.06 -34.86 27.21
CA ASN H 153 -27.22 -35.66 26.30
C ASN H 153 -26.09 -34.95 25.57
N VAL H 154 -26.18 -33.62 25.39
CA VAL H 154 -25.21 -32.88 24.59
C VAL H 154 -24.52 -31.75 25.40
N GLY H 155 -25.33 -30.99 26.13
CA GLY H 155 -24.88 -29.81 26.87
C GLY H 155 -25.49 -28.58 26.21
N PRO H 156 -24.72 -27.50 25.95
CA PRO H 156 -25.33 -26.32 25.27
C PRO H 156 -25.87 -26.67 23.88
N VAL H 157 -26.94 -26.02 23.48
CA VAL H 157 -27.57 -26.29 22.18
C VAL H 157 -26.72 -25.64 21.07
N PRO H 158 -26.12 -26.43 20.14
CA PRO H 158 -25.38 -25.78 19.03
C PRO H 158 -26.30 -24.85 18.25
N GLY H 159 -25.79 -23.67 17.94
CA GLY H 159 -26.58 -22.68 17.22
C GLY H 159 -27.37 -21.72 18.08
N ILE H 160 -27.32 -21.91 19.42
CA ILE H 160 -28.01 -21.03 20.38
C ILE H 160 -26.93 -20.39 21.29
N GLY H 161 -27.04 -19.07 21.48
CA GLY H 161 -26.14 -18.31 22.34
C GLY H 161 -25.11 -17.48 21.62
N HIS H 162 -24.72 -16.37 22.25
CA HIS H 162 -23.69 -15.48 21.74
C HIS H 162 -23.07 -14.71 22.88
N ARG H 163 -21.79 -14.34 22.72
CA ARG H 163 -21.10 -13.60 23.79
C ARG H 163 -21.56 -12.13 23.88
N VAL H 164 -21.87 -11.50 22.71
CA VAL H 164 -22.23 -10.08 22.69
C VAL H 164 -23.64 -9.82 22.12
N LYS H 165 -24.07 -10.63 21.13
CA LYS H 165 -25.42 -10.44 20.55
C LYS H 165 -26.47 -10.98 21.50
N SER H 166 -27.65 -10.33 21.51
CA SER H 166 -28.73 -10.67 22.45
C SER H 166 -30.05 -10.11 21.94
N VAL H 167 -31.12 -10.25 22.74
CA VAL H 167 -32.41 -9.65 22.39
C VAL H 167 -32.26 -8.12 22.32
N LYS H 168 -31.51 -7.55 23.29
CA LYS H 168 -31.23 -6.09 23.38
C LYS H 168 -30.25 -5.61 22.32
N ASN H 169 -29.32 -6.49 21.88
CA ASN H 169 -28.29 -6.18 20.88
C ASN H 169 -28.42 -7.22 19.74
N PRO H 170 -29.47 -7.14 18.89
CA PRO H 170 -29.69 -8.20 17.89
C PRO H 170 -28.61 -8.36 16.84
N ASP H 171 -28.52 -9.57 16.29
CA ASP H 171 -27.58 -9.85 15.24
C ASP H 171 -28.28 -9.62 13.91
N GLN H 172 -28.03 -8.46 13.28
CA GLN H 172 -28.63 -8.12 11.98
C GLN H 172 -28.19 -9.14 10.89
N ARG H 173 -27.07 -9.87 11.09
CA ARG H 173 -26.68 -10.91 10.11
C ARG H 173 -27.76 -12.00 10.09
N VAL H 174 -28.22 -12.42 11.29
CA VAL H 174 -29.27 -13.43 11.44
C VAL H 174 -30.60 -12.88 10.92
N LYS H 175 -30.98 -11.67 11.37
CA LYS H 175 -32.22 -11.03 10.93
C LYS H 175 -32.28 -10.92 9.40
N TYR H 176 -31.14 -10.57 8.77
CA TYR H 176 -31.10 -10.45 7.31
C TYR H 176 -31.28 -11.79 6.63
N LEU H 177 -30.50 -12.82 7.04
CA LEU H 177 -30.62 -14.12 6.40
C LEU H 177 -32.04 -14.70 6.52
N VAL H 178 -32.66 -14.59 7.71
CA VAL H 178 -34.02 -15.09 7.93
C VAL H 178 -35.00 -14.33 7.00
N SER H 179 -34.89 -12.98 6.96
CA SER H 179 -35.76 -12.15 6.11
C SER H 179 -35.57 -12.49 4.63
N TYR H 180 -34.33 -12.72 4.19
CA TYR H 180 -34.07 -13.08 2.79
C TYR H 180 -34.75 -14.42 2.45
N ILE H 181 -34.57 -15.44 3.31
CA ILE H 181 -35.19 -16.74 3.08
C ILE H 181 -36.73 -16.63 3.05
N LYS H 182 -37.30 -15.93 4.03
CA LYS H 182 -38.76 -15.81 4.18
C LYS H 182 -39.41 -14.94 3.12
N ASN H 183 -38.75 -13.84 2.72
CA ASN H 183 -39.38 -12.89 1.78
C ASN H 183 -38.89 -12.94 0.33
N GLU H 184 -37.70 -13.52 0.09
CA GLU H 184 -37.13 -13.51 -1.25
C GLU H 184 -36.92 -14.91 -1.87
N THR H 185 -37.41 -15.97 -1.20
CA THR H 185 -37.35 -17.33 -1.73
C THR H 185 -38.70 -18.02 -1.46
N SER H 186 -38.93 -19.17 -2.09
CA SER H 186 -40.12 -19.98 -1.84
C SER H 186 -39.74 -21.26 -1.09
N LEU H 187 -38.56 -21.25 -0.44
CA LEU H 187 -38.07 -22.41 0.29
C LEU H 187 -38.93 -22.76 1.52
N HIS H 188 -39.38 -24.03 1.64
CA HIS H 188 -40.07 -24.52 2.84
C HIS H 188 -38.92 -24.73 3.85
N THR H 189 -38.95 -24.07 5.01
CA THR H 189 -37.86 -24.12 5.99
C THR H 189 -38.28 -24.71 7.37
N PRO H 190 -38.60 -26.03 7.46
CA PRO H 190 -39.02 -26.57 8.76
C PRO H 190 -37.92 -26.47 9.83
N CYS H 191 -36.64 -26.66 9.50
CA CYS H 191 -35.55 -26.55 10.50
C CYS H 191 -35.43 -25.15 11.01
N LEU H 192 -35.36 -24.17 10.08
CA LEU H 192 -35.24 -22.76 10.46
C LEU H 192 -36.44 -22.33 11.29
N ASP H 193 -37.65 -22.70 10.86
CA ASP H 193 -38.87 -22.36 11.59
C ASP H 193 -38.82 -22.90 13.01
N TYR H 194 -38.37 -24.18 13.16
CA TYR H 194 -38.26 -24.81 14.48
C TYR H 194 -37.23 -24.05 15.35
N ALA H 195 -36.04 -23.73 14.80
CA ALA H 195 -35.00 -23.02 15.53
C ALA H 195 -35.52 -21.63 15.99
N LEU H 196 -36.32 -20.96 15.15
CA LEU H 196 -36.91 -19.66 15.51
C LEU H 196 -37.89 -19.80 16.67
N GLU H 197 -38.62 -20.93 16.73
CA GLU H 197 -39.52 -21.20 17.85
C GLU H 197 -38.70 -21.51 19.12
N VAL H 198 -37.57 -22.24 18.97
CA VAL H 198 -36.65 -22.54 20.08
C VAL H 198 -36.11 -21.23 20.67
N GLU H 199 -35.69 -20.30 19.79
CA GLU H 199 -35.15 -19.00 20.18
C GLU H 199 -36.15 -18.24 21.07
N LYS H 200 -37.46 -18.28 20.74
CA LYS H 200 -38.48 -17.61 21.55
C LYS H 200 -38.48 -18.14 22.99
N VAL H 201 -38.27 -19.46 23.16
CA VAL H 201 -38.22 -20.11 24.47
C VAL H 201 -36.91 -19.81 25.20
N THR H 202 -35.76 -20.00 24.53
CA THR H 202 -34.45 -19.78 25.16
C THR H 202 -34.22 -18.32 25.56
N THR H 203 -34.56 -17.35 24.68
CA THR H 203 -34.37 -15.92 24.98
C THR H 203 -35.25 -15.44 26.14
N ALA H 204 -36.39 -16.11 26.39
CA ALA H 204 -37.28 -15.77 27.50
C ALA H 204 -36.59 -16.04 28.84
N LYS H 205 -35.69 -17.05 28.90
CA LYS H 205 -34.95 -17.34 30.12
C LYS H 205 -33.66 -16.49 30.24
N LYS H 206 -32.92 -16.30 29.13
CA LYS H 206 -31.71 -15.48 29.11
C LYS H 206 -31.59 -14.79 27.75
N GLY H 207 -31.48 -13.46 27.77
CA GLY H 207 -31.40 -12.62 26.58
C GLY H 207 -30.32 -12.94 25.58
N ASN H 208 -29.19 -13.50 26.05
CA ASN H 208 -28.08 -13.87 25.16
C ASN H 208 -28.28 -15.22 24.44
N LEU H 209 -29.35 -15.99 24.76
CA LEU H 209 -29.58 -17.29 24.13
C LEU H 209 -30.32 -17.18 22.77
N ILE H 210 -29.78 -16.33 21.90
CA ILE H 210 -30.36 -16.07 20.58
C ILE H 210 -30.03 -17.19 19.62
N LEU H 211 -30.75 -17.22 18.47
CA LEU H 211 -30.38 -18.13 17.38
C LEU H 211 -29.17 -17.41 16.77
N ASN H 212 -27.98 -18.03 16.84
CA ASN H 212 -26.79 -17.37 16.35
C ASN H 212 -26.53 -17.64 14.85
N VAL H 213 -25.48 -17.03 14.29
CA VAL H 213 -25.19 -17.20 12.86
C VAL H 213 -24.97 -18.67 12.49
N ASP H 214 -24.30 -19.44 13.36
CA ASP H 214 -24.07 -20.86 13.06
C ASP H 214 -25.39 -21.63 13.00
N GLY H 215 -26.30 -21.34 13.93
CA GLY H 215 -27.60 -22.00 13.94
C GLY H 215 -28.45 -21.63 12.75
N THR H 216 -28.42 -20.35 12.37
CA THR H 216 -29.19 -19.85 11.23
C THR H 216 -28.70 -20.53 9.94
N ILE H 217 -27.38 -20.49 9.68
CA ILE H 217 -26.81 -21.10 8.49
C ILE H 217 -27.07 -22.62 8.47
N GLY H 218 -26.83 -23.29 9.60
CA GLY H 218 -27.05 -24.74 9.70
C GLY H 218 -28.46 -25.13 9.34
N CYS H 219 -29.46 -24.40 9.87
CA CYS H 219 -30.87 -24.68 9.56
C CYS H 219 -31.21 -24.48 8.11
N ILE H 220 -30.75 -23.34 7.55
CA ILE H 220 -31.01 -23.04 6.13
C ILE H 220 -30.44 -24.15 5.24
N LEU H 221 -29.20 -24.56 5.53
CA LEU H 221 -28.56 -25.59 4.70
C LEU H 221 -29.23 -26.97 4.82
N MET H 222 -29.79 -27.28 6.00
CA MET H 222 -30.55 -28.53 6.16
C MET H 222 -31.85 -28.42 5.35
N ASP H 223 -32.49 -27.24 5.40
CA ASP H 223 -33.73 -27.01 4.64
C ASP H 223 -33.49 -27.08 3.12
N LEU H 224 -32.27 -26.74 2.67
CA LEU H 224 -31.83 -26.81 1.27
C LEU H 224 -31.41 -28.25 0.90
N ASP H 225 -31.40 -29.16 1.88
CA ASP H 225 -30.98 -30.56 1.74
C ASP H 225 -29.51 -30.66 1.23
N PHE H 226 -28.66 -29.76 1.74
CA PHE H 226 -27.23 -29.80 1.44
C PHE H 226 -26.58 -30.95 2.25
N PRO H 227 -25.44 -31.50 1.79
CA PRO H 227 -24.81 -32.62 2.53
C PRO H 227 -24.46 -32.19 3.95
N VAL H 228 -24.82 -33.03 4.92
CA VAL H 228 -24.60 -32.75 6.33
C VAL H 228 -23.13 -32.40 6.62
N HIS H 229 -22.18 -33.15 6.00
CA HIS H 229 -20.75 -32.87 6.23
C HIS H 229 -20.29 -31.50 5.72
N SER H 230 -21.05 -30.89 4.80
CA SER H 230 -20.59 -29.60 4.24
C SER H 230 -20.84 -28.37 5.12
N LEU H 231 -21.77 -28.49 6.08
CA LEU H 231 -22.30 -27.34 6.80
C LEU H 231 -21.24 -26.41 7.36
N ASN H 232 -20.29 -26.96 8.12
CA ASN H 232 -19.22 -26.11 8.68
C ASN H 232 -18.39 -25.40 7.63
N GLY H 233 -18.33 -25.99 6.43
CA GLY H 233 -17.53 -25.42 5.34
C GLY H 233 -17.89 -23.98 5.02
N PHE H 234 -19.19 -23.65 5.16
CA PHE H 234 -19.65 -22.29 4.85
C PHE H 234 -18.99 -21.25 5.78
N PHE H 235 -18.85 -21.57 7.06
CA PHE H 235 -18.20 -20.63 7.97
C PHE H 235 -16.68 -20.69 7.78
N VAL H 236 -16.12 -21.90 7.61
CA VAL H 236 -14.66 -22.01 7.42
C VAL H 236 -14.20 -21.18 6.22
N LEU H 237 -14.88 -21.37 5.07
CA LEU H 237 -14.49 -20.60 3.89
C LEU H 237 -14.75 -19.08 4.07
N ALA H 238 -15.96 -18.72 4.52
CA ALA H 238 -16.29 -17.29 4.65
C ALA H 238 -15.29 -16.60 5.56
N ARG H 239 -15.05 -17.19 6.74
CA ARG H 239 -14.16 -16.51 7.71
C ARG H 239 -12.68 -16.49 7.27
N THR H 240 -12.32 -17.37 6.29
CA THR H 240 -10.96 -17.29 5.72
C THR H 240 -10.80 -15.93 5.03
N ILE H 241 -11.89 -15.37 4.45
CA ILE H 241 -11.78 -14.04 3.84
C ILE H 241 -11.33 -13.02 4.91
N GLY H 242 -12.03 -13.02 6.04
CA GLY H 242 -11.71 -12.11 7.13
C GLY H 242 -10.34 -12.35 7.73
N MET H 243 -9.96 -13.65 7.95
CA MET H 243 -8.65 -13.95 8.54
C MET H 243 -7.51 -13.50 7.65
N ILE H 244 -7.65 -13.70 6.30
CA ILE H 244 -6.64 -13.18 5.37
C ILE H 244 -6.62 -11.62 5.51
N GLY H 245 -7.79 -11.00 5.55
CA GLY H 245 -7.89 -9.54 5.69
C GLY H 245 -7.13 -9.03 6.92
N HIS H 246 -7.32 -9.72 8.08
CA HIS H 246 -6.62 -9.32 9.30
C HIS H 246 -5.11 -9.49 9.20
N TRP H 247 -4.67 -10.56 8.52
CA TRP H 247 -3.24 -10.79 8.32
C TRP H 247 -2.67 -9.63 7.47
N ILE H 248 -3.36 -9.28 6.39
CA ILE H 248 -2.89 -8.18 5.51
C ILE H 248 -2.83 -6.89 6.32
N ASP H 249 -3.90 -6.61 7.08
CA ASP H 249 -4.03 -5.39 7.89
C ASP H 249 -2.85 -5.23 8.85
N GLN H 250 -2.55 -6.30 9.60
CA GLN H 250 -1.44 -6.25 10.56
C GLN H 250 -0.11 -6.07 9.85
N ASN H 251 0.06 -6.73 8.68
CA ASN H 251 1.31 -6.57 7.92
C ASN H 251 1.45 -5.16 7.35
N ASN H 252 0.32 -4.57 6.87
CA ASN H 252 0.36 -3.18 6.35
C ASN H 252 0.80 -2.20 7.47
N GLN H 253 0.38 -2.47 8.71
CA GLN H 253 0.70 -1.65 9.88
C GLN H 253 2.07 -1.96 10.47
N ASN H 254 2.76 -3.01 9.97
CA ASN H 254 4.05 -3.47 10.51
C ASN H 254 3.90 -3.75 12.02
N SER H 255 2.76 -4.34 12.42
CA SER H 255 2.49 -4.59 13.84
C SER H 255 3.55 -5.48 14.45
N ARG H 256 3.89 -5.22 15.71
CA ARG H 256 4.95 -5.95 16.43
C ARG H 256 4.41 -7.17 17.14
N LEU H 257 5.30 -8.08 17.56
CA LEU H 257 4.94 -9.29 18.31
C LEU H 257 4.05 -8.96 19.51
N ILE H 258 2.98 -9.75 19.69
CA ILE H 258 2.06 -9.54 20.81
C ILE H 258 2.51 -10.33 22.02
N ARG H 259 2.39 -9.68 23.20
CA ARG H 259 2.54 -10.30 24.50
C ARG H 259 1.28 -9.89 25.28
N LEU H 260 0.45 -10.86 25.71
CA LEU H 260 -0.81 -10.52 26.42
C LEU H 260 -0.50 -9.74 27.68
N TYR H 261 -1.20 -8.62 27.91
CA TYR H 261 -0.92 -7.79 29.09
C TYR H 261 -1.16 -8.55 30.37
N ASP H 262 -0.27 -8.37 31.36
CA ASP H 262 -0.37 -9.07 32.63
C ASP H 262 -1.71 -8.88 33.33
N TYR H 263 -2.32 -7.69 33.24
CA TYR H 263 -3.62 -7.45 33.89
C TYR H 263 -4.79 -8.24 33.26
N LEU H 264 -4.57 -8.82 32.08
CA LEU H 264 -5.57 -9.63 31.40
C LEU H 264 -5.48 -11.10 31.85
N ILE H 265 -4.52 -11.42 32.74
CA ILE H 265 -4.29 -12.79 33.22
C ILE H 265 -4.48 -12.89 34.72
N ASN H 266 -5.25 -13.90 35.18
CA ASN H 266 -5.36 -14.20 36.60
C ASN H 266 -4.30 -15.28 36.86
N TYR H 267 -3.16 -14.88 37.43
CA TYR H 267 -2.07 -15.80 37.74
C TYR H 267 -2.34 -16.55 39.05
N ALA H 268 -3.12 -17.63 38.97
CA ALA H 268 -3.42 -18.45 40.16
C ALA H 268 -2.35 -19.57 40.26
N VAL H 269 -1.09 -19.15 40.33
CA VAL H 269 0.08 -20.03 40.30
C VAL H 269 0.53 -20.46 41.70
N LYS H 270 1.34 -21.54 41.78
CA LYS H 270 1.86 -21.99 43.07
C LYS H 270 2.89 -20.99 43.63
N PRO H 271 2.95 -20.77 44.95
CA PRO H 271 4.01 -19.87 45.47
C PRO H 271 5.38 -20.45 45.10
N GLU H 272 6.38 -19.58 44.95
CA GLU H 272 7.75 -20.00 44.64
C GLU H 272 8.30 -20.94 45.73
N GLN H 273 8.94 -22.02 45.30
CA GLN H 273 9.52 -23.03 46.20
C GLN H 273 10.88 -23.47 45.73
N GLU H 274 11.74 -23.88 46.68
CA GLU H 274 13.08 -24.39 46.38
C GLU H 274 12.96 -25.80 45.87
N VAL H 275 13.83 -26.17 44.92
CA VAL H 275 13.86 -27.52 44.37
C VAL H 275 14.51 -28.47 45.40
N PRO H 276 13.86 -29.58 45.78
CA PRO H 276 14.49 -30.50 46.74
C PRO H 276 15.61 -31.33 46.10
N GLU H 277 16.54 -31.84 46.94
CA GLU H 277 17.62 -32.69 46.44
C GLU H 277 17.01 -34.03 45.99
N LYS H 278 17.59 -34.68 44.96
CA LYS H 278 17.15 -35.98 44.45
C LYS H 278 17.42 -37.08 45.47
#